data_5N5S
#
_entry.id   5N5S
#
_cell.length_a   89.380
_cell.length_b   165.280
_cell.length_c   138.380
_cell.angle_alpha   90.00
_cell.angle_beta   90.00
_cell.angle_gamma   90.00
#
_symmetry.space_group_name_H-M   'P 21 21 2'
#
loop_
_entity.id
_entity.type
_entity.pdbx_description
1 polymer 'Aldehyde dehydrogenase 21 (ALDH21)'
2 non-polymer 'NADP NICOTINAMIDE-ADENINE-DINUCLEOTIDE PHOSPHATE'
3 non-polymer 1,2-ETHANEDIOL
4 water water
#
_entity_poly.entity_id   1
_entity_poly.type   'polypeptide(L)'
_entity_poly.pdbx_seq_one_letter_code
;MGSSHHHHHHSQDPNSSSMTLGHMVQKAKESSGDVTPKKYNIFLASKPVDGDRKWLDVTNKYTNDVAAKVPQATHKDIDD
AIDAAVAAAPAMAAMGAYERKAVLEKVVAELKNRFEEIAQTLTMESGKPIKDARGEVTRTIDTFQVAAEESVRIYGEHIP
LDISARNKGLQGIVKKFPIGPVSMVSPWNFPLNLVAHKVAPAIAVGCPFVLKPASRTPLSALILGEILHKIEELPLGAFS
ILPVSREDADMFTVDERFKLLTFTGSGPIGWDMKARAGKKKVVMELGGNAPCIVDDYVPDLDYTIQRLINGGFYQGGQSC
IHMQRLYVHERLYDEVKEGFVAAVKKLKMGNPFEEDTYLGPMISESAAKGIEDWVKEAVAKGGKLLTGGNRKGAFIEPTV
IEDVPIEANARKEEIFGPVVLLYKYSDFKEAVKECNNTHYGLQSGIFTKDLNKAFYAFEHMEVGGVILNDSPALRVDSQP
YGGLKDSGIQREGVKYAMDDMLETKVLVMRNVGTL
;
_entity_poly.pdbx_strand_id   A,B,C,D
#
loop_
_chem_comp.id
_chem_comp.type
_chem_comp.name
_chem_comp.formula
EDO non-polymer 1,2-ETHANEDIOL 'C2 H6 O2'
NAP non-polymer 'NADP NICOTINAMIDE-ADENINE-DINUCLEOTIDE PHOSPHATE' 'C21 H28 N7 O17 P3'
#
# COMPACT_ATOMS: atom_id res chain seq x y z
N THR A 36 -15.17 80.36 -0.54
CA THR A 36 -15.51 80.09 0.86
C THR A 36 -15.96 78.63 1.06
N PRO A 37 -15.35 77.87 2.01
CA PRO A 37 -15.75 76.46 2.19
C PRO A 37 -17.13 76.27 2.82
N LYS A 38 -17.86 75.20 2.41
CA LYS A 38 -19.19 74.89 2.94
C LYS A 38 -19.08 74.21 4.31
N LYS A 39 -19.79 74.77 5.30
CA LYS A 39 -19.81 74.26 6.67
C LYS A 39 -20.86 73.17 6.82
N TYR A 40 -20.41 71.94 7.14
CA TYR A 40 -21.26 70.76 7.32
C TYR A 40 -21.45 70.47 8.81
N ASN A 41 -22.43 69.61 9.14
CA ASN A 41 -22.72 69.17 10.50
C ASN A 41 -22.45 67.69 10.62
N ILE A 42 -22.04 67.23 11.81
CA ILE A 42 -21.85 65.80 12.09
C ILE A 42 -23.10 65.28 12.80
N PHE A 43 -23.27 63.96 12.92
CA PHE A 43 -24.49 63.42 13.51
C PHE A 43 -24.22 62.63 14.76
N LEU A 44 -24.81 63.07 15.88
CA LEU A 44 -24.67 62.46 17.19
C LEU A 44 -26.06 62.20 17.75
N ALA A 45 -26.42 60.90 17.90
CA ALA A 45 -27.71 60.41 18.37
C ALA A 45 -28.86 60.99 17.53
N SER A 46 -28.72 60.87 16.19
CA SER A 46 -29.66 61.30 15.14
C SER A 46 -29.74 62.82 14.92
N LYS A 47 -28.98 63.60 15.70
CA LYS A 47 -29.03 65.06 15.71
C LYS A 47 -27.81 65.75 15.07
N PRO A 48 -28.02 66.83 14.28
CA PRO A 48 -26.85 67.53 13.73
C PRO A 48 -26.15 68.36 14.81
N VAL A 49 -24.81 68.23 14.88
CA VAL A 49 -23.97 68.92 15.86
C VAL A 49 -22.73 69.55 15.22
N ASP A 50 -22.30 70.68 15.77
CA ASP A 50 -21.11 71.43 15.36
C ASP A 50 -20.43 72.04 16.59
N GLY A 51 -21.21 72.71 17.43
CA GLY A 51 -20.80 73.34 18.68
C GLY A 51 -19.47 74.07 18.62
N ASP A 52 -18.63 73.84 19.64
CA ASP A 52 -17.29 74.43 19.74
C ASP A 52 -16.19 73.42 19.34
N ARG A 53 -16.57 72.38 18.55
CA ARG A 53 -15.67 71.34 18.04
C ARG A 53 -14.72 71.92 16.99
N LYS A 54 -13.46 71.44 16.99
CA LYS A 54 -12.44 71.87 16.03
C LYS A 54 -12.85 71.40 14.63
N TRP A 55 -12.41 72.12 13.59
CA TRP A 55 -12.76 71.79 12.22
C TRP A 55 -11.75 70.90 11.53
N LEU A 56 -12.27 69.97 10.73
CA LEU A 56 -11.52 69.05 9.89
C LEU A 56 -11.77 69.56 8.46
N ASP A 57 -10.69 69.84 7.74
CA ASP A 57 -10.80 70.34 6.38
C ASP A 57 -10.94 69.21 5.36
N VAL A 58 -11.83 69.41 4.38
CA VAL A 58 -12.05 68.47 3.27
C VAL A 58 -11.67 69.23 2.00
N THR A 59 -10.69 68.72 1.28
CA THR A 59 -10.17 69.36 0.08
C THR A 59 -10.81 68.86 -1.19
N ASN A 60 -10.82 69.71 -2.22
CA ASN A 60 -11.23 69.36 -3.59
C ASN A 60 -9.98 68.59 -4.05
N LYS A 61 -10.12 67.27 -4.35
CA LYS A 61 -8.97 66.42 -4.72
C LYS A 61 -8.35 66.76 -6.09
N TYR A 62 -8.98 67.69 -6.85
CA TYR A 62 -8.40 68.14 -8.12
C TYR A 62 -7.64 69.46 -7.94
N THR A 63 -8.31 70.50 -7.37
CA THR A 63 -7.69 71.81 -7.15
C THR A 63 -6.77 71.84 -5.92
N ASN A 64 -6.93 70.84 -5.02
CA ASN A 64 -6.21 70.66 -3.74
C ASN A 64 -6.47 71.80 -2.74
N ASP A 65 -7.60 72.53 -2.95
CA ASP A 65 -8.04 73.63 -2.10
C ASP A 65 -9.19 73.17 -1.22
N VAL A 66 -9.24 73.70 0.02
CA VAL A 66 -10.28 73.38 1.02
C VAL A 66 -11.65 73.83 0.51
N ALA A 67 -12.58 72.89 0.35
CA ALA A 67 -13.91 73.17 -0.16
C ALA A 67 -15.01 72.94 0.89
N ALA A 68 -14.70 72.23 1.98
CA ALA A 68 -15.65 71.94 3.04
C ALA A 68 -14.98 71.87 4.43
N LYS A 69 -15.75 72.23 5.46
CA LYS A 69 -15.33 72.19 6.87
C LYS A 69 -16.27 71.30 7.65
N VAL A 70 -15.72 70.24 8.26
CA VAL A 70 -16.48 69.23 9.01
C VAL A 70 -16.09 69.24 10.50
N PRO A 71 -17.07 69.31 11.45
CA PRO A 71 -16.72 69.27 12.88
C PRO A 71 -16.02 67.97 13.29
N GLN A 72 -14.92 68.08 14.06
CA GLN A 72 -14.16 66.93 14.53
C GLN A 72 -14.82 66.40 15.80
N ALA A 73 -15.25 65.12 15.76
CA ALA A 73 -15.90 64.48 16.90
C ALA A 73 -14.87 64.10 17.96
N THR A 74 -15.27 64.20 19.24
CA THR A 74 -14.41 63.91 20.38
C THR A 74 -14.60 62.48 20.90
N HIS A 75 -13.76 62.07 21.87
CA HIS A 75 -13.84 60.75 22.51
C HIS A 75 -15.19 60.61 23.23
N LYS A 76 -15.66 61.70 23.91
CA LYS A 76 -16.93 61.74 24.61
C LYS A 76 -18.08 61.59 23.60
N ASP A 77 -17.97 62.25 22.42
CA ASP A 77 -18.96 62.14 21.35
C ASP A 77 -19.14 60.69 20.92
N ILE A 78 -18.03 59.95 20.74
CA ILE A 78 -18.06 58.53 20.35
C ILE A 78 -18.71 57.70 21.47
N ASP A 79 -18.29 57.90 22.74
CA ASP A 79 -18.86 57.19 23.90
C ASP A 79 -20.37 57.45 24.06
N ASP A 80 -20.80 58.69 23.82
CA ASP A 80 -22.21 59.11 23.91
C ASP A 80 -23.04 58.54 22.76
N ALA A 81 -22.42 58.41 21.55
CA ALA A 81 -23.06 57.84 20.37
C ALA A 81 -23.34 56.35 20.57
N ILE A 82 -22.38 55.63 21.21
CA ILE A 82 -22.49 54.20 21.49
C ILE A 82 -23.58 53.96 22.55
N ASP A 83 -23.65 54.80 23.60
CA ASP A 83 -24.66 54.69 24.65
C ASP A 83 -26.08 54.96 24.11
N ALA A 84 -26.20 55.90 23.15
CA ALA A 84 -27.46 56.26 22.51
C ALA A 84 -27.96 55.12 21.61
N ALA A 85 -27.03 54.39 20.96
CA ALA A 85 -27.31 53.23 20.10
C ALA A 85 -27.80 52.04 20.94
N VAL A 86 -27.19 51.81 22.12
CA VAL A 86 -27.60 50.77 23.08
C VAL A 86 -29.06 51.07 23.54
N ALA A 87 -29.33 52.34 23.92
CA ALA A 87 -30.63 52.82 24.39
C ALA A 87 -31.71 52.78 23.30
N ALA A 88 -31.30 52.93 22.02
CA ALA A 88 -32.21 52.92 20.88
C ALA A 88 -32.47 51.51 20.31
N ALA A 89 -31.64 50.52 20.68
CA ALA A 89 -31.78 49.14 20.22
C ALA A 89 -33.18 48.53 20.50
N PRO A 90 -33.81 48.66 21.70
CA PRO A 90 -35.16 48.11 21.89
C PRO A 90 -36.23 48.72 20.97
N ALA A 91 -36.21 50.06 20.77
CA ALA A 91 -37.14 50.77 19.89
C ALA A 91 -36.94 50.38 18.43
N MET A 92 -35.65 50.20 18.00
CA MET A 92 -35.27 49.80 16.64
C MET A 92 -35.80 48.39 16.34
N ALA A 93 -35.67 47.49 17.34
CA ALA A 93 -36.13 46.10 17.28
C ALA A 93 -37.66 46.01 17.32
N ALA A 94 -38.34 47.01 17.95
CA ALA A 94 -39.79 47.06 18.10
C ALA A 94 -40.56 47.58 16.87
N MET A 95 -39.85 48.26 15.94
CA MET A 95 -40.42 48.81 14.70
C MET A 95 -41.09 47.71 13.86
N GLY A 96 -42.18 48.06 13.21
CA GLY A 96 -42.85 47.19 12.25
C GLY A 96 -42.08 47.19 10.94
N ALA A 97 -42.15 46.08 10.19
CA ALA A 97 -41.51 45.91 8.89
C ALA A 97 -41.83 47.07 7.92
N TYR A 98 -43.07 47.52 7.91
CA TYR A 98 -43.56 48.62 7.07
C TYR A 98 -42.91 49.97 7.44
N GLU A 99 -42.55 50.14 8.73
CA GLU A 99 -41.90 51.35 9.26
C GLU A 99 -40.45 51.39 8.77
N ARG A 100 -39.75 50.25 8.84
CA ARG A 100 -38.37 50.13 8.35
C ARG A 100 -38.36 50.39 6.84
N LYS A 101 -39.38 49.84 6.13
CA LYS A 101 -39.61 49.99 4.68
C LYS A 101 -39.82 51.47 4.31
N ALA A 102 -40.62 52.17 5.10
CA ALA A 102 -40.96 53.60 4.91
C ALA A 102 -39.72 54.48 5.05
N VAL A 103 -38.82 54.18 6.02
CA VAL A 103 -37.55 54.87 6.27
C VAL A 103 -36.65 54.74 5.04
N LEU A 104 -36.48 53.51 4.53
CA LEU A 104 -35.65 53.23 3.36
C LEU A 104 -36.19 53.84 2.06
N GLU A 105 -37.52 53.88 1.90
CA GLU A 105 -38.16 54.49 0.72
C GLU A 105 -38.02 56.01 0.71
N LYS A 106 -37.94 56.63 1.91
CA LYS A 106 -37.73 58.07 2.08
C LYS A 106 -36.30 58.45 1.70
N VAL A 107 -35.33 57.56 1.97
CA VAL A 107 -33.92 57.73 1.61
C VAL A 107 -33.81 57.69 0.07
N VAL A 108 -34.48 56.70 -0.57
CA VAL A 108 -34.54 56.54 -2.04
C VAL A 108 -35.04 57.84 -2.69
N ALA A 109 -36.18 58.38 -2.18
CA ALA A 109 -36.81 59.61 -2.66
C ALA A 109 -35.87 60.82 -2.57
N GLU A 110 -35.22 61.00 -1.40
CA GLU A 110 -34.31 62.11 -1.15
C GLU A 110 -33.03 62.03 -1.97
N LEU A 111 -32.50 60.81 -2.18
CA LEU A 111 -31.30 60.60 -2.99
C LEU A 111 -31.54 60.98 -4.44
N LYS A 112 -32.74 60.64 -4.97
CA LYS A 112 -33.19 60.96 -6.32
C LYS A 112 -33.32 62.48 -6.49
N ASN A 113 -33.87 63.16 -5.46
CA ASN A 113 -34.10 64.60 -5.43
C ASN A 113 -32.80 65.43 -5.33
N ARG A 114 -31.77 64.90 -4.67
CA ARG A 114 -30.49 65.59 -4.49
C ARG A 114 -29.37 64.94 -5.34
N PHE A 115 -29.77 64.19 -6.41
CA PHE A 115 -28.91 63.42 -7.30
C PHE A 115 -27.63 64.15 -7.73
N GLU A 116 -27.74 65.24 -8.52
CA GLU A 116 -26.60 66.02 -9.01
C GLU A 116 -25.73 66.62 -7.91
N GLU A 117 -26.37 67.16 -6.86
CA GLU A 117 -25.70 67.74 -5.69
C GLU A 117 -24.76 66.70 -5.05
N ILE A 118 -25.25 65.47 -4.82
CA ILE A 118 -24.47 64.36 -4.23
C ILE A 118 -23.33 63.93 -5.18
N ALA A 119 -23.64 63.77 -6.48
CA ALA A 119 -22.65 63.41 -7.51
C ALA A 119 -21.49 64.44 -7.55
N GLN A 120 -21.81 65.74 -7.59
CA GLN A 120 -20.82 66.82 -7.60
C GLN A 120 -19.94 66.77 -6.35
N THR A 121 -20.55 66.50 -5.18
CA THR A 121 -19.87 66.40 -3.90
C THR A 121 -18.92 65.20 -3.88
N LEU A 122 -19.37 64.05 -4.43
CA LEU A 122 -18.66 62.79 -4.57
C LEU A 122 -17.39 63.01 -5.40
N THR A 123 -17.51 63.64 -6.60
CA THR A 123 -16.40 63.98 -7.51
C THR A 123 -15.38 64.89 -6.82
N MET A 124 -15.88 65.92 -6.11
CA MET A 124 -15.07 66.92 -5.40
C MET A 124 -14.21 66.34 -4.30
N GLU A 125 -14.81 65.54 -3.40
CA GLU A 125 -14.12 64.98 -2.25
C GLU A 125 -13.30 63.71 -2.53
N SER A 126 -13.54 63.02 -3.66
CA SER A 126 -12.81 61.78 -3.97
C SER A 126 -11.87 61.89 -5.17
N GLY A 127 -12.18 62.78 -6.11
CA GLY A 127 -11.38 62.99 -7.32
C GLY A 127 -11.81 62.14 -8.49
N LYS A 128 -12.92 61.37 -8.31
CA LYS A 128 -13.43 60.49 -9.36
C LYS A 128 -14.20 61.28 -10.43
N PRO A 129 -14.14 60.87 -11.72
CA PRO A 129 -14.90 61.61 -12.75
C PRO A 129 -16.40 61.70 -12.47
N ILE A 130 -17.05 62.76 -12.96
CA ILE A 130 -18.47 63.03 -12.73
C ILE A 130 -19.37 61.88 -13.23
N LYS A 131 -19.09 61.28 -14.41
CA LYS A 131 -19.87 60.14 -14.92
C LYS A 131 -19.87 58.93 -13.94
N ASP A 132 -18.73 58.69 -13.27
CA ASP A 132 -18.52 57.62 -12.28
C ASP A 132 -19.17 57.98 -10.93
N ALA A 133 -19.20 59.30 -10.59
CA ALA A 133 -19.84 59.81 -9.38
C ALA A 133 -21.36 59.65 -9.51
N ARG A 134 -21.91 59.92 -10.72
CA ARG A 134 -23.34 59.76 -11.03
C ARG A 134 -23.74 58.29 -10.96
N GLY A 135 -22.86 57.40 -11.46
CA GLY A 135 -23.04 55.96 -11.42
C GLY A 135 -23.13 55.44 -10.00
N GLU A 136 -22.30 55.99 -9.09
CA GLU A 136 -22.28 55.64 -7.68
C GLU A 136 -23.58 56.05 -6.96
N VAL A 137 -24.16 57.22 -7.32
CA VAL A 137 -25.43 57.69 -6.74
C VAL A 137 -26.56 56.75 -7.18
N THR A 138 -26.57 56.35 -8.47
CA THR A 138 -27.53 55.41 -9.06
C THR A 138 -27.46 54.04 -8.35
N ARG A 139 -26.23 53.53 -8.08
CA ARG A 139 -26.02 52.25 -7.39
C ARG A 139 -26.51 52.33 -5.94
N THR A 140 -26.29 53.49 -5.28
CA THR A 140 -26.72 53.77 -3.90
C THR A 140 -28.25 53.75 -3.81
N ILE A 141 -28.94 54.34 -4.81
CA ILE A 141 -30.40 54.35 -4.91
C ILE A 141 -30.92 52.90 -4.98
N ASP A 142 -30.29 52.05 -5.80
CA ASP A 142 -30.62 50.64 -5.96
C ASP A 142 -30.38 49.86 -4.66
N THR A 143 -29.29 50.17 -3.92
CA THR A 143 -28.93 49.53 -2.65
C THR A 143 -30.05 49.74 -1.59
N PHE A 144 -30.51 51.00 -1.44
CA PHE A 144 -31.59 51.35 -0.51
C PHE A 144 -32.93 50.79 -0.95
N GLN A 145 -33.16 50.73 -2.28
CA GLN A 145 -34.39 50.18 -2.87
C GLN A 145 -34.46 48.70 -2.58
N VAL A 146 -33.35 47.96 -2.77
CA VAL A 146 -33.31 46.53 -2.45
C VAL A 146 -33.58 46.33 -0.94
N ALA A 147 -32.98 47.19 -0.09
CA ALA A 147 -33.11 47.11 1.34
C ALA A 147 -34.55 47.35 1.79
N ALA A 148 -35.26 48.30 1.11
CA ALA A 148 -36.66 48.60 1.40
C ALA A 148 -37.51 47.34 1.15
N GLU A 149 -37.27 46.65 0.03
CA GLU A 149 -37.96 45.43 -0.36
C GLU A 149 -37.62 44.23 0.55
N GLU A 150 -36.36 44.09 0.94
CA GLU A 150 -35.90 43.04 1.83
C GLU A 150 -36.39 43.22 3.28
N SER A 151 -36.67 44.49 3.72
CA SER A 151 -37.16 44.76 5.09
C SER A 151 -38.52 44.13 5.42
N VAL A 152 -39.36 43.92 4.37
CA VAL A 152 -40.68 43.30 4.54
C VAL A 152 -40.65 41.80 4.15
N ARG A 153 -39.43 41.22 4.04
CA ARG A 153 -39.21 39.85 3.59
C ARG A 153 -38.31 39.03 4.48
N ILE A 154 -38.19 39.37 5.76
CA ILE A 154 -37.32 38.61 6.66
C ILE A 154 -38.14 37.41 7.12
N TYR A 155 -38.02 36.32 6.38
CA TYR A 155 -38.75 35.09 6.62
C TYR A 155 -38.06 34.22 7.66
N GLY A 156 -38.88 33.42 8.34
CA GLY A 156 -38.40 32.43 9.28
C GLY A 156 -38.78 31.05 8.79
N GLU A 157 -38.56 30.03 9.61
CA GLU A 157 -38.94 28.66 9.25
C GLU A 157 -39.85 28.04 10.30
N HIS A 158 -40.71 27.12 9.84
CA HIS A 158 -41.43 26.23 10.71
C HIS A 158 -40.73 24.90 10.45
N ILE A 159 -40.08 24.34 11.47
CA ILE A 159 -39.31 23.13 11.31
C ILE A 159 -39.92 21.96 12.08
N PRO A 160 -40.05 20.76 11.45
CA PRO A 160 -40.48 19.59 12.23
C PRO A 160 -39.28 19.15 13.08
N LEU A 161 -39.51 18.80 14.33
CA LEU A 161 -38.37 18.40 15.17
C LEU A 161 -38.48 16.94 15.62
N ASP A 162 -39.53 16.23 15.17
CA ASP A 162 -39.78 14.83 15.47
C ASP A 162 -39.09 13.94 14.45
N ILE A 163 -37.77 14.15 14.30
CA ILE A 163 -36.84 13.51 13.37
C ILE A 163 -36.58 12.05 13.75
N SER A 164 -36.76 11.71 15.04
CA SER A 164 -36.58 10.40 15.61
C SER A 164 -37.60 10.19 16.74
N ALA A 165 -37.82 8.93 17.17
CA ALA A 165 -38.78 8.53 18.19
C ALA A 165 -38.67 9.27 19.53
N ARG A 166 -37.44 9.54 20.01
CA ARG A 166 -37.26 10.26 21.28
C ARG A 166 -37.74 11.71 21.19
N ASN A 167 -37.78 12.28 19.97
CA ASN A 167 -38.22 13.64 19.70
C ASN A 167 -39.69 13.76 19.27
N LYS A 168 -40.50 12.71 19.53
CA LYS A 168 -41.94 12.71 19.24
C LYS A 168 -42.62 13.93 19.88
N GLY A 169 -43.50 14.59 19.11
CA GLY A 169 -44.28 15.73 19.56
C GLY A 169 -43.55 17.05 19.61
N LEU A 170 -42.38 17.13 18.94
CA LEU A 170 -41.60 18.35 18.91
C LEU A 170 -41.67 19.04 17.57
N GLN A 171 -41.81 20.37 17.61
CA GLN A 171 -41.83 21.22 16.42
C GLN A 171 -41.09 22.51 16.78
N GLY A 172 -40.65 23.28 15.79
CA GLY A 172 -39.94 24.51 16.06
C GLY A 172 -40.27 25.66 15.15
N ILE A 173 -40.12 26.89 15.68
CA ILE A 173 -40.26 28.11 14.89
C ILE A 173 -38.90 28.79 14.95
N VAL A 174 -38.25 28.95 13.80
CA VAL A 174 -36.94 29.60 13.70
C VAL A 174 -37.16 31.02 13.17
N LYS A 175 -36.79 32.02 13.95
CA LYS A 175 -36.96 33.44 13.61
C LYS A 175 -35.62 34.14 13.72
N LYS A 176 -35.49 35.28 13.05
CA LYS A 176 -34.25 36.05 13.04
C LYS A 176 -34.51 37.38 13.70
N PHE A 177 -33.62 37.78 14.62
CA PHE A 177 -33.74 39.00 15.40
C PHE A 177 -32.52 39.91 15.19
N PRO A 178 -32.70 41.27 15.25
CA PRO A 178 -31.51 42.16 15.14
C PRO A 178 -30.37 41.78 16.10
N ILE A 179 -29.12 41.84 15.65
CA ILE A 179 -27.93 41.52 16.44
C ILE A 179 -27.71 42.55 17.58
N GLY A 180 -28.02 43.81 17.29
CA GLY A 180 -27.85 44.93 18.20
C GLY A 180 -27.03 46.05 17.58
N PRO A 181 -26.35 46.89 18.40
CA PRO A 181 -25.55 48.00 17.83
C PRO A 181 -24.44 47.54 16.89
N VAL A 182 -24.33 48.25 15.76
CA VAL A 182 -23.37 47.96 14.71
C VAL A 182 -22.32 49.07 14.62
N SER A 183 -21.04 48.68 14.50
CA SER A 183 -19.93 49.60 14.26
C SER A 183 -19.58 49.51 12.77
N MET A 184 -19.61 50.65 12.08
CA MET A 184 -19.33 50.69 10.66
C MET A 184 -18.15 51.58 10.37
N VAL A 185 -17.17 51.05 9.61
CA VAL A 185 -15.96 51.76 9.19
C VAL A 185 -15.87 51.56 7.67
N SER A 186 -15.90 52.66 6.92
CA SER A 186 -15.95 52.66 5.46
C SER A 186 -14.71 53.30 4.81
N PRO A 187 -14.35 52.96 3.53
CA PRO A 187 -13.13 53.55 2.92
C PRO A 187 -13.41 54.85 2.15
N TRP A 188 -12.41 55.36 1.45
CA TRP A 188 -12.53 56.60 0.70
C TRP A 188 -13.05 56.43 -0.74
N ASN A 189 -12.72 55.30 -1.45
CA ASN A 189 -12.97 55.14 -2.89
C ASN A 189 -14.45 55.12 -3.30
N PHE A 190 -15.36 54.56 -2.49
CA PHE A 190 -16.80 54.64 -2.77
C PHE A 190 -17.41 55.18 -1.48
N PRO A 191 -17.33 56.51 -1.25
CA PRO A 191 -17.79 57.05 0.04
C PRO A 191 -19.30 57.06 0.26
N LEU A 192 -20.07 56.67 -0.76
CA LEU A 192 -21.51 56.64 -0.65
C LEU A 192 -22.05 55.23 -0.72
N ASN A 193 -21.73 54.50 -1.79
CA ASN A 193 -22.25 53.15 -1.98
C ASN A 193 -21.75 52.14 -0.95
N LEU A 194 -20.51 52.26 -0.48
CA LEU A 194 -19.99 51.31 0.51
C LEU A 194 -20.52 51.60 1.91
N VAL A 195 -20.97 52.84 2.15
CA VAL A 195 -21.63 53.24 3.39
C VAL A 195 -23.07 52.67 3.30
N ALA A 196 -23.72 52.81 2.12
CA ALA A 196 -25.06 52.29 1.81
C ALA A 196 -25.14 50.77 2.03
N HIS A 197 -24.08 50.02 1.62
CA HIS A 197 -24.06 48.56 1.77
C HIS A 197 -23.99 48.10 3.24
N LYS A 198 -23.87 49.07 4.19
CA LYS A 198 -23.83 48.82 5.64
C LYS A 198 -25.07 49.43 6.31
N VAL A 199 -25.36 50.71 6.00
CA VAL A 199 -26.46 51.50 6.54
C VAL A 199 -27.81 50.91 6.12
N ALA A 200 -28.02 50.66 4.79
CA ALA A 200 -29.29 50.10 4.31
C ALA A 200 -29.65 48.74 4.96
N PRO A 201 -28.75 47.71 5.03
CA PRO A 201 -29.11 46.47 5.75
C PRO A 201 -29.42 46.66 7.24
N ALA A 202 -28.73 47.62 7.91
CA ALA A 202 -28.94 47.91 9.33
C ALA A 202 -30.33 48.44 9.58
N ILE A 203 -30.80 49.36 8.71
CA ILE A 203 -32.16 49.90 8.82
C ILE A 203 -33.18 48.84 8.41
N ALA A 204 -32.89 48.04 7.36
CA ALA A 204 -33.79 46.99 6.89
C ALA A 204 -34.09 45.93 7.94
N VAL A 205 -33.12 45.70 8.86
CA VAL A 205 -33.16 44.73 9.96
C VAL A 205 -33.70 45.36 11.27
N GLY A 206 -33.28 46.58 11.56
CA GLY A 206 -33.65 47.28 12.77
C GLY A 206 -32.54 47.26 13.79
N CYS A 207 -31.31 47.59 13.34
CA CYS A 207 -30.08 47.65 14.13
C CYS A 207 -29.64 49.10 14.26
N PRO A 208 -29.45 49.64 15.49
CA PRO A 208 -28.92 51.01 15.59
C PRO A 208 -27.42 50.96 15.21
N PHE A 209 -26.86 52.07 14.74
CA PHE A 209 -25.45 52.07 14.31
C PHE A 209 -24.68 53.35 14.56
N VAL A 210 -23.35 53.23 14.57
CA VAL A 210 -22.41 54.33 14.69
C VAL A 210 -21.42 54.13 13.52
N LEU A 211 -21.45 55.06 12.58
CA LEU A 211 -20.60 55.07 11.39
C LEU A 211 -19.39 56.01 11.55
N LYS A 212 -18.21 55.50 11.16
CA LYS A 212 -16.98 56.25 11.08
C LYS A 212 -16.55 56.22 9.60
N PRO A 213 -16.93 57.26 8.82
CA PRO A 213 -16.50 57.30 7.41
C PRO A 213 -15.03 57.71 7.30
N ALA A 214 -14.43 57.61 6.10
CA ALA A 214 -13.04 58.02 5.87
C ALA A 214 -12.94 59.55 5.99
N SER A 215 -11.94 60.03 6.75
CA SER A 215 -11.67 61.45 7.01
C SER A 215 -11.55 62.30 5.74
N ARG A 216 -10.93 61.75 4.69
CA ARG A 216 -10.72 62.41 3.40
C ARG A 216 -12.03 62.56 2.61
N THR A 217 -12.98 61.60 2.77
CA THR A 217 -14.26 61.59 2.04
C THR A 217 -15.50 61.45 2.99
N PRO A 218 -15.79 62.43 3.90
CA PRO A 218 -16.92 62.23 4.82
C PRO A 218 -18.28 62.80 4.40
N LEU A 219 -18.29 63.75 3.45
CA LEU A 219 -19.45 64.49 2.96
C LEU A 219 -20.60 63.63 2.49
N SER A 220 -20.31 62.54 1.74
CA SER A 220 -21.30 61.60 1.23
C SER A 220 -22.08 60.95 2.37
N ALA A 221 -21.36 60.55 3.42
CA ALA A 221 -21.93 59.94 4.63
C ALA A 221 -22.72 60.96 5.45
N LEU A 222 -22.29 62.24 5.41
CA LEU A 222 -22.95 63.32 6.15
C LEU A 222 -24.25 63.76 5.49
N ILE A 223 -24.34 63.66 4.15
CA ILE A 223 -25.54 63.99 3.37
C ILE A 223 -26.60 62.91 3.69
N LEU A 224 -26.15 61.65 3.89
CA LEU A 224 -26.98 60.52 4.28
C LEU A 224 -27.57 60.78 5.68
N GLY A 225 -26.74 61.34 6.57
CA GLY A 225 -27.14 61.73 7.91
C GLY A 225 -28.19 62.82 7.91
N GLU A 226 -28.09 63.77 6.96
CA GLU A 226 -29.03 64.89 6.75
C GLU A 226 -30.39 64.35 6.31
N ILE A 227 -30.40 63.28 5.49
CA ILE A 227 -31.62 62.62 4.99
C ILE A 227 -32.29 61.86 6.13
N LEU A 228 -31.52 61.03 6.89
CA LEU A 228 -32.00 60.20 8.00
C LEU A 228 -32.54 61.02 9.17
N HIS A 229 -31.91 62.18 9.44
CA HIS A 229 -32.28 63.13 10.50
C HIS A 229 -33.72 63.62 10.36
N LYS A 230 -34.18 63.90 9.12
CA LYS A 230 -35.54 64.40 8.91
C LYS A 230 -36.60 63.28 8.68
N ILE A 231 -36.26 62.00 9.00
CA ILE A 231 -37.19 60.88 8.92
C ILE A 231 -37.72 60.62 10.33
N GLU A 232 -39.03 60.84 10.55
CA GLU A 232 -39.69 60.72 11.85
C GLU A 232 -39.85 59.28 12.35
N GLU A 233 -40.06 58.33 11.43
CA GLU A 233 -40.24 56.88 11.68
C GLU A 233 -38.99 56.22 12.29
N LEU A 234 -37.82 56.81 12.05
CA LEU A 234 -36.55 56.29 12.55
C LEU A 234 -36.35 56.82 13.98
N PRO A 235 -36.31 55.93 15.00
CA PRO A 235 -36.20 56.39 16.39
C PRO A 235 -34.95 57.23 16.70
N LEU A 236 -35.00 58.02 17.79
CA LEU A 236 -33.89 58.88 18.19
C LEU A 236 -32.74 58.05 18.78
N GLY A 237 -31.54 58.30 18.27
CA GLY A 237 -30.33 57.57 18.66
C GLY A 237 -30.04 56.36 17.80
N ALA A 238 -30.85 56.15 16.74
CA ALA A 238 -30.71 55.04 15.79
C ALA A 238 -29.40 55.12 15.00
N PHE A 239 -28.89 56.34 14.78
CA PHE A 239 -27.67 56.58 14.02
C PHE A 239 -26.81 57.71 14.57
N SER A 240 -25.51 57.64 14.29
CA SER A 240 -24.48 58.63 14.62
C SER A 240 -23.40 58.50 13.54
N ILE A 241 -23.03 59.61 12.88
CA ILE A 241 -22.01 59.62 11.83
C ILE A 241 -20.89 60.51 12.31
N LEU A 242 -19.77 59.89 12.70
CA LEU A 242 -18.66 60.60 13.31
C LEU A 242 -17.34 60.46 12.51
N PRO A 243 -17.06 61.43 11.61
CA PRO A 243 -15.81 61.39 10.85
C PRO A 243 -14.64 61.81 11.72
N VAL A 244 -13.84 60.82 12.13
CA VAL A 244 -12.65 61.00 12.96
C VAL A 244 -11.47 60.32 12.29
N SER A 245 -10.25 60.75 12.63
CA SER A 245 -9.04 60.14 12.09
C SER A 245 -8.84 58.78 12.75
N ARG A 246 -8.09 57.87 12.07
CA ARG A 246 -7.81 56.50 12.52
C ARG A 246 -7.21 56.38 13.94
N GLU A 247 -6.47 57.42 14.41
CA GLU A 247 -5.85 57.44 15.74
C GLU A 247 -6.83 57.78 16.87
N ASP A 248 -8.07 58.17 16.53
CA ASP A 248 -9.13 58.51 17.48
C ASP A 248 -10.28 57.49 17.44
N ALA A 249 -10.31 56.62 16.41
CA ALA A 249 -11.39 55.66 16.20
C ALA A 249 -11.13 54.24 16.72
N ASP A 250 -10.44 54.10 17.85
CA ASP A 250 -10.16 52.80 18.47
C ASP A 250 -11.42 52.10 19.04
N MET A 251 -12.36 52.89 19.64
CA MET A 251 -13.60 52.40 20.22
C MET A 251 -14.50 51.66 19.21
N PHE A 252 -14.42 52.06 17.92
CA PHE A 252 -15.14 51.42 16.83
C PHE A 252 -14.74 49.96 16.66
N THR A 253 -13.54 49.60 17.13
CA THR A 253 -13.01 48.25 17.05
C THR A 253 -13.26 47.43 18.32
N VAL A 254 -12.77 47.92 19.45
CA VAL A 254 -12.71 47.24 20.75
C VAL A 254 -13.98 47.26 21.63
N ASP A 255 -14.80 48.32 21.56
CA ASP A 255 -15.96 48.51 22.45
C ASP A 255 -16.97 47.36 22.45
N GLU A 256 -17.16 46.76 23.65
CA GLU A 256 -18.07 45.64 23.94
C GLU A 256 -19.54 45.96 23.72
N ARG A 257 -19.93 47.25 23.62
CA ARG A 257 -21.34 47.64 23.42
C ARG A 257 -21.82 47.39 21.98
N PHE A 258 -20.88 47.22 21.05
CA PHE A 258 -21.20 46.89 19.66
C PHE A 258 -21.23 45.37 19.57
N LYS A 259 -22.26 44.82 18.91
CA LYS A 259 -22.42 43.39 18.73
C LYS A 259 -21.83 42.91 17.39
N LEU A 260 -21.56 43.86 16.49
CA LEU A 260 -20.98 43.61 15.19
C LEU A 260 -20.12 44.79 14.74
N LEU A 261 -18.97 44.45 14.11
CA LEU A 261 -18.08 45.38 13.49
C LEU A 261 -18.07 45.02 11.99
N THR A 262 -18.47 45.99 11.14
CA THR A 262 -18.43 45.78 9.69
C THR A 262 -17.44 46.79 9.12
N PHE A 263 -16.33 46.27 8.58
CA PHE A 263 -15.26 47.08 8.04
C PHE A 263 -15.04 46.86 6.55
N THR A 264 -14.84 47.97 5.83
CA THR A 264 -14.50 48.00 4.41
C THR A 264 -13.26 48.91 4.31
N GLY A 265 -12.15 48.33 3.88
CA GLY A 265 -10.87 49.03 3.74
C GLY A 265 -9.72 48.10 3.43
N SER A 266 -8.49 48.53 3.73
CA SER A 266 -7.29 47.74 3.41
C SER A 266 -7.13 46.51 4.30
N GLY A 267 -6.54 45.46 3.71
CA GLY A 267 -6.26 44.19 4.36
C GLY A 267 -5.54 44.27 5.68
N PRO A 268 -4.31 44.86 5.76
CA PRO A 268 -3.60 44.91 7.05
C PRO A 268 -4.34 45.59 8.19
N ILE A 269 -5.07 46.69 7.90
CA ILE A 269 -5.86 47.44 8.88
C ILE A 269 -7.02 46.57 9.40
N GLY A 270 -7.75 45.94 8.46
CA GLY A 270 -8.88 45.07 8.73
C GLY A 270 -8.58 43.86 9.59
N TRP A 271 -7.55 43.10 9.18
CA TRP A 271 -7.12 41.91 9.91
C TRP A 271 -6.67 42.21 11.34
N ASP A 272 -6.04 43.38 11.55
CA ASP A 272 -5.62 43.83 12.87
C ASP A 272 -6.84 44.24 13.72
N MET A 273 -7.86 44.83 13.07
CA MET A 273 -9.13 45.20 13.71
C MET A 273 -9.89 43.97 14.15
N LYS A 274 -9.85 42.88 13.37
CA LYS A 274 -10.50 41.61 13.69
C LYS A 274 -9.84 41.01 14.95
N ALA A 275 -8.49 41.11 15.03
CA ALA A 275 -7.66 40.62 16.15
C ALA A 275 -7.90 41.38 17.46
N ARG A 276 -8.31 42.65 17.39
CA ARG A 276 -8.55 43.51 18.56
C ARG A 276 -10.06 43.70 18.88
N ALA A 277 -10.96 43.15 18.02
CA ALA A 277 -12.42 43.29 18.09
C ALA A 277 -13.10 42.74 19.37
N GLY A 278 -12.49 41.79 20.05
CA GLY A 278 -13.10 41.19 21.23
C GLY A 278 -14.15 40.16 20.87
N LYS A 279 -15.25 40.12 21.63
CA LYS A 279 -16.36 39.15 21.50
C LYS A 279 -17.26 39.32 20.25
N LYS A 280 -17.49 40.57 19.79
CA LYS A 280 -18.37 40.91 18.66
C LYS A 280 -18.11 40.14 17.36
N LYS A 281 -19.16 40.00 16.52
CA LYS A 281 -19.04 39.39 15.20
C LYS A 281 -18.32 40.39 14.28
N VAL A 282 -17.66 39.88 13.23
CA VAL A 282 -16.88 40.69 12.32
C VAL A 282 -17.21 40.37 10.86
N VAL A 283 -17.29 41.43 10.04
CA VAL A 283 -17.48 41.41 8.58
C VAL A 283 -16.31 42.18 8.03
N MET A 284 -15.52 41.57 7.13
CA MET A 284 -14.30 42.16 6.53
C MET A 284 -14.35 42.22 5.01
N GLU A 285 -14.47 43.44 4.46
CA GLU A 285 -14.46 43.68 3.03
C GLU A 285 -13.12 44.37 2.74
N LEU A 286 -12.12 43.58 2.30
CA LEU A 286 -10.74 44.05 2.12
C LEU A 286 -10.29 44.15 0.65
N GLY A 287 -8.98 44.30 0.45
CA GLY A 287 -8.37 44.49 -0.85
C GLY A 287 -8.38 43.31 -1.80
N GLY A 288 -7.92 43.56 -3.02
CA GLY A 288 -7.83 42.54 -4.06
C GLY A 288 -6.77 42.79 -5.10
N ASN A 289 -6.36 41.72 -5.79
CA ASN A 289 -5.42 41.71 -6.90
C ASN A 289 -6.14 40.84 -7.96
N ALA A 290 -7.17 41.44 -8.58
CA ALA A 290 -8.05 40.74 -9.48
C ALA A 290 -7.47 40.38 -10.86
N PRO A 291 -7.51 39.08 -11.21
CA PRO A 291 -7.05 38.65 -12.55
C PRO A 291 -8.22 38.47 -13.55
N CYS A 292 -7.90 38.43 -14.85
CA CYS A 292 -8.91 38.22 -15.90
C CYS A 292 -8.33 37.36 -17.01
N ILE A 293 -9.03 36.29 -17.39
CA ILE A 293 -8.64 35.39 -18.48
C ILE A 293 -9.38 35.77 -19.76
N VAL A 294 -8.66 35.91 -20.88
CA VAL A 294 -9.28 36.17 -22.17
C VAL A 294 -8.98 34.96 -23.06
N ASP A 295 -9.91 33.98 -23.10
CA ASP A 295 -9.76 32.79 -23.95
C ASP A 295 -10.50 32.97 -25.27
N ASP A 296 -11.49 33.90 -25.31
CA ASP A 296 -12.28 34.26 -26.49
C ASP A 296 -12.66 35.73 -26.44
N TYR A 297 -13.23 36.22 -27.57
CA TYR A 297 -13.79 37.57 -27.67
C TYR A 297 -15.29 37.37 -27.52
N VAL A 298 -15.90 37.96 -26.49
CA VAL A 298 -17.33 37.76 -26.22
C VAL A 298 -18.10 39.08 -26.03
N PRO A 299 -19.03 39.46 -26.95
CA PRO A 299 -19.39 38.76 -28.21
C PRO A 299 -18.39 38.99 -29.34
N ASP A 300 -17.62 40.11 -29.27
CA ASP A 300 -16.60 40.52 -30.25
C ASP A 300 -15.40 41.19 -29.55
N LEU A 301 -14.32 41.42 -30.30
CA LEU A 301 -13.06 42.04 -29.84
C LEU A 301 -13.24 43.46 -29.28
N ASP A 302 -14.02 44.32 -29.97
CA ASP A 302 -14.26 45.70 -29.55
C ASP A 302 -14.92 45.75 -28.17
N TYR A 303 -15.99 44.94 -27.97
CA TYR A 303 -16.69 44.88 -26.69
C TYR A 303 -15.77 44.35 -25.60
N THR A 304 -14.97 43.30 -25.92
CA THR A 304 -14.02 42.68 -24.98
C THR A 304 -13.00 43.72 -24.47
N ILE A 305 -12.37 44.48 -25.39
CA ILE A 305 -11.38 45.51 -25.06
C ILE A 305 -12.03 46.62 -24.22
N GLN A 306 -13.26 47.06 -24.59
CA GLN A 306 -14.06 48.07 -23.90
C GLN A 306 -14.30 47.66 -22.41
N ARG A 307 -14.52 46.35 -22.14
CA ARG A 307 -14.73 45.83 -20.78
C ARG A 307 -13.42 45.64 -20.02
N LEU A 308 -12.29 45.31 -20.73
CA LEU A 308 -10.95 45.17 -20.14
C LEU A 308 -10.44 46.55 -19.76
N ILE A 309 -10.78 47.58 -20.56
CA ILE A 309 -10.43 48.98 -20.30
C ILE A 309 -11.15 49.41 -19.03
N ASN A 310 -12.45 49.10 -18.92
CA ASN A 310 -13.26 49.38 -17.76
C ASN A 310 -12.64 48.75 -16.52
N GLY A 311 -12.39 47.45 -16.56
CA GLY A 311 -11.75 46.73 -15.45
C GLY A 311 -10.41 47.27 -15.01
N GLY A 312 -9.52 47.51 -15.98
CA GLY A 312 -8.19 48.00 -15.71
C GLY A 312 -8.05 49.45 -15.29
N PHE A 313 -8.99 50.33 -15.73
CA PHE A 313 -8.84 51.77 -15.50
C PHE A 313 -10.09 52.52 -15.00
N TYR A 314 -11.15 51.81 -14.55
CA TYR A 314 -12.32 52.47 -13.97
C TYR A 314 -11.86 53.05 -12.65
N GLN A 315 -12.08 54.37 -12.48
CA GLN A 315 -11.71 55.16 -11.30
C GLN A 315 -10.19 55.12 -11.05
N GLY A 316 -9.43 55.16 -12.15
CA GLY A 316 -7.97 55.13 -12.15
C GLY A 316 -7.41 53.95 -11.39
N GLY A 317 -8.09 52.81 -11.53
CA GLY A 317 -7.76 51.56 -10.87
C GLY A 317 -7.87 51.59 -9.36
N GLN A 318 -8.49 52.66 -8.81
CA GLN A 318 -8.67 52.84 -7.37
C GLN A 318 -9.99 52.20 -6.94
N SER A 319 -10.08 50.87 -7.17
CA SER A 319 -11.19 49.96 -6.85
C SER A 319 -10.60 48.66 -6.30
N CYS A 320 -11.34 48.02 -5.38
CA CYS A 320 -11.05 46.73 -4.72
C CYS A 320 -11.14 45.57 -5.71
N ILE A 321 -11.92 45.75 -6.80
CA ILE A 321 -12.14 44.79 -7.88
C ILE A 321 -11.54 45.29 -9.21
N HIS A 322 -10.52 46.16 -9.14
CA HIS A 322 -9.79 46.67 -10.30
C HIS A 322 -9.09 45.47 -10.94
N MET A 323 -9.17 45.35 -12.28
CA MET A 323 -8.51 44.25 -13.02
C MET A 323 -6.99 44.53 -13.03
N GLN A 324 -6.28 43.93 -12.06
CA GLN A 324 -4.85 44.15 -11.93
C GLN A 324 -4.03 43.33 -12.92
N ARG A 325 -4.44 42.07 -13.12
CA ARG A 325 -3.73 41.13 -13.98
C ARG A 325 -4.57 40.67 -15.15
N LEU A 326 -3.97 40.65 -16.35
CA LEU A 326 -4.66 40.23 -17.58
C LEU A 326 -3.90 39.06 -18.23
N TYR A 327 -4.57 37.91 -18.33
CA TYR A 327 -4.03 36.68 -18.93
C TYR A 327 -4.73 36.42 -20.25
N VAL A 328 -3.98 36.56 -21.36
CA VAL A 328 -4.51 36.42 -22.71
C VAL A 328 -3.92 35.19 -23.39
N HIS A 329 -4.80 34.34 -23.97
CA HIS A 329 -4.39 33.13 -24.70
C HIS A 329 -3.48 33.52 -25.87
N GLU A 330 -2.39 32.75 -26.09
CA GLU A 330 -1.36 32.97 -27.10
C GLU A 330 -1.87 33.29 -28.51
N ARG A 331 -2.99 32.65 -28.96
CA ARG A 331 -3.54 32.85 -30.32
C ARG A 331 -4.22 34.22 -30.53
N LEU A 332 -4.51 34.93 -29.42
CA LEU A 332 -5.19 36.23 -29.40
C LEU A 332 -4.27 37.30 -28.86
N TYR A 333 -3.17 36.90 -28.19
CA TYR A 333 -2.22 37.75 -27.49
C TYR A 333 -1.84 39.04 -28.21
N ASP A 334 -1.27 38.94 -29.42
CA ASP A 334 -0.83 40.12 -30.17
C ASP A 334 -2.00 41.03 -30.59
N GLU A 335 -3.12 40.44 -31.08
CA GLU A 335 -4.33 41.20 -31.47
C GLU A 335 -4.93 41.97 -30.27
N VAL A 336 -4.98 41.34 -29.06
CA VAL A 336 -5.48 41.94 -27.81
C VAL A 336 -4.50 43.03 -27.31
N LYS A 337 -3.19 42.70 -27.23
CA LYS A 337 -2.12 43.61 -26.79
C LYS A 337 -2.15 44.94 -27.59
N GLU A 338 -2.24 44.86 -28.93
CA GLU A 338 -2.30 46.02 -29.82
C GLU A 338 -3.57 46.86 -29.57
N GLY A 339 -4.73 46.21 -29.57
CA GLY A 339 -6.03 46.84 -29.35
C GLY A 339 -6.21 47.46 -27.98
N PHE A 340 -5.71 46.79 -26.93
CA PHE A 340 -5.78 47.24 -25.54
C PHE A 340 -4.90 48.47 -25.30
N VAL A 341 -3.60 48.40 -25.69
CA VAL A 341 -2.63 49.50 -25.55
C VAL A 341 -3.12 50.76 -26.28
N ALA A 342 -3.65 50.60 -27.51
CA ALA A 342 -4.20 51.70 -28.31
C ALA A 342 -5.40 52.37 -27.62
N ALA A 343 -6.22 51.57 -26.93
CA ALA A 343 -7.39 52.06 -26.17
C ALA A 343 -6.98 52.77 -24.88
N VAL A 344 -5.86 52.33 -24.25
CA VAL A 344 -5.27 52.92 -23.02
C VAL A 344 -4.76 54.35 -23.32
N LYS A 345 -4.06 54.52 -24.46
CA LYS A 345 -3.48 55.78 -24.93
C LYS A 345 -4.54 56.81 -25.34
N LYS A 346 -5.75 56.34 -25.67
CA LYS A 346 -6.90 57.13 -26.07
C LYS A 346 -7.72 57.64 -24.86
N LEU A 347 -7.44 57.14 -23.64
CA LEU A 347 -8.15 57.52 -22.41
C LEU A 347 -7.88 58.96 -22.01
N LYS A 348 -8.96 59.71 -21.75
CA LYS A 348 -8.88 61.12 -21.36
C LYS A 348 -8.69 61.27 -19.86
N MET A 349 -7.55 61.86 -19.47
CA MET A 349 -7.17 62.10 -18.08
C MET A 349 -7.14 63.61 -17.84
N GLY A 350 -7.72 64.04 -16.72
CA GLY A 350 -7.78 65.45 -16.35
C GLY A 350 -8.77 65.79 -15.26
N ASN A 351 -9.40 66.98 -15.39
CA ASN A 351 -10.39 67.51 -14.45
C ASN A 351 -11.59 66.56 -14.30
N PRO A 352 -11.81 65.98 -13.09
CA PRO A 352 -12.93 65.04 -12.92
C PRO A 352 -14.32 65.63 -13.10
N PHE A 353 -14.45 66.97 -13.04
CA PHE A 353 -15.70 67.69 -13.23
C PHE A 353 -16.15 67.73 -14.70
N GLU A 354 -15.23 67.47 -15.65
CA GLU A 354 -15.49 67.44 -17.09
C GLU A 354 -16.14 66.11 -17.46
N GLU A 355 -17.15 66.17 -18.34
CA GLU A 355 -17.95 65.02 -18.80
C GLU A 355 -17.13 63.94 -19.49
N ASP A 356 -16.23 64.34 -20.40
CA ASP A 356 -15.36 63.48 -21.22
C ASP A 356 -14.24 62.76 -20.45
N THR A 357 -13.91 63.22 -19.21
CA THR A 357 -12.82 62.65 -18.40
C THR A 357 -13.07 61.19 -18.01
N TYR A 358 -12.16 60.30 -18.42
CA TYR A 358 -12.23 58.88 -18.08
C TYR A 358 -11.58 58.64 -16.72
N LEU A 359 -10.43 59.30 -16.45
CA LEU A 359 -9.75 59.14 -15.17
C LEU A 359 -9.23 60.46 -14.62
N GLY A 360 -9.53 60.72 -13.36
CA GLY A 360 -9.09 61.94 -12.69
C GLY A 360 -7.80 61.71 -11.93
N PRO A 361 -7.49 62.57 -10.94
CA PRO A 361 -6.25 62.34 -10.18
C PRO A 361 -6.41 61.29 -9.09
N MET A 362 -5.28 60.83 -8.50
CA MET A 362 -5.27 59.88 -7.38
C MET A 362 -5.70 60.64 -6.14
N ILE A 363 -6.20 59.92 -5.09
CA ILE A 363 -6.64 60.52 -3.82
C ILE A 363 -5.60 61.52 -3.27
N SER A 364 -4.30 61.25 -3.46
CA SER A 364 -3.19 62.11 -3.03
C SER A 364 -1.97 61.97 -3.95
N GLU A 365 -1.04 62.94 -3.83
CA GLU A 365 0.22 62.94 -4.57
C GLU A 365 1.10 61.78 -4.08
N SER A 366 1.00 61.48 -2.77
CA SER A 366 1.71 60.41 -2.07
C SER A 366 1.36 59.06 -2.68
N ALA A 367 0.04 58.83 -2.92
CA ALA A 367 -0.52 57.61 -3.51
C ALA A 367 0.01 57.47 -4.94
N ALA A 368 0.00 58.56 -5.73
CA ALA A 368 0.48 58.60 -7.11
C ALA A 368 1.99 58.29 -7.20
N LYS A 369 2.79 58.79 -6.23
CA LYS A 369 4.23 58.57 -6.13
C LYS A 369 4.55 57.09 -5.91
N GLY A 370 3.78 56.44 -5.04
CA GLY A 370 3.89 55.03 -4.72
C GLY A 370 3.67 54.12 -5.92
N ILE A 371 2.69 54.48 -6.78
CA ILE A 371 2.37 53.76 -8.02
C ILE A 371 3.53 53.91 -9.02
N GLU A 372 4.07 55.14 -9.15
CA GLU A 372 5.20 55.48 -10.01
C GLU A 372 6.45 54.67 -9.62
N ASP A 373 6.67 54.51 -8.29
CA ASP A 373 7.78 53.75 -7.71
C ASP A 373 7.66 52.25 -8.06
N TRP A 374 6.45 51.67 -7.88
CA TRP A 374 6.14 50.27 -8.16
C TRP A 374 6.20 49.92 -9.64
N VAL A 375 5.90 50.90 -10.53
CA VAL A 375 5.98 50.74 -11.99
C VAL A 375 7.47 50.66 -12.37
N LYS A 376 8.29 51.58 -11.82
CA LYS A 376 9.74 51.68 -12.01
C LYS A 376 10.44 50.40 -11.55
N GLU A 377 10.04 49.85 -10.38
CA GLU A 377 10.56 48.61 -9.79
C GLU A 377 10.20 47.40 -10.67
N ALA A 378 8.95 47.35 -11.16
CA ALA A 378 8.45 46.28 -12.03
C ALA A 378 9.25 46.19 -13.33
N VAL A 379 9.60 47.36 -13.91
CA VAL A 379 10.40 47.47 -15.14
C VAL A 379 11.85 47.05 -14.85
N ALA A 380 12.41 47.48 -13.70
CA ALA A 380 13.77 47.14 -13.24
C ALA A 380 13.92 45.64 -12.95
N LYS A 381 12.82 44.97 -12.56
CA LYS A 381 12.81 43.53 -12.25
C LYS A 381 12.58 42.63 -13.49
N GLY A 382 12.46 43.23 -14.68
CA GLY A 382 12.28 42.49 -15.93
C GLY A 382 11.03 42.79 -16.76
N GLY A 383 10.11 43.57 -16.20
CA GLY A 383 8.87 43.95 -16.86
C GLY A 383 9.05 44.87 -18.05
N LYS A 384 8.25 44.66 -19.10
CA LYS A 384 8.30 45.46 -20.33
C LYS A 384 7.17 46.48 -20.32
N LEU A 385 7.52 47.77 -20.18
CA LEU A 385 6.58 48.90 -20.16
C LEU A 385 6.00 49.16 -21.54
N LEU A 386 4.71 48.85 -21.73
CA LEU A 386 4.03 49.04 -23.01
C LEU A 386 3.51 50.46 -23.24
N THR A 387 3.08 51.15 -22.14
CA THR A 387 2.54 52.51 -22.14
C THR A 387 2.53 53.14 -20.74
N GLY A 388 2.42 54.48 -20.69
CA GLY A 388 2.33 55.28 -19.48
C GLY A 388 3.52 55.16 -18.55
N GLY A 389 3.24 55.16 -17.26
CA GLY A 389 4.24 55.06 -16.20
C GLY A 389 4.75 56.37 -15.64
N ASN A 390 4.42 57.52 -16.30
CA ASN A 390 4.86 58.85 -15.87
C ASN A 390 3.87 59.57 -14.96
N ARG A 391 4.38 60.38 -14.01
CA ARG A 391 3.59 61.11 -13.02
C ARG A 391 3.69 62.63 -13.19
N LYS A 392 2.55 63.32 -12.98
CA LYS A 392 2.40 64.77 -13.00
C LYS A 392 1.55 65.16 -11.77
N GLY A 393 2.22 65.27 -10.62
CA GLY A 393 1.60 65.60 -9.34
C GLY A 393 0.77 64.43 -8.83
N ALA A 394 -0.54 64.63 -8.65
CA ALA A 394 -1.44 63.58 -8.20
C ALA A 394 -1.89 62.71 -9.39
N PHE A 395 -1.60 63.15 -10.63
CA PHE A 395 -1.95 62.43 -11.86
C PHE A 395 -0.86 61.44 -12.25
N ILE A 396 -1.27 60.21 -12.58
CA ILE A 396 -0.39 59.15 -13.04
C ILE A 396 -1.03 58.48 -14.26
N GLU A 397 -0.27 58.46 -15.39
CA GLU A 397 -0.68 57.95 -16.70
C GLU A 397 -1.16 56.49 -16.68
N PRO A 398 -2.22 56.12 -17.46
CA PRO A 398 -2.64 54.71 -17.51
C PRO A 398 -1.49 53.86 -18.05
N THR A 399 -1.08 52.87 -17.25
CA THR A 399 0.09 52.03 -17.48
C THR A 399 -0.26 50.55 -17.76
N VAL A 400 0.47 49.95 -18.72
CA VAL A 400 0.37 48.53 -19.08
C VAL A 400 1.80 47.97 -19.06
N ILE A 401 2.07 47.01 -18.14
CA ILE A 401 3.39 46.39 -18.01
C ILE A 401 3.30 44.88 -18.28
N GLU A 402 4.13 44.41 -19.21
CA GLU A 402 4.19 43.04 -19.67
C GLU A 402 5.23 42.19 -18.91
N ASP A 403 4.86 40.93 -18.60
CA ASP A 403 5.67 39.87 -17.96
C ASP A 403 6.43 40.33 -16.67
N VAL A 404 5.70 40.94 -15.73
CA VAL A 404 6.26 41.38 -14.45
C VAL A 404 6.44 40.16 -13.52
N PRO A 405 7.64 39.91 -12.94
CA PRO A 405 7.81 38.73 -12.07
C PRO A 405 7.05 38.80 -10.74
N ILE A 406 6.87 37.65 -10.08
CA ILE A 406 6.15 37.51 -8.80
C ILE A 406 6.85 38.26 -7.65
N GLU A 407 8.17 38.44 -7.72
CA GLU A 407 8.96 39.15 -6.71
C GLU A 407 8.68 40.66 -6.67
N ALA A 408 8.16 41.23 -7.76
CA ALA A 408 7.81 42.66 -7.85
C ALA A 408 6.55 42.97 -7.07
N ASN A 409 6.53 44.15 -6.40
CA ASN A 409 5.42 44.64 -5.59
C ASN A 409 4.15 44.85 -6.41
N ALA A 410 4.30 45.28 -7.69
CA ALA A 410 3.21 45.50 -8.64
C ALA A 410 2.42 44.20 -8.91
N ARG A 411 3.10 43.03 -8.85
CA ARG A 411 2.49 41.71 -9.06
C ARG A 411 1.99 41.06 -7.76
N LYS A 412 2.78 41.13 -6.69
CA LYS A 412 2.51 40.53 -5.39
C LYS A 412 1.37 41.24 -4.63
N GLU A 413 1.53 42.55 -4.43
CA GLU A 413 0.62 43.39 -3.64
C GLU A 413 -0.42 44.10 -4.52
N GLU A 414 -1.55 44.51 -3.89
CA GLU A 414 -2.63 45.26 -4.54
C GLU A 414 -2.07 46.59 -5.01
N ILE A 415 -2.26 46.89 -6.30
CA ILE A 415 -1.73 48.11 -6.89
C ILE A 415 -2.58 49.34 -6.52
N PHE A 416 -3.92 49.28 -6.72
CA PHE A 416 -4.86 50.39 -6.42
C PHE A 416 -4.42 51.66 -7.18
N GLY A 417 -4.20 51.46 -8.49
CA GLY A 417 -3.73 52.48 -9.41
C GLY A 417 -4.02 52.13 -10.87
N PRO A 418 -3.79 53.08 -11.81
CA PRO A 418 -4.08 52.79 -13.22
C PRO A 418 -2.96 52.00 -13.89
N VAL A 419 -2.72 50.77 -13.38
CA VAL A 419 -1.67 49.85 -13.83
C VAL A 419 -2.30 48.46 -14.11
N VAL A 420 -2.02 47.91 -15.30
CA VAL A 420 -2.48 46.58 -15.72
C VAL A 420 -1.27 45.74 -16.07
N LEU A 421 -1.19 44.53 -15.51
CA LEU A 421 -0.11 43.59 -15.75
C LEU A 421 -0.52 42.54 -16.77
N LEU A 422 0.07 42.62 -17.99
CA LEU A 422 -0.19 41.74 -19.13
C LEU A 422 0.65 40.46 -19.12
N TYR A 423 -0.01 39.33 -19.34
CA TYR A 423 0.63 38.01 -19.41
C TYR A 423 -0.01 37.16 -20.52
N LYS A 424 0.80 36.29 -21.13
CA LYS A 424 0.41 35.34 -22.16
C LYS A 424 0.33 33.95 -21.52
N TYR A 425 -0.61 33.11 -21.96
CA TYR A 425 -0.68 31.72 -21.49
C TYR A 425 -0.94 30.80 -22.67
N SER A 426 -0.61 29.51 -22.53
CA SER A 426 -0.85 28.52 -23.60
C SER A 426 -1.85 27.45 -23.17
N ASP A 427 -1.88 27.13 -21.86
CA ASP A 427 -2.77 26.14 -21.26
C ASP A 427 -3.74 26.83 -20.31
N PHE A 428 -5.06 26.57 -20.49
CA PHE A 428 -6.14 27.17 -19.69
C PHE A 428 -6.04 26.82 -18.21
N LYS A 429 -5.80 25.52 -17.90
CA LYS A 429 -5.68 24.99 -16.54
C LYS A 429 -4.60 25.74 -15.75
N GLU A 430 -3.44 26.03 -16.42
CA GLU A 430 -2.32 26.76 -15.85
C GLU A 430 -2.64 28.23 -15.63
N ALA A 431 -3.47 28.84 -16.50
CA ALA A 431 -3.89 30.25 -16.34
C ALA A 431 -4.78 30.41 -15.09
N VAL A 432 -5.70 29.45 -14.81
CA VAL A 432 -6.57 29.43 -13.62
C VAL A 432 -5.70 29.32 -12.35
N LYS A 433 -4.65 28.48 -12.41
CA LYS A 433 -3.66 28.28 -11.35
C LYS A 433 -2.88 29.59 -11.09
N GLU A 434 -2.59 30.36 -12.17
CA GLU A 434 -1.91 31.65 -12.08
C GLU A 434 -2.81 32.72 -11.48
N CYS A 435 -4.11 32.70 -11.85
CA CYS A 435 -5.15 33.59 -11.31
C CYS A 435 -5.20 33.44 -9.80
N ASN A 436 -5.15 32.19 -9.31
CA ASN A 436 -5.17 31.82 -7.89
C ASN A 436 -3.81 32.03 -7.20
N ASN A 437 -2.75 32.36 -7.96
CA ASN A 437 -1.41 32.59 -7.41
C ASN A 437 -1.29 34.01 -6.85
N THR A 438 -2.01 34.22 -5.74
CA THR A 438 -2.17 35.48 -5.01
C THR A 438 -2.70 35.21 -3.59
N HIS A 439 -2.42 36.12 -2.65
CA HIS A 439 -2.93 35.99 -1.28
C HIS A 439 -4.30 36.68 -1.14
N TYR A 440 -4.78 37.28 -2.24
CA TYR A 440 -6.10 37.93 -2.31
C TYR A 440 -7.08 36.94 -2.96
N GLY A 441 -8.37 37.25 -2.93
CA GLY A 441 -9.40 36.38 -3.49
C GLY A 441 -10.76 37.05 -3.53
N LEU A 442 -10.81 38.27 -4.08
CA LEU A 442 -12.06 39.02 -4.14
C LEU A 442 -12.89 38.57 -5.34
N GLN A 443 -12.47 38.95 -6.56
CA GLN A 443 -13.15 38.57 -7.80
C GLN A 443 -12.17 38.25 -8.89
N SER A 444 -12.65 37.51 -9.88
CA SER A 444 -11.92 37.07 -11.04
C SER A 444 -12.83 37.26 -12.24
N GLY A 445 -12.25 37.39 -13.42
CA GLY A 445 -12.98 37.55 -14.67
C GLY A 445 -12.54 36.51 -15.69
N ILE A 446 -13.45 36.13 -16.60
CA ILE A 446 -13.15 35.14 -17.64
C ILE A 446 -13.99 35.41 -18.89
N PHE A 447 -13.29 35.53 -20.04
CA PHE A 447 -13.90 35.68 -21.35
C PHE A 447 -13.75 34.36 -22.08
N THR A 448 -14.86 33.64 -22.27
CA THR A 448 -14.87 32.32 -22.90
C THR A 448 -16.22 32.04 -23.56
N LYS A 449 -16.18 31.33 -24.70
CA LYS A 449 -17.36 30.85 -25.43
C LYS A 449 -17.53 29.36 -25.10
N ASP A 450 -16.54 28.78 -24.38
CA ASP A 450 -16.48 27.37 -23.99
C ASP A 450 -17.25 27.09 -22.70
N LEU A 451 -18.19 26.13 -22.77
CA LEU A 451 -19.04 25.69 -21.66
C LEU A 451 -18.25 25.12 -20.46
N ASN A 452 -17.33 24.18 -20.74
CA ASN A 452 -16.52 23.53 -19.71
C ASN A 452 -15.47 24.45 -19.07
N LYS A 453 -14.90 25.41 -19.82
CA LYS A 453 -13.92 26.37 -19.29
C LYS A 453 -14.59 27.32 -18.31
N ALA A 454 -15.81 27.79 -18.68
CA ALA A 454 -16.65 28.68 -17.87
C ALA A 454 -16.94 28.05 -16.49
N PHE A 455 -17.33 26.77 -16.48
CA PHE A 455 -17.65 26.07 -15.25
C PHE A 455 -16.42 25.53 -14.51
N TYR A 456 -15.29 25.29 -15.23
CA TYR A 456 -14.03 24.89 -14.60
C TYR A 456 -13.54 26.07 -13.75
N ALA A 457 -13.60 27.30 -14.31
CA ALA A 457 -13.20 28.55 -13.67
C ALA A 457 -14.08 28.83 -12.44
N PHE A 458 -15.40 28.63 -12.56
CA PHE A 458 -16.33 28.83 -11.45
C PHE A 458 -15.97 27.89 -10.29
N GLU A 459 -15.64 26.64 -10.62
CA GLU A 459 -15.28 25.63 -9.64
C GLU A 459 -13.92 25.86 -8.97
N HIS A 460 -12.90 26.27 -9.75
CA HIS A 460 -11.52 26.34 -9.27
C HIS A 460 -10.94 27.74 -8.98
N MET A 461 -11.64 28.84 -9.35
CA MET A 461 -11.14 30.17 -9.01
C MET A 461 -11.42 30.47 -7.54
N GLU A 462 -10.34 30.71 -6.76
CA GLU A 462 -10.38 30.94 -5.31
C GLU A 462 -10.76 32.39 -4.98
N VAL A 463 -12.00 32.74 -5.32
CA VAL A 463 -12.57 34.09 -5.16
C VAL A 463 -14.01 34.00 -4.63
N GLY A 464 -14.59 35.15 -4.32
CA GLY A 464 -15.99 35.24 -3.89
C GLY A 464 -16.91 35.38 -5.08
N GLY A 465 -16.38 35.90 -6.19
CA GLY A 465 -17.15 36.13 -7.40
C GLY A 465 -16.36 35.91 -8.67
N VAL A 466 -16.93 35.13 -9.60
CA VAL A 466 -16.35 34.83 -10.90
C VAL A 466 -17.22 35.54 -11.93
N ILE A 467 -16.62 36.50 -12.66
CA ILE A 467 -17.35 37.25 -13.68
C ILE A 467 -17.13 36.59 -15.01
N LEU A 468 -18.23 36.13 -15.62
CA LEU A 468 -18.22 35.43 -16.90
C LEU A 468 -18.66 36.35 -18.02
N ASN A 469 -17.71 36.62 -18.93
CA ASN A 469 -17.80 37.44 -20.13
C ASN A 469 -17.98 38.93 -19.79
N ASP A 470 -17.22 39.34 -18.78
CA ASP A 470 -16.97 40.69 -18.30
C ASP A 470 -15.71 40.63 -17.43
N SER A 471 -15.09 41.80 -17.16
CA SER A 471 -13.89 41.93 -16.33
C SER A 471 -14.26 41.66 -14.84
N PRO A 472 -13.27 41.40 -13.94
CA PRO A 472 -13.62 41.19 -12.52
C PRO A 472 -14.24 42.42 -11.82
N ALA A 473 -14.19 43.60 -12.49
CA ALA A 473 -14.68 44.88 -11.98
C ALA A 473 -16.20 45.04 -11.99
N LEU A 474 -16.94 43.96 -12.21
CA LEU A 474 -18.39 44.02 -12.22
C LEU A 474 -18.99 43.60 -10.89
N ARG A 475 -19.88 44.43 -10.36
CA ARG A 475 -20.62 44.15 -9.13
C ARG A 475 -22.07 44.61 -9.26
N VAL A 476 -23.01 43.70 -8.98
CA VAL A 476 -24.47 44.01 -8.89
C VAL A 476 -24.72 44.12 -7.39
N ASP A 477 -25.46 45.15 -6.93
CA ASP A 477 -25.72 45.41 -5.50
C ASP A 477 -26.54 44.33 -4.75
N SER A 478 -27.17 43.41 -5.50
CA SER A 478 -27.96 42.32 -4.92
C SER A 478 -27.18 40.99 -4.84
N GLN A 479 -26.02 40.88 -5.55
CA GLN A 479 -25.18 39.68 -5.57
C GLN A 479 -24.42 39.49 -4.24
N PRO A 480 -24.12 38.22 -3.82
CA PRO A 480 -23.24 38.04 -2.64
C PRO A 480 -21.82 38.47 -3.02
N TYR A 481 -21.28 39.46 -2.29
CA TYR A 481 -19.98 40.07 -2.59
C TYR A 481 -19.05 40.03 -1.38
N GLY A 482 -17.85 39.52 -1.59
CA GLY A 482 -16.85 39.40 -0.55
C GLY A 482 -15.69 38.56 -1.00
N GLY A 483 -14.71 38.39 -0.14
CA GLY A 483 -13.51 37.68 -0.54
C GLY A 483 -13.16 36.42 0.22
N LEU A 484 -12.19 35.70 -0.35
CA LEU A 484 -11.54 34.53 0.21
C LEU A 484 -10.14 34.98 0.58
N LYS A 485 -9.41 34.16 1.33
CA LYS A 485 -8.02 34.42 1.72
C LYS A 485 -7.90 35.80 2.45
N ASP A 486 -6.95 36.67 2.04
CA ASP A 486 -6.71 37.98 2.65
C ASP A 486 -7.71 39.05 2.22
N SER A 487 -8.61 38.74 1.27
CA SER A 487 -9.62 39.68 0.80
C SER A 487 -10.77 39.89 1.79
N GLY A 488 -10.86 39.04 2.81
CA GLY A 488 -11.85 39.17 3.87
C GLY A 488 -12.54 37.90 4.31
N ILE A 489 -13.66 38.10 5.00
CA ILE A 489 -14.61 37.11 5.55
C ILE A 489 -16.01 37.73 5.48
N GLN A 490 -17.04 36.89 5.24
CA GLN A 490 -18.46 37.23 5.13
C GLN A 490 -18.81 37.88 3.79
N ARG A 491 -20.09 38.16 3.57
CA ARG A 491 -20.58 38.71 2.32
C ARG A 491 -21.50 39.91 2.50
N GLU A 492 -21.25 40.93 1.67
CA GLU A 492 -22.09 42.10 1.51
C GLU A 492 -23.01 41.81 0.31
N GLY A 493 -23.81 42.77 -0.12
CA GLY A 493 -24.93 42.55 -1.03
C GLY A 493 -26.08 42.49 -0.04
N VAL A 494 -27.04 43.41 -0.15
CA VAL A 494 -28.09 43.70 0.84
C VAL A 494 -28.62 42.47 1.65
N LYS A 495 -29.26 41.46 1.01
CA LYS A 495 -29.83 40.33 1.75
C LYS A 495 -28.77 39.51 2.52
N TYR A 496 -27.52 39.49 2.03
CA TYR A 496 -26.39 38.78 2.64
C TYR A 496 -25.84 39.55 3.86
N ALA A 497 -25.74 40.89 3.74
CA ALA A 497 -25.28 41.75 4.84
C ALA A 497 -26.30 41.74 5.99
N MET A 498 -27.62 41.68 5.66
CA MET A 498 -28.74 41.60 6.62
C MET A 498 -28.61 40.34 7.49
N ASP A 499 -28.15 39.23 6.90
CA ASP A 499 -27.95 37.96 7.60
C ASP A 499 -26.93 38.06 8.74
N ASP A 500 -25.82 38.79 8.52
CA ASP A 500 -24.78 39.00 9.53
C ASP A 500 -25.30 39.93 10.66
N MET A 501 -26.34 40.73 10.36
CA MET A 501 -26.98 41.67 11.30
C MET A 501 -28.19 41.04 11.99
N LEU A 502 -28.42 39.76 11.75
CA LEU A 502 -29.52 39.01 12.34
C LEU A 502 -28.99 37.80 13.09
N GLU A 503 -29.58 37.52 14.26
CA GLU A 503 -29.27 36.38 15.11
C GLU A 503 -30.46 35.42 15.03
N THR A 504 -30.16 34.12 14.97
CA THR A 504 -31.15 33.05 14.90
C THR A 504 -31.68 32.68 16.29
N LYS A 505 -33.01 32.57 16.43
CA LYS A 505 -33.65 32.11 17.66
C LYS A 505 -34.68 31.04 17.32
N VAL A 506 -34.66 29.94 18.05
CA VAL A 506 -35.63 28.85 17.84
C VAL A 506 -36.57 28.71 19.03
N LEU A 507 -37.87 28.55 18.74
CA LEU A 507 -38.86 28.23 19.74
C LEU A 507 -39.11 26.74 19.60
N VAL A 508 -38.63 25.93 20.55
CA VAL A 508 -38.80 24.48 20.53
C VAL A 508 -40.07 24.18 21.31
N MET A 509 -41.09 23.68 20.59
CA MET A 509 -42.43 23.44 21.10
C MET A 509 -42.73 21.97 21.35
N ARG A 510 -43.02 21.64 22.60
CA ARG A 510 -43.34 20.30 23.07
C ARG A 510 -44.85 20.16 23.19
N ASN A 511 -45.44 19.31 22.33
CA ASN A 511 -46.88 18.98 22.24
C ASN A 511 -47.80 20.20 22.27
N VAL A 512 -47.45 21.24 21.50
CA VAL A 512 -48.25 22.46 21.38
C VAL A 512 -49.35 22.12 20.39
N GLY A 513 -50.60 22.25 20.84
CA GLY A 513 -51.77 21.91 20.04
C GLY A 513 -52.49 20.69 20.58
N THR A 514 -51.97 20.13 21.69
CA THR A 514 -52.53 18.99 22.39
C THR A 514 -53.49 19.56 23.43
N LEU A 515 -54.80 19.27 23.27
CA LEU A 515 -55.79 19.80 24.22
C LEU A 515 -55.73 19.06 25.58
N VAL B 35 -7.19 -4.85 37.19
CA VAL B 35 -7.12 -5.63 35.95
C VAL B 35 -5.85 -5.25 35.13
N THR B 36 -6.02 -4.59 33.95
CA THR B 36 -4.99 -4.12 33.01
C THR B 36 -5.63 -3.06 32.08
N PRO B 37 -5.00 -1.86 31.91
CA PRO B 37 -5.62 -0.83 31.04
C PRO B 37 -5.58 -1.15 29.55
N LYS B 38 -6.64 -0.72 28.81
CA LYS B 38 -6.74 -0.94 27.36
C LYS B 38 -5.90 0.09 26.61
N LYS B 39 -5.01 -0.41 25.72
CA LYS B 39 -4.12 0.42 24.91
C LYS B 39 -4.84 0.87 23.64
N TYR B 40 -5.02 2.19 23.49
CA TYR B 40 -5.68 2.83 22.35
C TYR B 40 -4.65 3.43 21.39
N ASN B 41 -5.10 3.79 20.18
CA ASN B 41 -4.26 4.41 19.15
C ASN B 41 -4.80 5.80 18.80
N ILE B 42 -3.89 6.77 18.55
CA ILE B 42 -4.27 8.12 18.12
C ILE B 42 -4.23 8.16 16.59
N PHE B 43 -4.92 9.13 15.99
CA PHE B 43 -4.98 9.21 14.54
C PHE B 43 -4.24 10.38 13.98
N LEU B 44 -3.33 10.09 13.05
CA LEU B 44 -2.51 11.06 12.36
C LEU B 44 -2.59 10.76 10.86
N ALA B 45 -3.18 11.71 10.11
CA ALA B 45 -3.41 11.64 8.66
C ALA B 45 -4.16 10.35 8.27
N SER B 46 -5.32 10.14 8.92
CA SER B 46 -6.26 9.02 8.75
C SER B 46 -5.76 7.64 9.25
N LYS B 47 -4.49 7.53 9.68
CA LYS B 47 -3.91 6.26 10.14
C LYS B 47 -3.70 6.15 11.66
N PRO B 48 -3.90 4.95 12.28
CA PRO B 48 -3.65 4.82 13.72
C PRO B 48 -2.15 4.77 14.03
N VAL B 49 -1.73 5.52 15.07
CA VAL B 49 -0.33 5.62 15.50
C VAL B 49 -0.18 5.51 17.03
N ASP B 50 0.96 4.98 17.46
CA ASP B 50 1.34 4.81 18.86
C ASP B 50 2.86 5.04 19.02
N GLY B 51 3.65 4.37 18.17
CA GLY B 51 5.11 4.43 18.13
C GLY B 51 5.79 4.46 19.48
N ASP B 52 6.80 5.34 19.62
CA ASP B 52 7.55 5.53 20.87
C ASP B 52 7.07 6.69 21.70
N ARG B 53 5.84 7.19 21.43
CA ARG B 53 5.21 8.31 22.16
C ARG B 53 4.90 7.92 23.59
N LYS B 54 5.00 8.90 24.51
CA LYS B 54 4.69 8.71 25.92
C LYS B 54 3.19 8.48 26.10
N TRP B 55 2.80 7.78 27.16
CA TRP B 55 1.39 7.48 27.41
C TRP B 55 0.68 8.48 28.31
N LEU B 56 -0.56 8.77 27.95
CA LEU B 56 -1.49 9.63 28.70
C LEU B 56 -2.49 8.66 29.31
N ASP B 57 -2.63 8.72 30.65
CA ASP B 57 -3.55 7.85 31.36
C ASP B 57 -4.98 8.40 31.37
N VAL B 58 -5.95 7.50 31.15
CA VAL B 58 -7.37 7.79 31.17
C VAL B 58 -7.97 6.98 32.32
N THR B 59 -8.53 7.67 33.32
CA THR B 59 -9.08 7.04 34.51
C THR B 59 -10.57 6.76 34.42
N ASN B 60 -11.03 5.72 35.15
CA ASN B 60 -12.43 5.37 35.30
C ASN B 60 -12.91 6.41 36.32
N LYS B 61 -13.74 7.39 35.90
CA LYS B 61 -14.16 8.53 36.75
C LYS B 61 -14.92 8.16 38.04
N TYR B 62 -15.31 6.87 38.20
CA TYR B 62 -15.98 6.39 39.41
C TYR B 62 -14.98 5.71 40.35
N THR B 63 -14.21 4.72 39.85
CA THR B 63 -13.22 3.99 40.66
C THR B 63 -11.91 4.77 40.86
N ASN B 64 -11.67 5.80 40.01
CA ASN B 64 -10.49 6.68 39.97
C ASN B 64 -9.19 5.90 39.64
N ASP B 65 -9.34 4.71 39.03
CA ASP B 65 -8.24 3.85 38.60
C ASP B 65 -8.06 3.95 37.09
N VAL B 66 -6.79 3.86 36.62
CA VAL B 66 -6.43 3.94 35.20
C VAL B 66 -7.02 2.77 34.44
N ALA B 67 -7.89 3.07 33.45
CA ALA B 67 -8.57 2.05 32.66
C ALA B 67 -8.14 2.04 31.19
N ALA B 68 -7.48 3.10 30.73
CA ALA B 68 -7.00 3.21 29.35
C ALA B 68 -5.70 3.99 29.23
N LYS B 69 -4.89 3.66 28.22
CA LYS B 69 -3.62 4.32 27.90
C LYS B 69 -3.67 4.85 26.48
N VAL B 70 -3.51 6.17 26.33
CA VAL B 70 -3.59 6.88 25.05
C VAL B 70 -2.22 7.51 24.67
N PRO B 71 -1.70 7.27 23.44
CA PRO B 71 -0.40 7.90 23.05
C PRO B 71 -0.48 9.43 23.06
N GLN B 72 0.54 10.08 23.65
CA GLN B 72 0.62 11.53 23.74
C GLN B 72 1.24 12.09 22.45
N ALA B 73 0.45 12.90 21.71
CA ALA B 73 0.88 13.50 20.44
C ALA B 73 1.88 14.62 20.69
N THR B 74 2.85 14.76 19.78
CA THR B 74 3.90 15.76 19.87
C THR B 74 3.58 17.02 19.03
N HIS B 75 4.43 18.06 19.15
CA HIS B 75 4.33 19.30 18.40
C HIS B 75 4.45 18.99 16.89
N LYS B 76 5.40 18.09 16.51
CA LYS B 76 5.61 17.64 15.12
C LYS B 76 4.37 16.92 14.61
N ASP B 77 3.72 16.08 15.46
CA ASP B 77 2.49 15.35 15.13
C ASP B 77 1.37 16.30 14.74
N ILE B 78 1.24 17.41 15.49
CA ILE B 78 0.23 18.43 15.22
C ILE B 78 0.55 19.15 13.90
N ASP B 79 1.82 19.58 13.71
CA ASP B 79 2.27 20.25 12.48
C ASP B 79 2.08 19.37 11.23
N ASP B 80 2.35 18.05 11.35
CA ASP B 80 2.22 17.07 10.29
C ASP B 80 0.75 16.80 9.95
N ALA B 81 -0.14 16.83 10.98
CA ALA B 81 -1.58 16.63 10.85
C ALA B 81 -2.21 17.78 10.08
N ILE B 82 -1.74 19.02 10.35
CA ILE B 82 -2.22 20.24 9.69
C ILE B 82 -1.79 20.25 8.21
N ASP B 83 -0.53 19.84 7.92
CA ASP B 83 -0.02 19.75 6.55
C ASP B 83 -0.76 18.69 5.72
N ALA B 84 -1.14 17.57 6.37
CA ALA B 84 -1.87 16.48 5.73
C ALA B 84 -3.31 16.90 5.39
N ALA B 85 -3.94 17.75 6.25
CA ALA B 85 -5.27 18.30 6.05
C ALA B 85 -5.28 19.30 4.88
N VAL B 86 -4.24 20.14 4.77
CA VAL B 86 -4.06 21.10 3.66
C VAL B 86 -3.95 20.30 2.32
N ALA B 87 -3.12 19.23 2.31
CA ALA B 87 -2.87 18.35 1.17
C ALA B 87 -4.09 17.55 0.77
N ALA B 88 -4.97 17.23 1.75
CA ALA B 88 -6.19 16.46 1.50
C ALA B 88 -7.38 17.31 1.10
N ALA B 89 -7.32 18.65 1.32
CA ALA B 89 -8.41 19.57 0.98
C ALA B 89 -8.88 19.48 -0.49
N PRO B 90 -7.98 19.43 -1.53
CA PRO B 90 -8.48 19.28 -2.91
C PRO B 90 -9.29 18.00 -3.18
N ALA B 91 -8.82 16.85 -2.65
CA ALA B 91 -9.50 15.55 -2.78
C ALA B 91 -10.86 15.54 -2.03
N MET B 92 -10.92 16.17 -0.83
CA MET B 92 -12.12 16.30 0.00
C MET B 92 -13.16 17.12 -0.75
N ALA B 93 -12.72 18.22 -1.40
CA ALA B 93 -13.56 19.12 -2.19
C ALA B 93 -14.04 18.48 -3.49
N ALA B 94 -13.23 17.53 -4.05
CA ALA B 94 -13.51 16.82 -5.31
C ALA B 94 -14.50 15.67 -5.20
N MET B 95 -14.76 15.16 -3.96
CA MET B 95 -15.70 14.07 -3.67
C MET B 95 -17.11 14.39 -4.21
N GLY B 96 -17.79 13.36 -4.67
CA GLY B 96 -19.19 13.44 -5.08
C GLY B 96 -20.05 13.42 -3.84
N ALA B 97 -21.24 14.05 -3.91
CA ALA B 97 -22.18 14.14 -2.78
C ALA B 97 -22.54 12.75 -2.23
N TYR B 98 -22.69 11.77 -3.14
CA TYR B 98 -23.03 10.37 -2.79
C TYR B 98 -21.90 9.70 -1.99
N GLU B 99 -20.62 10.12 -2.25
CA GLU B 99 -19.43 9.60 -1.57
C GLU B 99 -19.41 10.07 -0.13
N ARG B 100 -19.70 11.38 0.08
CA ARG B 100 -19.77 11.97 1.42
C ARG B 100 -20.90 11.33 2.23
N LYS B 101 -22.09 11.13 1.60
CA LYS B 101 -23.23 10.46 2.21
C LYS B 101 -22.86 9.01 2.59
N ALA B 102 -22.14 8.27 1.69
CA ALA B 102 -21.72 6.87 1.93
C ALA B 102 -20.82 6.74 3.16
N VAL B 103 -19.89 7.71 3.36
CA VAL B 103 -18.98 7.81 4.50
C VAL B 103 -19.80 7.95 5.79
N LEU B 104 -20.74 8.90 5.80
CA LEU B 104 -21.59 9.17 6.96
C LEU B 104 -22.54 8.02 7.31
N GLU B 105 -23.07 7.31 6.29
CA GLU B 105 -23.95 6.14 6.49
C GLU B 105 -23.18 4.94 7.07
N LYS B 106 -21.87 4.83 6.75
CA LYS B 106 -21.00 3.77 7.27
C LYS B 106 -20.69 4.02 8.75
N VAL B 107 -20.60 5.31 9.16
CA VAL B 107 -20.39 5.72 10.56
C VAL B 107 -21.65 5.34 11.36
N VAL B 108 -22.85 5.64 10.81
CA VAL B 108 -24.15 5.30 11.41
C VAL B 108 -24.23 3.79 11.68
N ALA B 109 -23.89 2.97 10.67
CA ALA B 109 -23.88 1.50 10.75
C ALA B 109 -22.96 0.98 11.84
N GLU B 110 -21.70 1.48 11.88
CA GLU B 110 -20.70 1.08 12.86
C GLU B 110 -21.04 1.52 14.29
N LEU B 111 -21.64 2.72 14.45
CA LEU B 111 -22.05 3.23 15.77
C LEU B 111 -23.14 2.34 16.36
N LYS B 112 -24.10 1.89 15.51
CA LYS B 112 -25.20 0.99 15.87
C LYS B 112 -24.65 -0.38 16.30
N ASN B 113 -23.64 -0.88 15.57
CA ASN B 113 -22.99 -2.17 15.79
C ASN B 113 -22.14 -2.22 17.07
N ARG B 114 -21.53 -1.08 17.46
CA ARG B 114 -20.68 -0.98 18.65
C ARG B 114 -21.37 -0.16 19.78
N PHE B 115 -22.72 -0.06 19.71
CA PHE B 115 -23.57 0.71 20.63
C PHE B 115 -23.19 0.59 22.12
N GLU B 116 -23.34 -0.62 22.72
CA GLU B 116 -23.05 -0.85 24.14
C GLU B 116 -21.60 -0.60 24.52
N GLU B 117 -20.65 -1.03 23.65
CA GLU B 117 -19.21 -0.84 23.83
C GLU B 117 -18.89 0.66 24.00
N ILE B 118 -19.45 1.52 23.10
CA ILE B 118 -19.27 2.98 23.14
C ILE B 118 -19.90 3.57 24.41
N ALA B 119 -21.14 3.16 24.73
CA ALA B 119 -21.88 3.60 25.92
C ALA B 119 -21.12 3.30 27.21
N GLN B 120 -20.56 2.07 27.35
CA GLN B 120 -19.78 1.65 28.51
C GLN B 120 -18.50 2.50 28.64
N THR B 121 -17.84 2.78 27.50
CA THR B 121 -16.61 3.59 27.42
C THR B 121 -16.90 5.03 27.86
N LEU B 122 -18.03 5.58 27.38
CA LEU B 122 -18.56 6.92 27.65
C LEU B 122 -18.76 7.10 29.16
N THR B 123 -19.48 6.15 29.81
CA THR B 123 -19.77 6.12 31.26
C THR B 123 -18.46 6.07 32.06
N MET B 124 -17.52 5.21 31.64
CA MET B 124 -16.24 4.98 32.29
C MET B 124 -15.34 6.23 32.30
N GLU B 125 -15.16 6.88 31.14
CA GLU B 125 -14.27 8.02 30.99
C GLU B 125 -14.87 9.37 31.43
N SER B 126 -16.21 9.48 31.55
CA SER B 126 -16.85 10.75 31.92
C SER B 126 -17.52 10.73 33.30
N GLY B 127 -17.97 9.56 33.73
CA GLY B 127 -18.65 9.39 35.02
C GLY B 127 -20.15 9.53 34.94
N LYS B 128 -20.69 9.69 33.71
CA LYS B 128 -22.13 9.84 33.49
C LYS B 128 -22.85 8.48 33.58
N PRO B 129 -24.11 8.44 34.11
CA PRO B 129 -24.81 7.15 34.18
C PRO B 129 -24.99 6.47 32.82
N ILE B 130 -25.11 5.13 32.81
CA ILE B 130 -25.26 4.35 31.57
C ILE B 130 -26.51 4.77 30.76
N LYS B 131 -27.61 5.16 31.43
CA LYS B 131 -28.86 5.63 30.79
C LYS B 131 -28.58 6.88 29.93
N ASP B 132 -27.78 7.82 30.49
CA ASP B 132 -27.39 9.09 29.88
C ASP B 132 -26.35 8.90 28.79
N ALA B 133 -25.53 7.83 28.91
CA ALA B 133 -24.49 7.47 27.95
C ALA B 133 -25.13 6.84 26.74
N ARG B 134 -26.07 5.89 26.95
CA ARG B 134 -26.82 5.23 25.87
C ARG B 134 -27.58 6.27 25.06
N GLY B 135 -28.14 7.26 25.78
CA GLY B 135 -28.86 8.40 25.22
C GLY B 135 -27.98 9.25 24.33
N GLU B 136 -26.68 9.40 24.70
CA GLU B 136 -25.68 10.16 23.93
C GLU B 136 -25.28 9.42 22.63
N VAL B 137 -25.18 8.07 22.68
CA VAL B 137 -24.84 7.26 21.51
C VAL B 137 -26.00 7.36 20.49
N THR B 138 -27.26 7.29 20.97
CA THR B 138 -28.48 7.43 20.16
C THR B 138 -28.53 8.80 19.46
N ARG B 139 -28.18 9.87 20.22
CA ARG B 139 -28.10 11.27 19.77
C ARG B 139 -27.04 11.43 18.68
N THR B 140 -25.89 10.73 18.84
CA THR B 140 -24.75 10.74 17.92
C THR B 140 -25.14 10.06 16.59
N ILE B 141 -25.89 8.94 16.67
CA ILE B 141 -26.39 8.20 15.51
C ILE B 141 -27.29 9.13 14.66
N ASP B 142 -28.19 9.88 15.32
CA ASP B 142 -29.09 10.84 14.68
C ASP B 142 -28.31 12.00 14.03
N THR B 143 -27.23 12.48 14.69
CA THR B 143 -26.37 13.58 14.22
C THR B 143 -25.68 13.21 12.88
N PHE B 144 -25.15 11.99 12.77
CA PHE B 144 -24.51 11.49 11.56
C PHE B 144 -25.54 11.19 10.47
N GLN B 145 -26.72 10.70 10.88
CA GLN B 145 -27.83 10.39 9.97
C GLN B 145 -28.36 11.69 9.33
N VAL B 146 -28.59 12.75 10.15
CA VAL B 146 -29.01 14.06 9.65
C VAL B 146 -27.97 14.55 8.66
N ALA B 147 -26.67 14.45 9.02
CA ALA B 147 -25.53 14.84 8.17
C ALA B 147 -25.50 14.10 6.85
N ALA B 148 -25.69 12.76 6.85
CA ALA B 148 -25.70 11.94 5.64
C ALA B 148 -26.74 12.49 4.65
N GLU B 149 -27.93 12.82 5.15
CA GLU B 149 -29.03 13.37 4.38
C GLU B 149 -28.79 14.79 3.87
N GLU B 150 -28.17 15.64 4.71
CA GLU B 150 -27.82 17.00 4.34
C GLU B 150 -26.68 17.08 3.31
N SER B 151 -25.76 16.06 3.24
CA SER B 151 -24.62 16.04 2.32
C SER B 151 -25.02 16.04 0.85
N VAL B 152 -26.22 15.46 0.55
CA VAL B 152 -26.75 15.38 -0.81
C VAL B 152 -27.80 16.50 -1.07
N ARG B 153 -27.85 17.50 -0.17
CA ARG B 153 -28.83 18.59 -0.21
C ARG B 153 -28.23 19.99 -0.10
N ILE B 154 -26.97 20.15 -0.50
CA ILE B 154 -26.32 21.45 -0.48
C ILE B 154 -26.76 22.14 -1.78
N TYR B 155 -27.85 22.89 -1.67
CA TYR B 155 -28.46 23.62 -2.76
C TYR B 155 -27.83 24.97 -2.95
N GLY B 156 -27.88 25.43 -4.19
CA GLY B 156 -27.42 26.75 -4.56
C GLY B 156 -28.59 27.53 -5.13
N GLU B 157 -28.34 28.74 -5.60
CA GLU B 157 -29.40 29.56 -6.16
C GLU B 157 -29.10 29.97 -7.59
N HIS B 158 -30.16 30.18 -8.35
CA HIS B 158 -30.09 30.83 -9.64
C HIS B 158 -30.74 32.18 -9.32
N ILE B 159 -29.97 33.25 -9.44
CA ILE B 159 -30.48 34.56 -9.10
C ILE B 159 -30.57 35.48 -10.33
N PRO B 160 -31.71 36.18 -10.51
CA PRO B 160 -31.76 37.19 -11.59
C PRO B 160 -30.91 38.39 -11.12
N LEU B 161 -30.10 38.96 -12.01
CA LEU B 161 -29.27 40.09 -11.60
C LEU B 161 -29.63 41.38 -12.33
N ASP B 162 -30.63 41.30 -13.22
CA ASP B 162 -31.14 42.43 -14.01
C ASP B 162 -32.22 43.19 -13.23
N ILE B 163 -31.84 43.60 -12.00
CA ILE B 163 -32.65 44.30 -11.00
C ILE B 163 -32.95 45.74 -11.42
N SER B 164 -32.09 46.30 -12.29
CA SER B 164 -32.21 47.64 -12.84
C SER B 164 -31.67 47.64 -14.28
N ALA B 165 -31.99 48.69 -15.06
CA ALA B 165 -31.61 48.87 -16.47
C ALA B 165 -30.09 48.72 -16.75
N ARG B 166 -29.26 49.25 -15.82
CA ARG B 166 -27.80 49.22 -15.82
C ARG B 166 -27.29 47.76 -15.90
N ASN B 167 -28.03 46.85 -15.24
CA ASN B 167 -27.73 45.44 -15.08
C ASN B 167 -28.46 44.51 -16.05
N LYS B 168 -28.98 45.04 -17.17
CA LYS B 168 -29.64 44.26 -18.22
C LYS B 168 -28.72 43.12 -18.71
N GLY B 169 -29.31 41.93 -18.87
CA GLY B 169 -28.61 40.74 -19.36
C GLY B 169 -27.72 40.04 -18.36
N LEU B 170 -27.90 40.36 -17.07
CA LEU B 170 -27.12 39.72 -16.02
C LEU B 170 -27.93 38.71 -15.23
N GLN B 171 -27.31 37.56 -14.96
CA GLN B 171 -27.89 36.49 -14.16
C GLN B 171 -26.76 35.89 -13.32
N GLY B 172 -27.10 35.17 -12.26
CA GLY B 172 -26.07 34.60 -11.41
C GLY B 172 -26.36 33.20 -10.90
N ILE B 173 -25.29 32.43 -10.65
CA ILE B 173 -25.39 31.11 -10.04
C ILE B 173 -24.60 31.20 -8.73
N VAL B 174 -25.28 31.03 -7.61
CA VAL B 174 -24.67 31.08 -6.28
C VAL B 174 -24.50 29.66 -5.79
N LYS B 175 -23.27 29.24 -5.54
CA LYS B 175 -22.94 27.90 -5.06
C LYS B 175 -22.12 28.01 -3.78
N LYS B 176 -22.10 26.93 -2.98
CA LYS B 176 -21.37 26.90 -1.72
C LYS B 176 -20.27 25.88 -1.82
N PHE B 177 -19.06 26.26 -1.39
CA PHE B 177 -17.85 25.43 -1.48
C PHE B 177 -17.23 25.20 -0.11
N PRO B 178 -16.59 24.04 0.15
CA PRO B 178 -15.92 23.85 1.46
C PRO B 178 -14.97 25.00 1.83
N ILE B 179 -14.96 25.41 3.10
CA ILE B 179 -14.10 26.49 3.60
C ILE B 179 -12.61 26.10 3.57
N GLY B 180 -12.34 24.81 3.83
CA GLY B 180 -10.99 24.25 3.89
C GLY B 180 -10.72 23.54 5.20
N PRO B 181 -9.42 23.44 5.64
CA PRO B 181 -9.13 22.74 6.91
C PRO B 181 -9.78 23.36 8.13
N VAL B 182 -10.36 22.52 8.97
CA VAL B 182 -11.09 22.92 10.17
C VAL B 182 -10.35 22.45 11.42
N SER B 183 -10.25 23.33 12.41
CA SER B 183 -9.68 23.02 13.71
C SER B 183 -10.85 22.78 14.66
N MET B 184 -10.85 21.63 15.34
CA MET B 184 -11.92 21.27 16.27
C MET B 184 -11.39 21.04 17.66
N VAL B 185 -12.02 21.70 18.62
CA VAL B 185 -11.69 21.57 20.04
C VAL B 185 -13.02 21.31 20.76
N SER B 186 -13.13 20.14 21.41
CA SER B 186 -14.35 19.67 22.08
C SER B 186 -14.21 19.55 23.62
N PRO B 187 -15.33 19.60 24.42
CA PRO B 187 -15.19 19.51 25.87
C PRO B 187 -15.27 18.07 26.41
N TRP B 188 -15.33 17.91 27.75
CA TRP B 188 -15.39 16.60 28.37
C TRP B 188 -16.81 16.03 28.57
N ASN B 189 -17.83 16.88 28.84
CA ASN B 189 -19.17 16.43 29.26
C ASN B 189 -19.96 15.63 28.21
N PHE B 190 -19.83 15.93 26.90
CA PHE B 190 -20.45 15.10 25.87
C PHE B 190 -19.32 14.77 24.92
N PRO B 191 -18.46 13.78 25.29
CA PRO B 191 -17.28 13.51 24.45
C PRO B 191 -17.54 12.85 23.10
N LEU B 192 -18.79 12.48 22.83
CA LEU B 192 -19.14 11.85 21.56
C LEU B 192 -20.05 12.75 20.72
N ASN B 193 -21.20 13.15 21.27
CA ASN B 193 -22.18 13.96 20.57
C ASN B 193 -21.67 15.34 20.15
N LEU B 194 -20.86 16.00 21.01
CA LEU B 194 -20.31 17.33 20.67
C LEU B 194 -19.17 17.27 19.65
N VAL B 195 -18.49 16.11 19.56
CA VAL B 195 -17.46 15.85 18.54
C VAL B 195 -18.23 15.61 17.21
N ALA B 196 -19.32 14.80 17.28
CA ALA B 196 -20.23 14.50 16.15
C ALA B 196 -20.79 15.79 15.50
N HIS B 197 -21.18 16.78 16.33
CA HIS B 197 -21.70 18.05 15.84
C HIS B 197 -20.66 18.89 15.06
N LYS B 198 -19.41 18.44 15.05
CA LYS B 198 -18.32 19.12 14.31
C LYS B 198 -17.86 18.24 13.15
N VAL B 199 -17.58 16.95 13.46
CA VAL B 199 -17.10 15.94 12.53
C VAL B 199 -18.13 15.65 11.42
N ALA B 200 -19.39 15.35 11.79
CA ALA B 200 -20.43 15.05 10.79
C ALA B 200 -20.64 16.21 9.78
N PRO B 201 -20.82 17.49 10.18
CA PRO B 201 -20.94 18.56 9.17
C PRO B 201 -19.71 18.73 8.27
N ALA B 202 -18.50 18.48 8.81
CA ALA B 202 -17.23 18.58 8.07
C ALA B 202 -17.19 17.55 6.96
N ILE B 203 -17.60 16.31 7.26
CA ILE B 203 -17.64 15.24 6.25
C ILE B 203 -18.79 15.50 5.26
N ALA B 204 -19.95 15.97 5.74
CA ALA B 204 -21.12 16.25 4.90
C ALA B 204 -20.83 17.33 3.83
N VAL B 205 -19.91 18.25 4.15
CA VAL B 205 -19.47 19.37 3.31
C VAL B 205 -18.25 18.99 2.43
N GLY B 206 -17.29 18.27 3.02
CA GLY B 206 -16.05 17.87 2.36
C GLY B 206 -14.89 18.73 2.79
N CYS B 207 -14.75 18.91 4.12
CA CYS B 207 -13.71 19.70 4.78
C CYS B 207 -12.77 18.76 5.52
N PRO B 208 -11.44 18.80 5.28
CA PRO B 208 -10.54 17.97 6.12
C PRO B 208 -10.46 18.62 7.50
N PHE B 209 -10.14 17.83 8.54
CA PHE B 209 -10.09 18.37 9.89
C PHE B 209 -9.04 17.76 10.81
N VAL B 210 -8.71 18.50 11.89
CA VAL B 210 -7.80 18.06 12.95
C VAL B 210 -8.55 18.32 14.24
N LEU B 211 -8.90 17.24 14.96
CA LEU B 211 -9.69 17.28 16.20
C LEU B 211 -8.83 17.06 17.44
N LYS B 212 -8.93 18.01 18.40
CA LYS B 212 -8.28 17.95 19.70
C LYS B 212 -9.39 17.71 20.74
N PRO B 213 -9.67 16.44 21.11
CA PRO B 213 -10.68 16.19 22.14
C PRO B 213 -10.12 16.46 23.54
N ALA B 214 -11.00 16.53 24.57
CA ALA B 214 -10.59 16.77 25.95
C ALA B 214 -9.73 15.61 26.45
N SER B 215 -8.57 15.92 27.09
CA SER B 215 -7.60 14.96 27.61
C SER B 215 -8.21 13.93 28.55
N ARG B 216 -9.17 14.35 29.39
CA ARG B 216 -9.86 13.51 30.36
C ARG B 216 -10.84 12.52 29.70
N THR B 217 -11.44 12.90 28.55
CA THR B 217 -12.41 12.08 27.82
C THR B 217 -12.04 11.88 26.31
N PRO B 218 -10.92 11.23 25.95
CA PRO B 218 -10.57 11.13 24.51
C PRO B 218 -11.06 9.89 23.76
N LEU B 219 -11.38 8.81 24.49
CA LEU B 219 -11.76 7.48 24.00
C LEU B 219 -12.92 7.50 22.99
N SER B 220 -13.97 8.31 23.26
CA SER B 220 -15.14 8.45 22.39
C SER B 220 -14.74 8.97 21.01
N ALA B 221 -13.84 9.98 20.99
CA ALA B 221 -13.30 10.57 19.77
C ALA B 221 -12.36 9.60 19.04
N LEU B 222 -11.66 8.74 19.79
CA LEU B 222 -10.73 7.76 19.23
C LEU B 222 -11.45 6.57 18.61
N ILE B 223 -12.64 6.21 19.14
CA ILE B 223 -13.48 5.13 18.60
C ILE B 223 -14.05 5.60 17.25
N LEU B 224 -14.34 6.92 17.14
CA LEU B 224 -14.81 7.56 15.92
C LEU B 224 -13.70 7.49 14.87
N GLY B 225 -12.46 7.70 15.31
CA GLY B 225 -11.28 7.60 14.45
C GLY B 225 -11.09 6.20 13.91
N GLU B 226 -11.39 5.17 14.75
CA GLU B 226 -11.31 3.73 14.41
C GLU B 226 -12.33 3.39 13.32
N ILE B 227 -13.52 4.01 13.37
CA ILE B 227 -14.60 3.83 12.41
C ILE B 227 -14.22 4.47 11.08
N LEU B 228 -13.80 5.76 11.14
CA LEU B 228 -13.39 6.57 10.00
C LEU B 228 -12.23 5.96 9.22
N HIS B 229 -11.22 5.43 9.94
CA HIS B 229 -10.01 4.79 9.41
C HIS B 229 -10.34 3.65 8.43
N LYS B 230 -11.41 2.87 8.72
CA LYS B 230 -11.84 1.74 7.90
C LYS B 230 -12.64 2.14 6.65
N ILE B 231 -13.12 3.40 6.57
CA ILE B 231 -13.89 3.85 5.42
C ILE B 231 -12.94 4.28 4.27
N GLU B 232 -13.02 3.54 3.14
CA GLU B 232 -12.21 3.71 1.93
C GLU B 232 -12.53 4.96 1.11
N GLU B 233 -13.81 5.38 1.09
CA GLU B 233 -14.34 6.55 0.37
C GLU B 233 -13.80 7.88 0.92
N LEU B 234 -13.37 7.88 2.19
CA LEU B 234 -12.83 9.06 2.84
C LEU B 234 -11.34 9.15 2.51
N PRO B 235 -10.90 10.22 1.79
CA PRO B 235 -9.50 10.33 1.38
C PRO B 235 -8.48 10.31 2.52
N LEU B 236 -7.22 9.97 2.20
CA LEU B 236 -6.15 9.92 3.18
C LEU B 236 -5.71 11.33 3.59
N GLY B 237 -5.64 11.55 4.91
CA GLY B 237 -5.31 12.84 5.50
C GLY B 237 -6.51 13.71 5.80
N ALA B 238 -7.73 13.17 5.57
CA ALA B 238 -9.01 13.84 5.80
C ALA B 238 -9.24 14.16 7.26
N PHE B 239 -8.68 13.32 8.16
CA PHE B 239 -8.84 13.48 9.60
C PHE B 239 -7.60 13.10 10.38
N SER B 240 -7.47 13.70 11.56
CA SER B 240 -6.45 13.43 12.56
C SER B 240 -7.10 13.74 13.91
N ILE B 241 -6.91 12.85 14.90
CA ILE B 241 -7.47 12.99 16.24
C ILE B 241 -6.31 12.96 17.20
N LEU B 242 -5.97 14.13 17.73
CA LEU B 242 -4.80 14.27 18.61
C LEU B 242 -5.18 14.77 20.02
N PRO B 243 -5.44 13.84 20.97
CA PRO B 243 -5.77 14.27 22.34
C PRO B 243 -4.50 14.72 23.08
N VAL B 244 -4.33 16.04 23.18
CA VAL B 244 -3.20 16.69 23.85
C VAL B 244 -3.72 17.61 24.94
N SER B 245 -2.86 17.94 25.92
CA SER B 245 -3.23 18.85 26.98
C SER B 245 -3.28 20.28 26.41
N ARG B 246 -4.06 21.17 27.05
CA ARG B 246 -4.26 22.56 26.66
C ARG B 246 -2.98 23.39 26.46
N GLU B 247 -1.89 23.04 27.18
CA GLU B 247 -0.59 23.70 27.10
C GLU B 247 0.14 23.40 25.78
N ASP B 248 -0.22 22.29 25.10
CA ASP B 248 0.40 21.82 23.86
C ASP B 248 -0.44 22.10 22.62
N ALA B 249 -1.73 22.47 22.80
CA ALA B 249 -2.68 22.68 21.72
C ALA B 249 -2.86 24.14 21.26
N ASP B 250 -1.78 24.94 21.26
CA ASP B 250 -1.82 26.34 20.82
C ASP B 250 -2.07 26.50 19.30
N MET B 251 -1.45 25.63 18.48
CA MET B 251 -1.58 25.62 17.01
C MET B 251 -3.02 25.54 16.58
N PHE B 252 -3.86 24.76 17.32
CA PHE B 252 -5.30 24.59 17.05
C PHE B 252 -6.02 25.93 17.01
N THR B 253 -5.47 26.94 17.68
CA THR B 253 -6.04 28.28 17.73
C THR B 253 -5.44 29.23 16.68
N VAL B 254 -4.12 29.42 16.73
CA VAL B 254 -3.36 30.41 15.97
C VAL B 254 -2.99 30.07 14.51
N ASP B 255 -2.76 28.78 14.18
CA ASP B 255 -2.27 28.35 12.86
C ASP B 255 -3.13 28.83 11.66
N GLU B 256 -2.50 29.62 10.77
CA GLU B 256 -3.10 30.18 9.56
C GLU B 256 -3.51 29.12 8.50
N ARG B 257 -3.08 27.84 8.62
CA ARG B 257 -3.45 26.77 7.69
C ARG B 257 -4.91 26.31 7.87
N PHE B 258 -5.49 26.61 9.05
CA PHE B 258 -6.89 26.31 9.32
C PHE B 258 -7.71 27.52 8.86
N LYS B 259 -8.82 27.26 8.14
CA LYS B 259 -9.70 28.32 7.64
C LYS B 259 -10.86 28.58 8.62
N LEU B 260 -11.07 27.64 9.55
CA LEU B 260 -12.10 27.73 10.58
C LEU B 260 -11.66 27.04 11.86
N LEU B 261 -11.99 27.66 12.99
CA LEU B 261 -11.81 27.13 14.32
C LEU B 261 -13.22 26.96 14.92
N THR B 262 -13.58 25.74 15.27
CA THR B 262 -14.86 25.46 15.92
C THR B 262 -14.56 24.92 17.31
N PHE B 263 -14.94 25.71 18.32
CA PHE B 263 -14.70 25.40 19.73
C PHE B 263 -15.97 25.21 20.52
N THR B 264 -15.98 24.17 21.38
CA THR B 264 -17.03 23.86 22.34
C THR B 264 -16.33 23.69 23.68
N GLY B 265 -16.65 24.56 24.61
CA GLY B 265 -16.03 24.57 25.93
C GLY B 265 -16.39 25.79 26.74
N SER B 266 -15.58 26.09 27.80
CA SER B 266 -15.83 27.20 28.72
C SER B 266 -15.67 28.56 28.06
N GLY B 267 -16.48 29.51 28.51
CA GLY B 267 -16.49 30.90 28.05
C GLY B 267 -15.14 31.59 28.04
N PRO B 268 -14.44 31.73 29.19
CA PRO B 268 -13.13 32.44 29.19
C PRO B 268 -12.08 31.88 28.23
N ILE B 269 -12.01 30.53 28.10
CA ILE B 269 -11.07 29.84 27.20
C ILE B 269 -11.41 30.17 25.73
N GLY B 270 -12.70 30.05 25.39
CA GLY B 270 -13.23 30.30 24.06
C GLY B 270 -13.03 31.71 23.55
N TRP B 271 -13.42 32.71 24.36
CA TRP B 271 -13.27 34.11 24.01
C TRP B 271 -11.81 34.52 23.80
N ASP B 272 -10.89 33.92 24.57
CA ASP B 272 -9.46 34.16 24.43
C ASP B 272 -8.92 33.50 23.15
N MET B 273 -9.48 32.32 22.78
CA MET B 273 -9.14 31.61 21.55
C MET B 273 -9.59 32.40 20.33
N LYS B 274 -10.74 33.08 20.40
CA LYS B 274 -11.27 33.93 19.33
C LYS B 274 -10.33 35.13 19.10
N ALA B 275 -9.81 35.71 20.22
CA ALA B 275 -8.89 36.84 20.23
C ALA B 275 -7.49 36.51 19.66
N ARG B 276 -7.07 35.24 19.73
CA ARG B 276 -5.77 34.78 19.25
C ARG B 276 -5.85 34.00 17.91
N ALA B 277 -7.07 33.77 17.39
CA ALA B 277 -7.36 32.98 16.19
C ALA B 277 -6.77 33.50 14.86
N GLY B 278 -6.49 34.79 14.77
CA GLY B 278 -5.98 35.38 13.54
C GLY B 278 -7.10 35.63 12.53
N LYS B 279 -6.82 35.36 11.24
CA LYS B 279 -7.69 35.56 10.08
C LYS B 279 -8.91 34.63 9.97
N LYS B 280 -8.76 33.37 10.42
CA LYS B 280 -9.78 32.31 10.33
C LYS B 280 -11.17 32.65 10.91
N LYS B 281 -12.22 31.98 10.37
CA LYS B 281 -13.56 32.12 10.89
C LYS B 281 -13.61 31.36 12.22
N VAL B 282 -14.52 31.77 13.11
CA VAL B 282 -14.67 31.20 14.45
C VAL B 282 -16.14 30.86 14.74
N VAL B 283 -16.35 29.69 15.39
CA VAL B 283 -17.62 29.17 15.89
C VAL B 283 -17.34 28.93 17.38
N MET B 284 -18.17 29.52 18.26
CA MET B 284 -18.03 29.43 19.72
C MET B 284 -19.27 28.88 20.41
N GLU B 285 -19.18 27.65 20.94
CA GLU B 285 -20.24 27.00 21.70
C GLU B 285 -19.77 26.99 23.16
N LEU B 286 -20.17 27.99 23.95
CA LEU B 286 -19.68 28.15 25.32
C LEU B 286 -20.74 27.88 26.40
N GLY B 287 -20.47 28.27 27.65
CA GLY B 287 -21.31 28.02 28.80
C GLY B 287 -22.65 28.71 28.86
N GLY B 288 -23.42 28.38 29.89
CA GLY B 288 -24.74 28.94 30.13
C GLY B 288 -25.16 28.93 31.58
N ASN B 289 -26.11 29.79 31.92
CA ASN B 289 -26.76 29.92 33.24
C ASN B 289 -28.27 29.95 32.91
N ALA B 290 -28.77 28.81 32.44
CA ALA B 290 -30.12 28.67 31.94
C ALA B 290 -31.25 28.78 32.99
N PRO B 291 -32.21 29.71 32.73
CA PRO B 291 -33.38 29.86 33.61
C PRO B 291 -34.64 29.14 33.06
N CYS B 292 -35.66 28.94 33.92
CA CYS B 292 -36.92 28.31 33.52
C CYS B 292 -38.08 28.94 34.27
N ILE B 293 -39.11 29.39 33.52
CA ILE B 293 -40.32 29.98 34.07
C ILE B 293 -41.43 28.92 34.18
N VAL B 294 -42.07 28.81 35.34
CA VAL B 294 -43.19 27.89 35.54
C VAL B 294 -44.41 28.75 35.84
N ASP B 295 -45.16 29.07 34.79
CA ASP B 295 -46.36 29.91 34.90
C ASP B 295 -47.63 29.06 34.97
N ASP B 296 -47.56 27.80 34.48
CA ASP B 296 -48.63 26.80 34.47
C ASP B 296 -48.00 25.40 34.52
N TYR B 297 -48.82 24.36 34.79
CA TYR B 297 -48.39 22.96 34.79
C TYR B 297 -48.80 22.44 33.41
N VAL B 298 -47.85 21.97 32.61
CA VAL B 298 -48.14 21.53 31.24
C VAL B 298 -47.57 20.12 30.92
N PRO B 299 -48.44 19.08 30.70
CA PRO B 299 -49.91 19.10 30.78
C PRO B 299 -50.45 19.08 32.21
N ASP B 300 -49.65 18.54 33.17
CA ASP B 300 -49.96 18.41 34.60
C ASP B 300 -48.72 18.63 35.46
N LEU B 301 -48.91 18.73 36.79
CA LEU B 301 -47.87 18.95 37.80
C LEU B 301 -46.77 17.89 37.82
N ASP B 302 -47.17 16.59 37.75
CA ASP B 302 -46.23 15.46 37.78
C ASP B 302 -45.26 15.52 36.61
N TYR B 303 -45.79 15.73 35.38
CA TYR B 303 -44.96 15.83 34.18
C TYR B 303 -44.05 17.04 34.26
N THR B 304 -44.56 18.19 34.75
CA THR B 304 -43.81 19.44 34.91
C THR B 304 -42.59 19.23 35.83
N ILE B 305 -42.81 18.62 37.02
CA ILE B 305 -41.75 18.33 37.99
C ILE B 305 -40.71 17.36 37.39
N GLN B 306 -41.18 16.31 36.69
CA GLN B 306 -40.36 15.31 36.01
C GLN B 306 -39.39 15.98 34.99
N ARG B 307 -39.85 17.03 34.27
CA ARG B 307 -39.04 17.75 33.29
C ARG B 307 -38.11 18.76 33.95
N LEU B 308 -38.54 19.34 35.09
CA LEU B 308 -37.75 20.28 35.87
C LEU B 308 -36.58 19.54 36.52
N ILE B 309 -36.80 18.28 36.98
CA ILE B 309 -35.77 17.42 37.57
C ILE B 309 -34.75 17.08 36.49
N ASN B 310 -35.24 16.74 35.29
CA ASN B 310 -34.40 16.44 34.15
C ASN B 310 -33.48 17.64 33.89
N GLY B 311 -34.09 18.82 33.76
CA GLY B 311 -33.38 20.07 33.53
C GLY B 311 -32.35 20.44 34.57
N GLY B 312 -32.72 20.28 35.84
CA GLY B 312 -31.85 20.62 36.94
C GLY B 312 -30.78 19.61 37.29
N PHE B 313 -31.03 18.32 37.03
CA PHE B 313 -30.09 17.29 37.47
C PHE B 313 -29.69 16.23 36.43
N TYR B 314 -29.98 16.45 35.13
CA TYR B 314 -29.51 15.51 34.10
C TYR B 314 -28.00 15.67 34.03
N GLN B 315 -27.27 14.54 34.19
CA GLN B 315 -25.81 14.45 34.18
C GLN B 315 -25.16 15.25 35.33
N GLY B 316 -25.92 15.38 36.43
CA GLY B 316 -25.53 16.11 37.63
C GLY B 316 -25.24 17.57 37.37
N GLY B 317 -26.02 18.19 36.47
CA GLY B 317 -25.89 19.58 36.09
C GLY B 317 -24.66 19.92 35.26
N GLN B 318 -23.85 18.89 34.91
CA GLN B 318 -22.64 19.05 34.11
C GLN B 318 -23.02 19.09 32.63
N SER B 319 -23.84 20.11 32.29
CA SER B 319 -24.40 20.42 30.98
C SER B 319 -24.40 21.94 30.80
N CYS B 320 -24.24 22.36 29.55
CA CYS B 320 -24.22 23.75 29.09
C CYS B 320 -25.62 24.34 29.10
N ILE B 321 -26.65 23.47 29.03
CA ILE B 321 -28.08 23.83 29.08
C ILE B 321 -28.75 23.31 30.36
N HIS B 322 -27.95 23.21 31.43
CA HIS B 322 -28.42 22.81 32.76
C HIS B 322 -29.31 23.93 33.30
N MET B 323 -30.52 23.57 33.80
CA MET B 323 -31.47 24.53 34.39
C MET B 323 -30.90 24.94 35.76
N GLN B 324 -30.13 26.03 35.76
CA GLN B 324 -29.50 26.55 36.98
C GLN B 324 -30.50 27.36 37.80
N ARG B 325 -31.43 28.06 37.12
CA ARG B 325 -32.39 28.95 37.75
C ARG B 325 -33.85 28.57 37.48
N LEU B 326 -34.66 28.51 38.54
CA LEU B 326 -36.07 28.15 38.44
C LEU B 326 -36.95 29.27 39.01
N TYR B 327 -37.80 29.87 38.17
CA TYR B 327 -38.72 30.95 38.51
C TYR B 327 -40.15 30.43 38.47
N VAL B 328 -40.80 30.36 39.64
CA VAL B 328 -42.17 29.84 39.78
C VAL B 328 -43.12 30.94 40.24
N HIS B 329 -44.27 31.09 39.55
CA HIS B 329 -45.30 32.07 39.89
C HIS B 329 -45.81 31.80 41.30
N GLU B 330 -46.01 32.88 42.09
CA GLU B 330 -46.42 32.88 43.51
C GLU B 330 -47.60 31.94 43.85
N ARG B 331 -48.59 31.81 42.95
CA ARG B 331 -49.79 30.97 43.18
C ARG B 331 -49.50 29.45 43.08
N LEU B 332 -48.34 29.07 42.51
CA LEU B 332 -47.90 27.68 42.32
C LEU B 332 -46.66 27.37 43.13
N TYR B 333 -45.99 28.42 43.63
CA TYR B 333 -44.73 28.38 44.36
C TYR B 333 -44.59 27.27 45.39
N ASP B 334 -45.47 27.26 46.42
CA ASP B 334 -45.41 26.26 47.48
C ASP B 334 -45.68 24.84 46.97
N GLU B 335 -46.68 24.65 46.08
CA GLU B 335 -47.03 23.36 45.51
C GLU B 335 -45.85 22.77 44.69
N VAL B 336 -45.16 23.62 43.88
CA VAL B 336 -44.00 23.23 43.07
C VAL B 336 -42.78 22.96 43.98
N LYS B 337 -42.47 23.87 44.94
CA LYS B 337 -41.34 23.74 45.88
C LYS B 337 -41.39 22.42 46.65
N GLU B 338 -42.57 22.04 47.15
CA GLU B 338 -42.78 20.79 47.88
C GLU B 338 -42.55 19.57 46.97
N GLY B 339 -43.21 19.54 45.82
CA GLY B 339 -43.10 18.47 44.84
C GLY B 339 -41.72 18.27 44.24
N PHE B 340 -41.02 19.39 43.95
CA PHE B 340 -39.67 19.40 43.37
C PHE B 340 -38.64 18.88 44.37
N VAL B 341 -38.60 19.45 45.60
CA VAL B 341 -37.67 19.05 46.68
C VAL B 341 -37.83 17.55 47.00
N ALA B 342 -39.08 17.05 47.09
CA ALA B 342 -39.38 15.63 47.36
C ALA B 342 -38.83 14.73 46.24
N ALA B 343 -38.89 15.19 44.98
CA ALA B 343 -38.37 14.47 43.82
C ALA B 343 -36.83 14.48 43.78
N VAL B 344 -36.19 15.57 44.26
CA VAL B 344 -34.72 15.74 44.36
C VAL B 344 -34.14 14.71 45.35
N LYS B 345 -34.79 14.56 46.52
CA LYS B 345 -34.41 13.64 47.61
C LYS B 345 -34.54 12.17 47.22
N LYS B 346 -35.40 11.89 46.23
CA LYS B 346 -35.70 10.56 45.69
C LYS B 346 -34.72 10.13 44.60
N LEU B 347 -33.84 11.05 44.11
CA LEU B 347 -32.86 10.78 43.06
C LEU B 347 -31.76 9.84 43.51
N LYS B 348 -31.51 8.78 42.72
CA LYS B 348 -30.50 7.78 43.02
C LYS B 348 -29.11 8.21 42.54
N MET B 349 -28.19 8.36 43.49
CA MET B 349 -26.80 8.77 43.27
C MET B 349 -25.87 7.61 43.61
N GLY B 350 -24.89 7.34 42.76
CA GLY B 350 -23.92 6.27 42.97
C GLY B 350 -23.15 5.86 41.73
N ASN B 351 -22.88 4.53 41.61
CA ASN B 351 -22.13 3.92 40.51
C ASN B 351 -22.82 4.20 39.16
N PRO B 352 -22.15 4.95 38.25
CA PRO B 352 -22.77 5.25 36.95
C PRO B 352 -23.04 4.03 36.06
N PHE B 353 -22.38 2.89 36.35
CA PHE B 353 -22.54 1.62 35.64
C PHE B 353 -23.88 0.92 35.95
N GLU B 354 -24.53 1.29 37.08
CA GLU B 354 -25.83 0.75 37.51
C GLU B 354 -26.95 1.42 36.71
N GLU B 355 -27.94 0.62 36.28
CA GLU B 355 -29.10 1.04 35.49
C GLU B 355 -29.95 2.10 36.17
N ASP B 356 -30.26 1.91 37.48
CA ASP B 356 -31.11 2.80 38.28
C ASP B 356 -30.49 4.17 38.64
N THR B 357 -29.15 4.32 38.51
CA THR B 357 -28.43 5.55 38.85
C THR B 357 -28.86 6.75 38.01
N TYR B 358 -29.36 7.80 38.68
CA TYR B 358 -29.79 9.04 38.04
C TYR B 358 -28.59 9.97 37.88
N LEU B 359 -27.74 10.05 38.91
CA LEU B 359 -26.56 10.91 38.88
C LEU B 359 -25.33 10.21 39.43
N GLY B 360 -24.25 10.27 38.68
CA GLY B 360 -22.98 9.70 39.09
C GLY B 360 -22.10 10.73 39.74
N PRO B 361 -20.77 10.50 39.80
CA PRO B 361 -19.89 11.52 40.40
C PRO B 361 -19.56 12.65 39.41
N MET B 362 -18.95 13.73 39.91
CA MET B 362 -18.49 14.83 39.05
C MET B 362 -17.23 14.34 38.30
N ILE B 363 -16.71 15.14 37.35
CA ILE B 363 -15.52 14.80 36.57
C ILE B 363 -14.27 14.61 37.48
N SER B 364 -14.16 15.40 38.57
CA SER B 364 -13.08 15.33 39.55
C SER B 364 -13.56 15.73 40.94
N GLU B 365 -12.75 15.39 41.97
CA GLU B 365 -13.02 15.76 43.37
C GLU B 365 -12.90 17.28 43.53
N SER B 366 -11.96 17.88 42.76
CA SER B 366 -11.68 19.32 42.71
C SER B 366 -12.93 20.09 42.25
N ALA B 367 -13.60 19.59 41.18
CA ALA B 367 -14.82 20.15 40.62
C ALA B 367 -15.95 20.08 41.66
N ALA B 368 -16.09 18.93 42.34
CA ALA B 368 -17.11 18.70 43.38
C ALA B 368 -16.91 19.63 44.59
N LYS B 369 -15.64 19.88 44.98
CA LYS B 369 -15.25 20.78 46.08
C LYS B 369 -15.68 22.23 45.77
N GLY B 370 -15.49 22.66 44.53
CA GLY B 370 -15.86 23.98 44.04
C GLY B 370 -17.34 24.26 44.13
N ILE B 371 -18.17 23.23 43.83
CA ILE B 371 -19.64 23.29 43.91
C ILE B 371 -20.07 23.41 45.38
N GLU B 372 -19.43 22.61 46.27
CA GLU B 372 -19.66 22.61 47.72
C GLU B 372 -19.34 23.99 48.32
N ASP B 373 -18.27 24.63 47.83
CA ASP B 373 -17.83 25.97 48.25
C ASP B 373 -18.86 27.03 47.85
N TRP B 374 -19.33 26.99 46.60
CA TRP B 374 -20.32 27.92 46.04
C TRP B 374 -21.71 27.79 46.68
N VAL B 375 -22.07 26.57 47.13
CA VAL B 375 -23.33 26.28 47.84
C VAL B 375 -23.25 26.94 49.23
N LYS B 376 -22.11 26.74 49.93
CA LYS B 376 -21.80 27.29 51.25
C LYS B 376 -21.83 28.83 51.23
N GLU B 377 -21.23 29.44 50.18
CA GLU B 377 -21.18 30.89 49.96
C GLU B 377 -22.60 31.44 49.71
N ALA B 378 -23.40 30.74 48.88
CA ALA B 378 -24.76 31.13 48.54
C ALA B 378 -25.65 31.17 49.79
N VAL B 379 -25.47 30.21 50.72
CA VAL B 379 -26.21 30.13 51.98
C VAL B 379 -25.75 31.26 52.93
N ALA B 380 -24.43 31.51 52.98
CA ALA B 380 -23.81 32.57 53.79
C ALA B 380 -24.23 33.98 53.33
N LYS B 381 -24.55 34.13 52.02
CA LYS B 381 -24.98 35.40 51.43
C LYS B 381 -26.51 35.65 51.53
N GLY B 382 -27.24 34.74 52.18
CA GLY B 382 -28.68 34.88 52.40
C GLY B 382 -29.59 33.80 51.84
N GLY B 383 -29.03 32.88 51.06
CA GLY B 383 -29.77 31.77 50.45
C GLY B 383 -30.26 30.75 51.45
N LYS B 384 -31.45 30.20 51.21
CA LYS B 384 -32.08 29.20 52.07
C LYS B 384 -31.91 27.82 51.45
N LEU B 385 -31.09 26.96 52.08
CA LEU B 385 -30.81 25.60 51.61
C LEU B 385 -32.00 24.68 51.86
N LEU B 386 -32.67 24.26 50.77
CA LEU B 386 -33.85 23.39 50.86
C LEU B 386 -33.50 21.90 50.96
N THR B 387 -32.40 21.47 50.29
CA THR B 387 -31.90 20.08 50.26
C THR B 387 -30.44 19.98 49.78
N GLY B 388 -29.81 18.85 50.06
CA GLY B 388 -28.44 18.54 49.67
C GLY B 388 -27.38 19.48 50.20
N GLY B 389 -26.38 19.75 49.36
CA GLY B 389 -25.27 20.63 49.68
C GLY B 389 -24.04 19.96 50.26
N ASN B 390 -24.14 18.66 50.63
CA ASN B 390 -23.03 17.89 51.22
C ASN B 390 -22.21 17.11 50.17
N ARG B 391 -20.89 17.00 50.40
CA ARG B 391 -19.94 16.35 49.50
C ARG B 391 -19.25 15.12 50.09
N LYS B 392 -19.25 14.03 49.29
CA LYS B 392 -18.61 12.76 49.64
C LYS B 392 -17.64 12.42 48.49
N GLY B 393 -16.44 12.98 48.56
CA GLY B 393 -15.40 12.82 47.55
C GLY B 393 -15.75 13.53 46.27
N ALA B 394 -15.90 12.77 45.17
CA ALA B 394 -16.27 13.31 43.87
C ALA B 394 -17.79 13.50 43.77
N PHE B 395 -18.55 12.90 44.71
CA PHE B 395 -20.00 12.96 44.76
C PHE B 395 -20.48 14.16 45.53
N ILE B 396 -21.45 14.87 44.94
CA ILE B 396 -22.09 16.04 45.52
C ILE B 396 -23.62 15.88 45.41
N GLU B 397 -24.30 15.92 46.57
CA GLU B 397 -25.74 15.75 46.69
C GLU B 397 -26.55 16.73 45.83
N PRO B 398 -27.69 16.29 45.21
CA PRO B 398 -28.53 17.22 44.45
C PRO B 398 -29.04 18.31 45.41
N THR B 399 -28.72 19.57 45.08
CA THR B 399 -28.98 20.75 45.90
C THR B 399 -30.01 21.70 45.30
N VAL B 400 -30.88 22.26 46.17
CA VAL B 400 -31.88 23.26 45.83
C VAL B 400 -31.72 24.42 46.84
N ILE B 401 -31.34 25.61 46.35
CA ILE B 401 -31.15 26.80 47.20
C ILE B 401 -32.10 27.92 46.79
N GLU B 402 -32.86 28.42 47.76
CA GLU B 402 -33.89 29.43 47.61
C GLU B 402 -33.36 30.86 47.86
N ASP B 403 -33.81 31.81 47.01
CA ASP B 403 -33.55 33.26 47.07
C ASP B 403 -32.04 33.65 47.23
N VAL B 404 -31.18 33.09 46.38
CA VAL B 404 -29.74 33.38 46.36
C VAL B 404 -29.51 34.75 45.71
N PRO B 405 -28.80 35.70 46.37
CA PRO B 405 -28.59 37.03 45.75
C PRO B 405 -27.67 37.02 44.53
N ILE B 406 -27.74 38.09 43.70
CA ILE B 406 -26.96 38.27 42.47
C ILE B 406 -25.43 38.34 42.73
N GLU B 407 -25.02 38.81 43.93
CA GLU B 407 -23.60 38.91 44.32
C GLU B 407 -22.92 37.54 44.52
N ALA B 408 -23.72 36.48 44.79
CA ALA B 408 -23.21 35.12 44.97
C ALA B 408 -22.77 34.49 43.65
N ASN B 409 -21.66 33.72 43.68
CA ASN B 409 -21.09 33.03 42.52
C ASN B 409 -22.04 32.00 41.93
N ALA B 410 -22.85 31.34 42.78
CA ALA B 410 -23.85 30.34 42.39
C ALA B 410 -24.93 30.96 41.46
N ARG B 411 -25.24 32.26 41.63
CA ARG B 411 -26.22 33.00 40.83
C ARG B 411 -25.60 33.69 39.60
N LYS B 412 -24.44 34.34 39.79
CA LYS B 412 -23.73 35.10 38.78
C LYS B 412 -23.09 34.22 37.69
N GLU B 413 -22.25 33.27 38.12
CA GLU B 413 -21.48 32.38 37.26
C GLU B 413 -22.17 31.03 37.03
N GLU B 414 -21.75 30.32 35.96
CA GLU B 414 -22.25 28.98 35.61
C GLU B 414 -21.77 27.99 36.68
N ILE B 415 -22.72 27.33 37.34
CA ILE B 415 -22.45 26.38 38.42
C ILE B 415 -21.87 25.06 37.87
N PHE B 416 -22.48 24.51 36.79
CA PHE B 416 -22.08 23.25 36.13
C PHE B 416 -22.02 22.09 37.16
N GLY B 417 -23.04 22.05 38.02
CA GLY B 417 -23.19 21.07 39.10
C GLY B 417 -24.65 20.76 39.42
N PRO B 418 -24.91 19.78 40.33
CA PRO B 418 -26.32 19.45 40.65
C PRO B 418 -26.92 20.42 41.66
N VAL B 419 -27.02 21.71 41.25
CA VAL B 419 -27.52 22.83 42.05
C VAL B 419 -28.60 23.59 41.25
N VAL B 420 -29.78 23.80 41.86
CA VAL B 420 -30.87 24.54 41.25
C VAL B 420 -31.22 25.70 42.18
N LEU B 421 -31.29 26.91 41.64
CA LEU B 421 -31.61 28.13 42.38
C LEU B 421 -33.08 28.48 42.19
N LEU B 422 -33.87 28.32 43.28
CA LEU B 422 -35.31 28.56 43.32
C LEU B 422 -35.67 30.02 43.63
N TYR B 423 -36.59 30.57 42.84
CA TYR B 423 -37.10 31.92 42.99
C TYR B 423 -38.61 31.98 42.73
N LYS B 424 -39.28 32.92 43.41
CA LYS B 424 -40.70 33.21 43.27
C LYS B 424 -40.86 34.51 42.47
N TYR B 425 -41.88 34.61 41.64
CA TYR B 425 -42.19 35.86 40.93
C TYR B 425 -43.69 36.14 41.00
N SER B 426 -44.09 37.42 40.83
CA SER B 426 -45.50 37.80 40.86
C SER B 426 -45.98 38.32 39.50
N ASP B 427 -45.07 38.96 38.73
CA ASP B 427 -45.34 39.53 37.42
C ASP B 427 -44.51 38.79 36.37
N PHE B 428 -45.16 38.31 35.29
CA PHE B 428 -44.54 37.55 34.21
C PHE B 428 -43.46 38.34 33.48
N LYS B 429 -43.73 39.61 33.13
CA LYS B 429 -42.82 40.53 32.43
C LYS B 429 -41.49 40.67 33.20
N GLU B 430 -41.58 40.79 34.54
CA GLU B 430 -40.44 40.89 35.44
C GLU B 430 -39.65 39.58 35.53
N ALA B 431 -40.31 38.41 35.41
CA ALA B 431 -39.66 37.09 35.43
C ALA B 431 -38.79 36.89 34.19
N VAL B 432 -39.23 37.39 33.00
CA VAL B 432 -38.51 37.35 31.73
C VAL B 432 -37.26 38.23 31.84
N LYS B 433 -37.42 39.44 32.44
CA LYS B 433 -36.35 40.40 32.70
C LYS B 433 -35.29 39.76 33.63
N GLU B 434 -35.74 38.93 34.62
CA GLU B 434 -34.85 38.22 35.54
C GLU B 434 -34.11 37.08 34.83
N CYS B 435 -34.80 36.37 33.92
CA CYS B 435 -34.24 35.31 33.08
C CYS B 435 -33.07 35.87 32.29
N ASN B 436 -33.25 37.08 31.73
CA ASN B 436 -32.27 37.81 30.93
C ASN B 436 -31.18 38.48 31.79
N ASN B 437 -31.35 38.49 33.13
CA ASN B 437 -30.38 39.10 34.05
C ASN B 437 -29.20 38.14 34.31
N THR B 438 -28.39 37.96 33.24
CA THR B 438 -27.21 37.09 33.16
C THR B 438 -26.33 37.51 31.99
N HIS B 439 -25.01 37.26 32.10
CA HIS B 439 -24.07 37.53 31.01
C HIS B 439 -24.11 36.39 29.99
N TYR B 440 -24.83 35.30 30.32
CA TYR B 440 -25.04 34.14 29.46
C TYR B 440 -26.33 34.29 28.65
N GLY B 441 -26.56 33.37 27.72
CA GLY B 441 -27.74 33.39 26.87
C GLY B 441 -27.79 32.22 25.91
N LEU B 442 -27.77 30.99 26.45
CA LEU B 442 -27.78 29.79 25.62
C LEU B 442 -29.22 29.37 25.35
N GLN B 443 -29.89 28.87 26.38
CA GLN B 443 -31.29 28.51 26.30
C GLN B 443 -32.02 28.94 27.55
N SER B 444 -33.35 29.01 27.43
CA SER B 444 -34.31 29.32 28.48
C SER B 444 -35.48 28.37 28.28
N GLY B 445 -36.22 28.15 29.35
CA GLY B 445 -37.41 27.31 29.36
C GLY B 445 -38.62 28.07 29.87
N ILE B 446 -39.81 27.66 29.42
CA ILE B 446 -41.06 28.29 29.85
C ILE B 446 -42.21 27.29 29.84
N PHE B 447 -42.90 27.17 30.97
CA PHE B 447 -44.10 26.36 31.14
C PHE B 447 -45.28 27.31 31.20
N THR B 448 -46.08 27.34 30.12
CA THR B 448 -47.26 28.21 30.00
C THR B 448 -48.33 27.59 29.09
N LYS B 449 -49.59 27.84 29.43
CA LYS B 449 -50.77 27.43 28.65
C LYS B 449 -51.28 28.67 27.90
N ASP B 450 -50.68 29.86 28.21
CA ASP B 450 -51.04 31.16 27.65
C ASP B 450 -50.32 31.43 26.33
N LEU B 451 -51.11 31.75 25.29
CA LEU B 451 -50.64 32.04 23.94
C LEU B 451 -49.70 33.26 23.87
N ASN B 452 -50.10 34.38 24.49
CA ASN B 452 -49.34 35.63 24.48
C ASN B 452 -48.06 35.58 25.33
N LYS B 453 -48.05 34.82 26.45
CA LYS B 453 -46.87 34.65 27.30
C LYS B 453 -45.80 33.85 26.58
N ALA B 454 -46.23 32.77 25.88
CA ALA B 454 -45.37 31.89 25.08
C ALA B 454 -44.62 32.69 24.01
N PHE B 455 -45.34 33.57 23.28
CA PHE B 455 -44.76 34.37 22.22
C PHE B 455 -44.04 35.62 22.74
N TYR B 456 -44.41 36.14 23.93
CA TYR B 456 -43.72 37.26 24.56
C TYR B 456 -42.31 36.78 24.94
N ALA B 457 -42.21 35.55 25.53
CA ALA B 457 -40.97 34.92 25.94
C ALA B 457 -40.08 34.65 24.73
N PHE B 458 -40.66 34.15 23.62
CA PHE B 458 -39.92 33.88 22.40
C PHE B 458 -39.30 35.18 21.86
N GLU B 459 -40.05 36.27 21.90
CA GLU B 459 -39.62 37.57 21.44
C GLU B 459 -38.56 38.22 22.31
N HIS B 460 -38.71 38.15 23.66
CA HIS B 460 -37.87 38.90 24.59
C HIS B 460 -36.80 38.11 25.36
N MET B 461 -36.78 36.77 25.30
CA MET B 461 -35.71 36.00 25.95
C MET B 461 -34.42 36.08 25.13
N GLU B 462 -33.36 36.64 25.73
CA GLU B 462 -32.06 36.88 25.10
C GLU B 462 -31.21 35.61 25.05
N VAL B 463 -31.69 34.63 24.27
CA VAL B 463 -31.08 33.31 24.12
C VAL B 463 -31.10 32.85 22.65
N GLY B 464 -30.45 31.72 22.36
CA GLY B 464 -30.47 31.10 21.04
C GLY B 464 -31.67 30.17 20.90
N GLY B 465 -32.15 29.65 22.03
CA GLY B 465 -33.28 28.73 22.03
C GLY B 465 -34.19 28.88 23.22
N VAL B 466 -35.51 28.98 22.95
CA VAL B 466 -36.56 29.11 23.96
C VAL B 466 -37.31 27.77 23.96
N ILE B 467 -37.28 27.04 25.08
CA ILE B 467 -37.97 25.76 25.19
C ILE B 467 -39.35 26.00 25.78
N LEU B 468 -40.38 25.67 25.00
CA LEU B 468 -41.77 25.86 25.39
C LEU B 468 -42.41 24.55 25.83
N ASN B 469 -42.74 24.49 27.13
CA ASN B 469 -43.38 23.41 27.88
C ASN B 469 -42.45 22.21 28.04
N ASP B 470 -41.19 22.56 28.33
CA ASP B 470 -40.08 21.70 28.73
C ASP B 470 -39.02 22.62 29.35
N SER B 471 -38.07 22.04 30.10
CA SER B 471 -36.96 22.75 30.74
C SER B 471 -35.96 23.24 29.66
N PRO B 472 -35.05 24.20 29.97
CA PRO B 472 -34.07 24.63 28.95
C PRO B 472 -33.09 23.54 28.51
N ALA B 473 -33.06 22.39 29.23
CA ALA B 473 -32.17 21.26 28.97
C ALA B 473 -32.56 20.39 27.76
N LEU B 474 -33.49 20.86 26.92
CA LEU B 474 -33.88 20.13 25.72
C LEU B 474 -33.12 20.61 24.47
N ARG B 475 -32.55 19.66 23.72
CA ARG B 475 -31.87 19.92 22.46
C ARG B 475 -32.17 18.81 21.44
N VAL B 476 -32.63 19.19 20.24
CA VAL B 476 -32.85 18.28 19.09
C VAL B 476 -31.63 18.53 18.20
N ASP B 477 -30.98 17.48 17.69
CA ASP B 477 -29.74 17.58 16.90
C ASP B 477 -29.87 18.30 15.52
N SER B 478 -31.11 18.54 15.06
CA SER B 478 -31.39 19.24 13.80
C SER B 478 -31.73 20.74 14.02
N GLN B 479 -32.03 21.15 15.29
CA GLN B 479 -32.38 22.53 15.62
C GLN B 479 -31.17 23.47 15.58
N PRO B 480 -31.33 24.78 15.27
CA PRO B 480 -30.19 25.71 15.39
C PRO B 480 -29.87 25.90 16.87
N TYR B 481 -28.64 25.58 17.28
CA TYR B 481 -28.22 25.62 18.67
C TYR B 481 -26.97 26.48 18.86
N GLY B 482 -27.03 27.40 19.80
CA GLY B 482 -25.93 28.30 20.09
C GLY B 482 -26.38 29.41 21.00
N GLY B 483 -25.46 30.27 21.37
CA GLY B 483 -25.79 31.31 22.32
C GLY B 483 -25.66 32.74 21.87
N LEU B 484 -26.21 33.62 22.72
CA LEU B 484 -26.10 35.07 22.65
C LEU B 484 -25.19 35.44 23.81
N LYS B 485 -24.77 36.71 23.85
CA LYS B 485 -23.90 37.26 24.90
C LYS B 485 -22.60 36.43 25.05
N ASP B 486 -22.24 36.03 26.28
CA ASP B 486 -21.03 35.26 26.59
C ASP B 486 -21.16 33.76 26.28
N SER B 487 -22.37 33.29 25.87
CA SER B 487 -22.61 31.89 25.53
C SER B 487 -22.08 31.49 24.14
N GLY B 488 -21.60 32.48 23.39
CA GLY B 488 -20.96 32.23 22.10
C GLY B 488 -21.40 33.08 20.94
N ILE B 489 -21.08 32.58 19.75
CA ILE B 489 -21.37 33.11 18.40
C ILE B 489 -21.53 31.92 17.46
N GLN B 490 -22.43 32.06 16.47
CA GLN B 490 -22.76 31.07 15.43
C GLN B 490 -23.66 29.96 15.97
N ARG B 491 -24.07 29.04 15.09
CA ARG B 491 -24.99 27.96 15.45
C ARG B 491 -24.55 26.61 14.98
N GLU B 492 -24.79 25.62 15.86
CA GLU B 492 -24.63 24.20 15.61
C GLU B 492 -26.02 23.60 15.34
N GLY B 493 -26.08 22.29 15.18
CA GLY B 493 -27.22 21.60 14.60
C GLY B 493 -26.72 21.47 13.19
N VAL B 494 -26.67 20.25 12.69
CA VAL B 494 -26.01 19.83 11.46
C VAL B 494 -26.11 20.84 10.26
N LYS B 495 -27.32 21.16 9.74
CA LYS B 495 -27.43 22.05 8.58
C LYS B 495 -26.87 23.47 8.83
N TYR B 496 -26.90 23.94 10.10
CA TYR B 496 -26.39 25.25 10.52
C TYR B 496 -24.85 25.24 10.64
N ALA B 497 -24.27 24.14 11.19
CA ALA B 497 -22.83 24.01 11.33
C ALA B 497 -22.17 23.87 9.94
N MET B 498 -22.88 23.22 8.99
CA MET B 498 -22.40 23.03 7.61
C MET B 498 -22.21 24.36 6.93
N ASP B 499 -23.13 25.34 7.21
CA ASP B 499 -23.12 26.69 6.65
C ASP B 499 -21.84 27.45 6.99
N ASP B 500 -21.35 27.30 8.23
CA ASP B 500 -20.10 27.93 8.69
C ASP B 500 -18.88 27.28 8.02
N MET B 501 -19.04 26.04 7.54
CA MET B 501 -18.01 25.25 6.86
C MET B 501 -18.08 25.38 5.34
N LEU B 502 -18.98 26.27 4.86
CA LEU B 502 -19.16 26.55 3.44
C LEU B 502 -18.95 28.01 3.15
N GLU B 503 -18.26 28.31 2.04
CA GLU B 503 -18.02 29.66 1.51
C GLU B 503 -18.91 29.85 0.27
N THR B 504 -19.49 31.04 0.13
CA THR B 504 -20.36 31.41 -0.98
C THR B 504 -19.54 31.88 -2.18
N LYS B 505 -19.87 31.35 -3.38
CA LYS B 505 -19.25 31.80 -4.62
C LYS B 505 -20.34 32.10 -5.64
N VAL B 506 -20.27 33.25 -6.30
CA VAL B 506 -21.25 33.62 -7.33
C VAL B 506 -20.59 33.66 -8.73
N LEU B 507 -21.29 33.08 -9.73
CA LEU B 507 -20.90 33.15 -11.11
C LEU B 507 -21.81 34.23 -11.71
N VAL B 508 -21.25 35.42 -12.01
CA VAL B 508 -22.03 36.53 -12.58
C VAL B 508 -21.90 36.39 -14.07
N MET B 509 -23.04 36.11 -14.73
CA MET B 509 -23.12 35.83 -16.16
C MET B 509 -23.70 36.97 -16.96
N ARG B 510 -22.90 37.47 -17.90
CA ARG B 510 -23.25 38.56 -18.79
C ARG B 510 -23.65 37.98 -20.14
N ASN B 511 -24.96 38.11 -20.49
CA ASN B 511 -25.58 37.68 -21.75
C ASN B 511 -25.23 36.24 -22.15
N VAL B 512 -25.29 35.32 -21.17
CA VAL B 512 -25.04 33.90 -21.41
C VAL B 512 -26.34 33.33 -21.99
N GLY B 513 -26.25 32.78 -23.20
CA GLY B 513 -27.39 32.26 -23.93
C GLY B 513 -27.71 33.11 -25.15
N THR B 514 -26.90 34.15 -25.38
CA THR B 514 -26.99 35.04 -26.54
C THR B 514 -26.11 34.41 -27.64
N LEU B 515 -26.73 33.96 -28.74
CA LEU B 515 -25.96 33.32 -29.81
C LEU B 515 -25.09 34.31 -30.59
N VAL C 35 58.98 -44.84 -38.45
CA VAL C 35 57.79 -44.17 -38.98
C VAL C 35 57.64 -42.75 -38.38
N THR C 36 56.99 -41.83 -39.13
CA THR C 36 56.75 -40.42 -38.75
C THR C 36 55.36 -40.26 -38.10
N PRO C 37 55.25 -39.61 -36.91
CA PRO C 37 53.93 -39.45 -36.27
C PRO C 37 52.99 -38.47 -36.99
N LYS C 38 51.67 -38.76 -36.96
CA LYS C 38 50.66 -37.91 -37.60
C LYS C 38 50.33 -36.70 -36.72
N LYS C 39 50.43 -35.50 -37.31
CA LYS C 39 50.15 -34.24 -36.62
C LYS C 39 48.65 -33.92 -36.70
N TYR C 40 48.01 -33.86 -35.52
CA TYR C 40 46.58 -33.57 -35.38
C TYR C 40 46.35 -32.11 -34.95
N ASN C 41 45.08 -31.64 -35.05
CA ASN C 41 44.69 -30.29 -34.63
C ASN C 41 43.67 -30.37 -33.52
N ILE C 42 43.78 -29.46 -32.53
CA ILE C 42 42.82 -29.37 -31.44
C ILE C 42 41.71 -28.39 -31.85
N PHE C 43 40.55 -28.39 -31.16
CA PHE C 43 39.42 -27.55 -31.56
C PHE C 43 39.06 -26.51 -30.51
N LEU C 44 39.13 -25.24 -30.90
CA LEU C 44 38.85 -24.10 -30.06
C LEU C 44 37.84 -23.20 -30.76
N ALA C 45 36.62 -23.08 -30.19
CA ALA C 45 35.49 -22.31 -30.71
C ALA C 45 35.16 -22.73 -32.14
N SER C 46 34.96 -24.05 -32.34
CA SER C 46 34.61 -24.74 -33.60
C SER C 46 35.73 -24.77 -34.68
N LYS C 47 36.87 -24.07 -34.46
CA LYS C 47 37.98 -24.00 -35.44
C LYS C 47 39.23 -24.83 -35.07
N PRO C 48 39.93 -25.44 -36.06
CA PRO C 48 41.14 -26.22 -35.74
C PRO C 48 42.32 -25.30 -35.43
N VAL C 49 43.07 -25.61 -34.35
CA VAL C 49 44.22 -24.84 -33.90
C VAL C 49 45.42 -25.73 -33.54
N ASP C 50 46.63 -25.17 -33.73
CA ASP C 50 47.92 -25.81 -33.44
C ASP C 50 48.91 -24.75 -32.92
N GLY C 51 49.00 -23.64 -33.66
CA GLY C 51 49.84 -22.48 -33.36
C GLY C 51 51.22 -22.79 -32.84
N ASP C 52 51.62 -22.09 -31.78
CA ASP C 52 52.94 -22.26 -31.14
C ASP C 52 52.86 -23.12 -29.87
N ARG C 53 51.72 -23.82 -29.68
CA ARG C 53 51.45 -24.70 -28.55
C ARG C 53 52.41 -25.88 -28.53
N LYS C 54 52.76 -26.37 -27.33
CA LYS C 54 53.67 -27.51 -27.17
C LYS C 54 52.93 -28.79 -27.56
N TRP C 55 53.67 -29.82 -27.97
CA TRP C 55 53.07 -31.07 -28.42
C TRP C 55 52.94 -32.11 -27.33
N LEU C 56 51.81 -32.83 -27.34
CA LEU C 56 51.50 -33.93 -26.46
C LEU C 56 51.61 -35.18 -27.33
N ASP C 57 52.45 -36.13 -26.93
CA ASP C 57 52.66 -37.35 -27.69
C ASP C 57 51.59 -38.41 -27.37
N VAL C 58 51.12 -39.10 -28.40
CA VAL C 58 50.14 -40.19 -28.29
C VAL C 58 50.86 -41.43 -28.83
N THR C 59 51.00 -42.45 -27.97
CA THR C 59 51.71 -43.68 -28.33
C THR C 59 50.80 -44.77 -28.85
N ASN C 60 51.37 -45.65 -29.70
CA ASN C 60 50.71 -46.84 -30.24
C ASN C 60 50.85 -47.81 -29.06
N LYS C 61 49.74 -48.07 -28.35
CA LYS C 61 49.70 -48.84 -27.11
C LYS C 61 50.23 -50.29 -27.19
N TYR C 62 50.43 -50.81 -28.41
CA TYR C 62 51.01 -52.14 -28.61
C TYR C 62 52.52 -52.04 -28.81
N THR C 63 52.98 -51.21 -29.77
CA THR C 63 54.41 -51.04 -30.08
C THR C 63 55.12 -50.12 -29.08
N ASN C 64 54.35 -49.32 -28.31
CA ASN C 64 54.79 -48.33 -27.31
C ASN C 64 55.61 -47.18 -27.95
N ASP C 65 55.46 -46.99 -29.26
CA ASP C 65 56.13 -45.94 -30.04
C ASP C 65 55.16 -44.82 -30.35
N VAL C 66 55.64 -43.57 -30.38
CA VAL C 66 54.84 -42.36 -30.69
C VAL C 66 54.28 -42.43 -32.10
N ALA C 67 52.95 -42.42 -32.22
CA ALA C 67 52.26 -42.51 -33.51
C ALA C 67 51.51 -41.24 -33.89
N ALA C 68 51.28 -40.35 -32.92
CA ALA C 68 50.58 -39.08 -33.14
C ALA C 68 51.06 -37.96 -32.23
N LYS C 69 50.97 -36.71 -32.74
CA LYS C 69 51.33 -35.50 -32.00
C LYS C 69 50.10 -34.59 -31.94
N VAL C 70 49.68 -34.24 -30.72
CA VAL C 70 48.49 -33.42 -30.46
C VAL C 70 48.88 -32.09 -29.78
N PRO C 71 48.41 -30.91 -30.28
CA PRO C 71 48.72 -29.64 -29.59
C PRO C 71 48.17 -29.59 -28.17
N GLN C 72 49.01 -29.15 -27.21
CA GLN C 72 48.63 -29.03 -25.80
C GLN C 72 47.94 -27.69 -25.57
N ALA C 73 46.65 -27.72 -25.19
CA ALA C 73 45.84 -26.53 -24.94
C ALA C 73 46.28 -25.82 -23.67
N THR C 74 46.20 -24.48 -23.66
CA THR C 74 46.62 -23.65 -22.53
C THR C 74 45.43 -23.26 -21.65
N HIS C 75 45.72 -22.61 -20.50
CA HIS C 75 44.70 -22.12 -19.56
C HIS C 75 43.83 -21.07 -20.27
N LYS C 76 44.44 -20.18 -21.08
CA LYS C 76 43.73 -19.16 -21.86
C LYS C 76 42.83 -19.83 -22.89
N ASP C 77 43.31 -20.92 -23.54
CA ASP C 77 42.50 -21.68 -24.51
C ASP C 77 41.23 -22.20 -23.86
N ILE C 78 41.32 -22.76 -22.63
CA ILE C 78 40.18 -23.27 -21.88
C ILE C 78 39.23 -22.12 -21.54
N ASP C 79 39.75 -21.00 -21.00
CA ASP C 79 38.96 -19.80 -20.65
C ASP C 79 38.24 -19.22 -21.87
N ASP C 80 38.91 -19.20 -23.04
CA ASP C 80 38.39 -18.69 -24.31
C ASP C 80 37.33 -19.60 -24.89
N ALA C 81 37.49 -20.93 -24.70
CA ALA C 81 36.54 -21.96 -25.14
C ALA C 81 35.24 -21.85 -24.37
N ILE C 82 35.32 -21.56 -23.05
CA ILE C 82 34.17 -21.41 -22.16
C ILE C 82 33.39 -20.13 -22.52
N ASP C 83 34.12 -19.02 -22.80
CA ASP C 83 33.50 -17.75 -23.20
C ASP C 83 32.78 -17.86 -24.54
N ALA C 84 33.37 -18.65 -25.48
CA ALA C 84 32.81 -18.88 -26.80
C ALA C 84 31.52 -19.72 -26.72
N ALA C 85 31.47 -20.68 -25.77
CA ALA C 85 30.31 -21.54 -25.50
C ALA C 85 29.16 -20.71 -24.90
N VAL C 86 29.46 -19.76 -23.98
CA VAL C 86 28.48 -18.85 -23.38
C VAL C 86 27.85 -17.98 -24.51
N ALA C 87 28.71 -17.41 -25.38
CA ALA C 87 28.34 -16.57 -26.52
C ALA C 87 27.53 -17.32 -27.58
N ALA C 88 27.79 -18.62 -27.74
CA ALA C 88 27.10 -19.47 -28.71
C ALA C 88 25.78 -20.08 -28.18
N ALA C 89 25.57 -20.05 -26.85
CA ALA C 89 24.36 -20.61 -26.22
C ALA C 89 23.04 -20.05 -26.79
N PRO C 90 22.87 -18.70 -27.02
CA PRO C 90 21.60 -18.23 -27.60
C PRO C 90 21.31 -18.76 -29.00
N ALA C 91 22.34 -18.82 -29.89
CA ALA C 91 22.23 -19.33 -31.26
C ALA C 91 21.93 -20.81 -31.27
N MET C 92 22.56 -21.57 -30.35
CA MET C 92 22.38 -23.01 -30.18
C MET C 92 20.93 -23.28 -29.81
N ALA C 93 20.38 -22.50 -28.83
CA ALA C 93 19.00 -22.59 -28.33
C ALA C 93 17.99 -22.14 -29.40
N ALA C 94 18.39 -21.24 -30.33
CA ALA C 94 17.55 -20.70 -31.39
C ALA C 94 17.40 -21.62 -32.62
N MET C 95 18.27 -22.65 -32.75
CA MET C 95 18.25 -23.62 -33.86
C MET C 95 16.90 -24.32 -33.94
N GLY C 96 16.45 -24.61 -35.16
CA GLY C 96 15.26 -25.39 -35.40
C GLY C 96 15.59 -26.85 -35.17
N ALA C 97 14.60 -27.67 -34.76
CA ALA C 97 14.80 -29.09 -34.49
C ALA C 97 15.37 -29.84 -35.70
N TYR C 98 14.95 -29.45 -36.93
CA TYR C 98 15.43 -30.02 -38.19
C TYR C 98 16.92 -29.72 -38.42
N GLU C 99 17.41 -28.56 -37.91
CA GLU C 99 18.81 -28.12 -38.05
C GLU C 99 19.69 -28.97 -37.16
N ARG C 100 19.26 -29.23 -35.92
CA ARG C 100 20.00 -30.07 -34.96
C ARG C 100 20.09 -31.49 -35.52
N LYS C 101 18.97 -32.01 -36.09
CA LYS C 101 18.87 -33.32 -36.77
C LYS C 101 19.83 -33.39 -37.98
N ALA C 102 19.88 -32.33 -38.80
CA ALA C 102 20.75 -32.25 -39.98
C ALA C 102 22.22 -32.38 -39.59
N VAL C 103 22.62 -31.73 -38.46
CA VAL C 103 23.98 -31.76 -37.88
C VAL C 103 24.33 -33.20 -37.51
N LEU C 104 23.43 -33.87 -36.76
CA LEU C 104 23.64 -35.24 -36.27
C LEU C 104 23.66 -36.26 -37.41
N GLU C 105 22.84 -36.07 -38.46
CA GLU C 105 22.79 -36.95 -39.64
C GLU C 105 24.09 -36.82 -40.48
N LYS C 106 24.71 -35.63 -40.48
CA LYS C 106 25.98 -35.38 -41.19
C LYS C 106 27.14 -36.09 -40.47
N VAL C 107 27.07 -36.18 -39.12
CA VAL C 107 28.05 -36.88 -38.29
C VAL C 107 27.97 -38.39 -38.61
N VAL C 108 26.73 -38.95 -38.65
CA VAL C 108 26.45 -40.35 -38.98
C VAL C 108 27.07 -40.71 -40.35
N ALA C 109 26.82 -39.85 -41.38
CA ALA C 109 27.35 -40.00 -42.74
C ALA C 109 28.88 -40.03 -42.78
N GLU C 110 29.54 -39.06 -42.10
CA GLU C 110 30.99 -38.96 -42.05
C GLU C 110 31.65 -40.11 -41.28
N LEU C 111 31.01 -40.58 -40.19
CA LEU C 111 31.51 -41.71 -39.39
C LEU C 111 31.51 -42.99 -40.22
N LYS C 112 30.46 -43.19 -41.05
CA LYS C 112 30.31 -44.34 -41.96
C LYS C 112 31.39 -44.31 -43.03
N ASN C 113 31.68 -43.11 -43.56
CA ASN C 113 32.66 -42.86 -44.62
C ASN C 113 34.11 -43.04 -44.16
N ARG C 114 34.40 -42.75 -42.88
CA ARG C 114 35.75 -42.87 -42.30
C ARG C 114 35.85 -44.05 -41.33
N PHE C 115 34.93 -45.03 -41.45
CA PHE C 115 34.78 -46.21 -40.59
C PHE C 115 36.10 -46.89 -40.20
N GLU C 116 36.82 -47.50 -41.18
CA GLU C 116 38.07 -48.21 -40.93
C GLU C 116 39.17 -47.34 -40.36
N GLU C 117 39.29 -46.09 -40.88
CA GLU C 117 40.27 -45.09 -40.43
C GLU C 117 40.12 -44.85 -38.92
N ILE C 118 38.87 -44.63 -38.46
CA ILE C 118 38.55 -44.40 -37.05
C ILE C 118 38.84 -45.65 -36.20
N ALA C 119 38.44 -46.85 -36.70
CA ALA C 119 38.66 -48.14 -36.01
C ALA C 119 40.15 -48.44 -35.82
N GLN C 120 40.97 -48.18 -36.86
CA GLN C 120 42.42 -48.36 -36.81
C GLN C 120 43.05 -47.41 -35.79
N THR C 121 42.58 -46.14 -35.75
CA THR C 121 43.04 -45.11 -34.82
C THR C 121 42.69 -45.49 -33.37
N LEU C 122 41.47 -46.01 -33.16
CA LEU C 122 40.92 -46.47 -31.89
C LEU C 122 41.82 -47.58 -31.33
N THR C 123 42.07 -48.64 -32.12
CA THR C 123 42.94 -49.78 -31.79
C THR C 123 44.35 -49.32 -31.40
N MET C 124 44.93 -48.42 -32.20
CA MET C 124 46.27 -47.87 -32.01
C MET C 124 46.44 -47.09 -30.70
N GLU C 125 45.52 -46.15 -30.41
CA GLU C 125 45.61 -45.29 -29.24
C GLU C 125 45.08 -45.91 -27.93
N SER C 126 44.32 -47.01 -28.01
CA SER C 126 43.75 -47.63 -26.80
C SER C 126 44.29 -49.03 -26.51
N GLY C 127 44.69 -49.75 -27.56
CA GLY C 127 45.22 -51.11 -27.44
C GLY C 127 44.16 -52.17 -27.57
N LYS C 128 42.91 -51.78 -27.86
CA LYS C 128 41.80 -52.73 -28.00
C LYS C 128 41.82 -53.46 -29.35
N PRO C 129 41.44 -54.76 -29.41
CA PRO C 129 41.44 -55.48 -30.69
C PRO C 129 40.58 -54.78 -31.75
N ILE C 130 41.01 -54.87 -33.02
CA ILE C 130 40.34 -54.24 -34.17
C ILE C 130 38.86 -54.66 -34.28
N LYS C 131 38.48 -55.88 -33.81
CA LYS C 131 37.09 -56.37 -33.76
C LYS C 131 36.24 -55.52 -32.79
N ASP C 132 36.84 -55.19 -31.61
CA ASP C 132 36.22 -54.39 -30.56
C ASP C 132 36.19 -52.90 -30.91
N ALA C 133 37.18 -52.45 -31.68
CA ALA C 133 37.27 -51.06 -32.16
C ALA C 133 36.21 -50.81 -33.21
N ARG C 134 36.00 -51.77 -34.15
CA ARG C 134 34.99 -51.68 -35.21
C ARG C 134 33.61 -51.65 -34.61
N GLY C 135 33.40 -52.46 -33.57
CA GLY C 135 32.16 -52.53 -32.82
C GLY C 135 31.82 -51.21 -32.16
N GLU C 136 32.84 -50.50 -31.62
CA GLU C 136 32.70 -49.20 -30.99
C GLU C 136 32.31 -48.11 -32.01
N VAL C 137 32.84 -48.19 -33.26
CA VAL C 137 32.49 -47.23 -34.34
C VAL C 137 31.02 -47.44 -34.73
N THR C 138 30.58 -48.71 -34.83
CA THR C 138 29.19 -49.10 -35.13
C THR C 138 28.22 -48.59 -34.06
N ARG C 139 28.60 -48.72 -32.76
CA ARG C 139 27.81 -48.25 -31.61
C ARG C 139 27.70 -46.73 -31.63
N THR C 140 28.80 -46.04 -32.01
CA THR C 140 28.89 -44.57 -32.10
C THR C 140 27.94 -44.06 -33.19
N ILE C 141 27.88 -44.77 -34.33
CA ILE C 141 26.97 -44.48 -35.45
C ILE C 141 25.51 -44.54 -34.96
N ASP C 142 25.16 -45.60 -34.19
CA ASP C 142 23.84 -45.80 -33.60
C ASP C 142 23.50 -44.70 -32.59
N THR C 143 24.49 -44.28 -31.77
CA THR C 143 24.33 -43.24 -30.74
C THR C 143 23.89 -41.92 -31.39
N PHE C 144 24.61 -41.48 -32.45
CA PHE C 144 24.32 -40.25 -33.19
C PHE C 144 23.01 -40.36 -33.96
N GLN C 145 22.70 -41.57 -34.49
CA GLN C 145 21.46 -41.84 -35.21
C GLN C 145 20.27 -41.71 -34.25
N VAL C 146 20.33 -42.34 -33.05
CA VAL C 146 19.33 -42.24 -31.96
C VAL C 146 19.15 -40.76 -31.59
N ALA C 147 20.26 -40.01 -31.47
CA ALA C 147 20.25 -38.59 -31.15
C ALA C 147 19.59 -37.73 -32.22
N ALA C 148 19.84 -38.01 -33.53
CA ALA C 148 19.24 -37.31 -34.66
C ALA C 148 17.71 -37.45 -34.60
N GLU C 149 17.22 -38.66 -34.29
CA GLU C 149 15.81 -38.95 -34.17
C GLU C 149 15.16 -38.33 -32.93
N GLU C 150 15.89 -38.27 -31.80
CA GLU C 150 15.39 -37.68 -30.56
C GLU C 150 15.37 -36.15 -30.63
N SER C 151 16.23 -35.54 -31.46
CA SER C 151 16.35 -34.09 -31.61
C SER C 151 15.03 -33.46 -32.05
N VAL C 152 14.23 -34.19 -32.86
CA VAL C 152 12.94 -33.75 -33.40
C VAL C 152 11.77 -34.31 -32.56
N ARG C 153 12.06 -34.83 -31.35
CA ARG C 153 11.07 -35.46 -30.47
C ARG C 153 11.06 -34.94 -29.05
N ILE C 154 11.47 -33.69 -28.84
CA ILE C 154 11.49 -33.09 -27.52
C ILE C 154 10.08 -32.56 -27.27
N TYR C 155 9.25 -33.43 -26.69
CA TYR C 155 7.85 -33.13 -26.40
C TYR C 155 7.71 -32.41 -25.08
N GLY C 156 6.65 -31.62 -24.99
CA GLY C 156 6.26 -30.93 -23.78
C GLY C 156 4.89 -31.42 -23.36
N GLU C 157 4.30 -30.79 -22.35
CA GLU C 157 2.98 -31.19 -21.87
C GLU C 157 2.02 -30.03 -21.84
N HIS C 158 0.74 -30.34 -22.00
CA HIS C 158 -0.32 -29.41 -21.74
C HIS C 158 -0.94 -30.00 -20.48
N ILE C 159 -0.87 -29.24 -19.39
CA ILE C 159 -1.37 -29.74 -18.12
C ILE C 159 -2.57 -28.94 -17.61
N PRO C 160 -3.65 -29.61 -17.16
CA PRO C 160 -4.74 -28.87 -16.52
C PRO C 160 -4.25 -28.43 -15.13
N LEU C 161 -4.52 -27.19 -14.74
CA LEU C 161 -4.05 -26.75 -13.42
C LEU C 161 -5.19 -26.43 -12.46
N ASP C 162 -6.45 -26.62 -12.92
CA ASP C 162 -7.68 -26.40 -12.15
C ASP C 162 -8.03 -27.67 -11.37
N ILE C 163 -7.04 -28.14 -10.57
CA ILE C 163 -7.06 -29.35 -9.74
C ILE C 163 -7.98 -29.21 -8.55
N SER C 164 -8.26 -27.96 -8.14
CA SER C 164 -9.13 -27.58 -7.03
C SER C 164 -9.80 -26.24 -7.34
N ALA C 165 -10.89 -25.92 -6.63
CA ALA C 165 -11.70 -24.69 -6.77
C ALA C 165 -10.88 -23.39 -6.78
N ARG C 166 -9.86 -23.31 -5.90
CA ARG C 166 -8.93 -22.20 -5.72
C ARG C 166 -8.21 -21.87 -7.06
N ASN C 167 -7.91 -22.93 -7.83
CA ASN C 167 -7.18 -22.91 -9.09
C ASN C 167 -8.07 -22.89 -10.37
N LYS C 168 -9.34 -22.54 -10.24
CA LYS C 168 -10.27 -22.41 -11.37
C LYS C 168 -9.69 -21.48 -12.47
N GLY C 169 -9.79 -21.92 -13.71
CA GLY C 169 -9.35 -21.18 -14.89
C GLY C 169 -7.86 -21.21 -15.15
N LEU C 170 -7.14 -22.16 -14.53
CA LEU C 170 -5.71 -22.27 -14.73
C LEU C 170 -5.34 -23.48 -15.57
N GLN C 171 -4.41 -23.28 -16.51
CA GLN C 171 -3.89 -24.34 -17.37
C GLN C 171 -2.38 -24.07 -17.53
N GLY C 172 -1.63 -25.07 -17.94
CA GLY C 172 -0.20 -24.89 -18.10
C GLY C 172 0.40 -25.54 -19.30
N ILE C 173 1.48 -24.96 -19.82
CA ILE C 173 2.27 -25.54 -20.91
C ILE C 173 3.66 -25.77 -20.32
N VAL C 174 4.08 -27.03 -20.27
CA VAL C 174 5.39 -27.42 -19.73
C VAL C 174 6.28 -27.71 -20.92
N LYS C 175 7.39 -26.96 -21.05
CA LYS C 175 8.35 -27.11 -22.13
C LYS C 175 9.74 -27.32 -21.55
N LYS C 176 10.65 -27.91 -22.33
CA LYS C 176 12.02 -28.16 -21.90
C LYS C 176 12.96 -27.33 -22.73
N PHE C 177 13.90 -26.66 -22.07
CA PHE C 177 14.85 -25.75 -22.69
C PHE C 177 16.30 -26.18 -22.43
N PRO C 178 17.25 -25.93 -23.37
CA PRO C 178 18.67 -26.28 -23.09
C PRO C 178 19.16 -25.71 -21.76
N ILE C 179 19.96 -26.50 -21.00
CA ILE C 179 20.51 -26.11 -19.71
C ILE C 179 21.56 -24.97 -19.86
N GLY C 180 22.31 -25.01 -20.96
CA GLY C 180 23.37 -24.05 -21.28
C GLY C 180 24.69 -24.74 -21.54
N PRO C 181 25.85 -24.07 -21.34
CA PRO C 181 27.14 -24.71 -21.60
C PRO C 181 27.40 -25.96 -20.77
N VAL C 182 27.88 -27.03 -21.44
CA VAL C 182 28.18 -28.32 -20.83
C VAL C 182 29.71 -28.56 -20.77
N SER C 183 30.16 -29.13 -19.64
CA SER C 183 31.54 -29.54 -19.45
C SER C 183 31.54 -31.07 -19.57
N MET C 184 32.37 -31.60 -20.47
CA MET C 184 32.42 -33.04 -20.70
C MET C 184 33.80 -33.58 -20.45
N VAL C 185 33.91 -34.59 -19.58
CA VAL C 185 35.18 -35.25 -19.26
C VAL C 185 34.94 -36.74 -19.50
N SER C 186 35.72 -37.34 -20.41
CA SER C 186 35.56 -38.73 -20.85
C SER C 186 36.76 -39.63 -20.51
N PRO C 187 36.62 -40.98 -20.39
CA PRO C 187 37.78 -41.82 -20.03
C PRO C 187 38.55 -42.34 -21.25
N TRP C 188 39.49 -43.25 -21.01
CA TRP C 188 40.32 -43.78 -22.08
C TRP C 188 39.76 -45.02 -22.77
N ASN C 189 39.02 -45.92 -22.05
CA ASN C 189 38.64 -47.24 -22.59
C ASN C 189 37.66 -47.20 -23.75
N PHE C 190 36.70 -46.28 -23.79
CA PHE C 190 35.85 -46.14 -24.98
C PHE C 190 36.00 -44.69 -25.40
N PRO C 191 37.11 -44.33 -26.09
CA PRO C 191 37.34 -42.92 -26.42
C PRO C 191 36.44 -42.31 -27.48
N LEU C 192 35.57 -43.13 -28.10
CA LEU C 192 34.66 -42.62 -29.11
C LEU C 192 33.21 -42.71 -28.64
N ASN C 193 32.75 -43.91 -28.26
CA ASN C 193 31.37 -44.08 -27.84
C ASN C 193 30.98 -43.31 -26.58
N LEU C 194 31.88 -43.22 -25.60
CA LEU C 194 31.56 -42.49 -24.36
C LEU C 194 31.58 -40.97 -24.55
N VAL C 195 32.30 -40.49 -25.56
CA VAL C 195 32.31 -39.09 -25.97
C VAL C 195 30.96 -38.83 -26.69
N ALA C 196 30.55 -39.79 -27.58
CA ALA C 196 29.29 -39.75 -28.34
C ALA C 196 28.08 -39.65 -27.42
N HIS C 197 28.07 -40.42 -26.32
CA HIS C 197 26.99 -40.44 -25.34
C HIS C 197 26.83 -39.10 -24.59
N LYS C 198 27.75 -38.13 -24.82
CA LYS C 198 27.70 -36.78 -24.22
C LYS C 198 27.48 -35.73 -25.33
N VAL C 199 28.28 -35.83 -26.42
CA VAL C 199 28.26 -34.92 -27.57
C VAL C 199 26.92 -35.01 -28.31
N ALA C 200 26.47 -36.23 -28.68
CA ALA C 200 25.21 -36.41 -29.41
C ALA C 200 23.99 -35.83 -28.66
N PRO C 201 23.75 -36.13 -27.34
CA PRO C 201 22.63 -35.49 -26.63
C PRO C 201 22.72 -33.96 -26.56
N ALA C 202 23.95 -33.40 -26.45
CA ALA C 202 24.19 -31.96 -26.38
C ALA C 202 23.76 -31.27 -27.66
N ILE C 203 24.10 -31.86 -28.82
CA ILE C 203 23.69 -31.33 -30.13
C ILE C 203 22.21 -31.54 -30.34
N ALA C 204 21.66 -32.71 -29.92
CA ALA C 204 20.22 -33.00 -30.03
C ALA C 204 19.33 -32.00 -29.26
N VAL C 205 19.85 -31.49 -28.14
CA VAL C 205 19.17 -30.51 -27.28
C VAL C 205 19.44 -29.05 -27.72
N GLY C 206 20.67 -28.77 -28.14
CA GLY C 206 21.10 -27.43 -28.52
C GLY C 206 21.86 -26.76 -27.40
N CYS C 207 22.83 -27.50 -26.82
CA CYS C 207 23.70 -27.06 -25.73
C CYS C 207 25.11 -26.90 -26.28
N PRO C 208 25.78 -25.73 -26.12
CA PRO C 208 27.17 -25.64 -26.54
C PRO C 208 28.01 -26.42 -25.53
N PHE C 209 29.18 -26.92 -25.94
CA PHE C 209 30.00 -27.71 -25.00
C PHE C 209 31.51 -27.54 -25.16
N VAL C 210 32.24 -27.90 -24.10
CA VAL C 210 33.70 -27.93 -24.07
C VAL C 210 34.06 -29.34 -23.55
N LEU C 211 34.68 -30.15 -24.41
CA LEU C 211 35.02 -31.53 -24.07
C LEU C 211 36.53 -31.73 -23.84
N LYS C 212 36.85 -32.35 -22.69
CA LYS C 212 38.19 -32.70 -22.29
C LYS C 212 38.31 -34.22 -22.38
N PRO C 213 38.80 -34.77 -23.52
CA PRO C 213 38.97 -36.23 -23.60
C PRO C 213 40.24 -36.68 -22.85
N ALA C 214 40.39 -38.00 -22.62
CA ALA C 214 41.56 -38.55 -21.93
C ALA C 214 42.83 -38.31 -22.75
N SER C 215 43.89 -37.80 -22.09
CA SER C 215 45.19 -37.48 -22.69
C SER C 215 45.81 -38.63 -23.48
N ARG C 216 45.67 -39.87 -22.97
CA ARG C 216 46.20 -41.08 -23.59
C ARG C 216 45.43 -41.47 -24.86
N THR C 217 44.11 -41.17 -24.93
CA THR C 217 43.25 -41.51 -26.07
C THR C 217 42.46 -40.27 -26.65
N PRO C 218 43.13 -39.22 -27.19
CA PRO C 218 42.36 -38.05 -27.66
C PRO C 218 41.92 -38.03 -29.11
N LEU C 219 42.58 -38.84 -29.97
CA LEU C 219 42.40 -38.91 -31.42
C LEU C 219 40.96 -39.14 -31.88
N SER C 220 40.23 -40.05 -31.20
CA SER C 220 38.83 -40.36 -31.50
C SER C 220 37.95 -39.13 -31.35
N ALA C 221 38.17 -38.36 -30.27
CA ALA C 221 37.45 -37.12 -29.98
C ALA C 221 37.84 -36.01 -30.97
N LEU C 222 39.10 -36.01 -31.44
CA LEU C 222 39.60 -35.03 -32.39
C LEU C 222 39.09 -35.27 -33.81
N ILE C 223 38.81 -36.53 -34.18
CA ILE C 223 38.26 -36.91 -35.49
C ILE C 223 36.79 -36.43 -35.52
N LEU C 224 36.12 -36.48 -34.35
CA LEU C 224 34.75 -35.99 -34.16
C LEU C 224 34.72 -34.48 -34.37
N GLY C 225 35.75 -33.80 -33.86
CA GLY C 225 35.93 -32.36 -34.02
C GLY C 225 36.14 -31.97 -35.47
N GLU C 226 36.85 -32.81 -36.24
CA GLU C 226 37.14 -32.63 -37.68
C GLU C 226 35.85 -32.73 -38.47
N ILE C 227 34.96 -33.67 -38.09
CA ILE C 227 33.65 -33.87 -38.72
C ILE C 227 32.77 -32.64 -38.40
N LEU C 228 32.71 -32.28 -37.10
CA LEU C 228 31.89 -31.17 -36.58
C LEU C 228 32.23 -29.81 -37.16
N HIS C 229 33.52 -29.57 -37.38
CA HIS C 229 34.09 -28.35 -37.95
C HIS C 229 33.53 -28.06 -39.36
N LYS C 230 33.36 -29.10 -40.18
CA LYS C 230 32.85 -28.99 -41.56
C LYS C 230 31.31 -28.76 -41.67
N ILE C 231 30.54 -28.98 -40.56
CA ILE C 231 29.08 -28.79 -40.57
C ILE C 231 28.74 -27.30 -40.35
N GLU C 232 28.15 -26.67 -41.40
CA GLU C 232 27.75 -25.25 -41.47
C GLU C 232 26.56 -24.88 -40.57
N GLU C 233 25.60 -25.82 -40.40
CA GLU C 233 24.38 -25.67 -39.58
C GLU C 233 24.69 -25.52 -38.08
N LEU C 234 25.86 -26.01 -37.64
CA LEU C 234 26.29 -25.94 -36.25
C LEU C 234 26.95 -24.58 -36.04
N PRO C 235 26.37 -23.72 -35.16
CA PRO C 235 26.93 -22.36 -34.96
C PRO C 235 28.39 -22.31 -34.52
N LEU C 236 29.05 -21.17 -34.72
CA LEU C 236 30.44 -20.98 -34.33
C LEU C 236 30.56 -20.85 -32.81
N GLY C 237 31.45 -21.63 -32.21
CA GLY C 237 31.68 -21.66 -30.78
C GLY C 237 30.85 -22.70 -30.05
N ALA C 238 30.09 -23.52 -30.82
CA ALA C 238 29.22 -24.58 -30.30
C ALA C 238 30.02 -25.69 -29.62
N PHE C 239 31.28 -25.89 -30.06
CA PHE C 239 32.15 -26.93 -29.52
C PHE C 239 33.61 -26.52 -29.45
N SER C 240 34.33 -27.13 -28.51
CA SER C 240 35.77 -27.02 -28.32
C SER C 240 36.20 -28.37 -27.74
N ILE C 241 37.28 -28.94 -28.29
CA ILE C 241 37.82 -30.23 -27.85
C ILE C 241 39.24 -29.98 -27.45
N LEU C 242 39.47 -29.95 -26.12
CA LEU C 242 40.77 -29.62 -25.57
C LEU C 242 41.37 -30.77 -24.74
N PRO C 243 42.17 -31.67 -25.38
CA PRO C 243 42.80 -32.76 -24.62
C PRO C 243 43.97 -32.25 -23.80
N VAL C 244 43.75 -32.16 -22.49
CA VAL C 244 44.76 -31.69 -21.55
C VAL C 244 44.92 -32.72 -20.45
N SER C 245 46.02 -32.60 -19.66
CA SER C 245 46.25 -33.50 -18.54
C SER C 245 45.36 -33.04 -17.37
N ARG C 246 45.07 -33.96 -16.44
CA ARG C 246 44.22 -33.72 -15.26
C ARG C 246 44.63 -32.51 -14.37
N GLU C 247 45.91 -32.13 -14.35
CA GLU C 247 46.41 -30.98 -13.56
C GLU C 247 46.18 -29.63 -14.26
N ASP C 248 45.72 -29.67 -15.53
CA ASP C 248 45.45 -28.50 -16.36
C ASP C 248 43.93 -28.32 -16.59
N ALA C 249 43.13 -29.32 -16.19
CA ALA C 249 41.69 -29.34 -16.43
C ALA C 249 40.80 -29.07 -15.19
N ASP C 250 41.23 -28.18 -14.29
CA ASP C 250 40.46 -27.84 -13.08
C ASP C 250 39.18 -27.04 -13.42
N MET C 251 39.27 -26.13 -14.42
CA MET C 251 38.20 -25.27 -14.91
C MET C 251 36.98 -26.06 -15.36
N PHE C 252 37.19 -27.27 -15.91
CA PHE C 252 36.14 -28.20 -16.35
C PHE C 252 35.24 -28.63 -15.19
N THR C 253 35.76 -28.57 -13.96
CA THR C 253 35.03 -28.94 -12.75
C THR C 253 34.36 -27.74 -12.07
N VAL C 254 35.15 -26.74 -11.72
CA VAL C 254 34.76 -25.59 -10.89
C VAL C 254 34.07 -24.40 -11.59
N ASP C 255 34.39 -24.12 -12.87
CA ASP C 255 33.90 -22.94 -13.59
C ASP C 255 32.37 -22.78 -13.61
N GLU C 256 31.93 -21.64 -13.05
CA GLU C 256 30.55 -21.19 -12.87
C GLU C 256 29.79 -20.99 -14.18
N ARG C 257 30.51 -20.81 -15.30
CA ARG C 257 29.90 -20.57 -16.61
C ARG C 257 29.25 -21.82 -17.18
N PHE C 258 29.73 -23.02 -16.79
CA PHE C 258 29.15 -24.31 -17.22
C PHE C 258 27.97 -24.57 -16.31
N LYS C 259 26.82 -24.92 -16.90
CA LYS C 259 25.60 -25.22 -16.17
C LYS C 259 25.47 -26.70 -15.83
N LEU C 260 26.30 -27.54 -16.47
CA LEU C 260 26.33 -28.98 -16.25
C LEU C 260 27.74 -29.53 -16.45
N LEU C 261 28.12 -30.48 -15.60
CA LEU C 261 29.33 -31.26 -15.69
C LEU C 261 28.92 -32.69 -15.89
N THR C 262 29.39 -33.28 -16.98
CA THR C 262 29.09 -34.69 -17.23
C THR C 262 30.43 -35.42 -17.29
N PHE C 263 30.62 -36.33 -16.33
CA PHE C 263 31.87 -37.07 -16.19
C PHE C 263 31.69 -38.57 -16.31
N THR C 264 32.62 -39.18 -17.04
CA THR C 264 32.73 -40.63 -17.21
C THR C 264 34.18 -40.98 -16.89
N GLY C 265 34.39 -41.89 -15.93
CA GLY C 265 35.72 -42.30 -15.48
C GLY C 265 35.71 -43.00 -14.13
N SER C 266 36.82 -42.91 -13.37
CA SER C 266 36.93 -43.58 -12.06
C SER C 266 36.12 -42.92 -10.94
N GLY C 267 35.64 -43.76 -10.02
CA GLY C 267 34.87 -43.37 -8.85
C GLY C 267 35.50 -42.27 -8.00
N PRO C 268 36.70 -42.48 -7.41
CA PRO C 268 37.31 -41.44 -6.56
C PRO C 268 37.48 -40.06 -7.20
N ILE C 269 37.87 -40.02 -8.50
CA ILE C 269 38.05 -38.79 -9.27
C ILE C 269 36.70 -38.07 -9.44
N GLY C 270 35.68 -38.83 -9.85
CA GLY C 270 34.32 -38.35 -10.07
C GLY C 270 33.65 -37.76 -8.85
N TRP C 271 33.65 -38.49 -7.74
CA TRP C 271 33.05 -38.05 -6.48
C TRP C 271 33.70 -36.78 -5.93
N ASP C 272 35.02 -36.63 -6.14
CA ASP C 272 35.76 -35.43 -5.75
C ASP C 272 35.39 -34.24 -6.66
N MET C 273 35.17 -34.51 -7.96
CA MET C 273 34.74 -33.51 -8.94
C MET C 273 33.35 -33.00 -8.62
N LYS C 274 32.44 -33.89 -8.14
CA LYS C 274 31.08 -33.53 -7.73
C LYS C 274 31.13 -32.56 -6.53
N ALA C 275 32.06 -32.84 -5.57
CA ALA C 275 32.30 -32.05 -4.35
C ALA C 275 32.86 -30.65 -4.62
N ARG C 276 33.59 -30.48 -5.73
CA ARG C 276 34.23 -29.21 -6.13
C ARG C 276 33.49 -28.47 -7.27
N ALA C 277 32.42 -29.09 -7.81
CA ALA C 277 31.63 -28.59 -8.95
C ALA C 277 30.90 -27.24 -8.76
N GLY C 278 30.62 -26.84 -7.52
CA GLY C 278 29.89 -25.62 -7.25
C GLY C 278 28.40 -25.79 -7.48
N LYS C 279 27.75 -24.76 -8.07
CA LYS C 279 26.29 -24.68 -8.29
C LYS C 279 25.74 -25.57 -9.41
N LYS C 280 26.54 -25.84 -10.46
CA LYS C 280 26.13 -26.62 -11.65
C LYS C 280 25.60 -28.04 -11.37
N LYS C 281 24.78 -28.58 -12.30
CA LYS C 281 24.26 -29.94 -12.21
C LYS C 281 25.39 -30.91 -12.56
N VAL C 282 25.29 -32.16 -12.06
CA VAL C 282 26.32 -33.16 -12.23
C VAL C 282 25.74 -34.50 -12.68
N VAL C 283 26.44 -35.16 -13.63
CA VAL C 283 26.15 -36.50 -14.18
C VAL C 283 27.45 -37.28 -13.92
N MET C 284 27.34 -38.42 -13.22
CA MET C 284 28.49 -39.27 -12.86
C MET C 284 28.37 -40.70 -13.37
N GLU C 285 29.20 -41.07 -14.34
CA GLU C 285 29.24 -42.43 -14.90
C GLU C 285 30.56 -43.01 -14.43
N LEU C 286 30.52 -43.82 -13.38
CA LEU C 286 31.74 -44.29 -12.73
C LEU C 286 32.01 -45.81 -12.85
N GLY C 287 32.88 -46.32 -12.00
CA GLY C 287 33.31 -47.71 -11.99
C GLY C 287 32.30 -48.74 -11.55
N GLY C 288 32.71 -50.00 -11.61
CA GLY C 288 31.88 -51.14 -11.26
C GLY C 288 32.62 -52.39 -10.82
N ASN C 289 31.88 -53.32 -10.25
CA ASN C 289 32.34 -54.64 -9.78
C ASN C 289 31.11 -55.49 -10.02
N ALA C 290 30.93 -55.84 -11.28
CA ALA C 290 29.75 -56.49 -11.82
C ALA C 290 29.70 -57.99 -11.62
N PRO C 291 28.62 -58.41 -10.95
CA PRO C 291 28.41 -59.84 -10.72
C PRO C 291 27.45 -60.49 -11.75
N CYS C 292 27.50 -61.82 -11.88
CA CYS C 292 26.62 -62.57 -12.76
C CYS C 292 26.21 -63.88 -12.12
N ILE C 293 24.90 -64.15 -12.07
CA ILE C 293 24.33 -65.38 -11.52
C ILE C 293 24.03 -66.37 -12.66
N VAL C 294 24.48 -67.62 -12.54
CA VAL C 294 24.20 -68.67 -13.52
C VAL C 294 23.37 -69.73 -12.79
N ASP C 295 22.04 -69.60 -12.91
CA ASP C 295 21.09 -70.50 -12.27
C ASP C 295 20.60 -71.58 -13.25
N ASP C 296 20.76 -71.32 -14.56
CA ASP C 296 20.38 -72.20 -15.67
C ASP C 296 21.25 -71.88 -16.89
N TYR C 297 21.24 -72.74 -17.91
CA TYR C 297 21.94 -72.53 -19.18
C TYR C 297 20.88 -72.00 -20.14
N VAL C 298 21.06 -70.78 -20.67
CA VAL C 298 20.05 -70.16 -21.51
C VAL C 298 20.62 -69.63 -22.84
N PRO C 299 20.25 -70.22 -24.02
CA PRO C 299 19.38 -71.40 -24.20
C PRO C 299 20.07 -72.74 -23.90
N ASP C 300 21.42 -72.77 -24.02
CA ASP C 300 22.27 -73.94 -23.78
C ASP C 300 23.60 -73.54 -23.14
N LEU C 301 24.38 -74.55 -22.68
CA LEU C 301 25.68 -74.40 -22.02
C LEU C 301 26.74 -73.68 -22.88
N ASP C 302 26.85 -74.03 -24.17
CA ASP C 302 27.81 -73.42 -25.10
C ASP C 302 27.58 -71.91 -25.23
N TYR C 303 26.31 -71.50 -25.47
CA TYR C 303 25.95 -70.09 -25.59
C TYR C 303 26.21 -69.35 -24.30
N THR C 304 25.84 -69.98 -23.16
CA THR C 304 26.04 -69.41 -21.82
C THR C 304 27.51 -69.06 -21.61
N ILE C 305 28.42 -70.07 -21.79
CA ILE C 305 29.88 -69.93 -21.62
C ILE C 305 30.42 -68.83 -22.54
N GLN C 306 29.95 -68.80 -23.80
CA GLN C 306 30.31 -67.81 -24.83
C GLN C 306 30.02 -66.37 -24.35
N ARG C 307 28.89 -66.18 -23.63
CA ARG C 307 28.48 -64.87 -23.10
C ARG C 307 29.24 -64.50 -21.82
N LEU C 308 29.59 -65.52 -21.01
CA LEU C 308 30.38 -65.34 -19.79
C LEU C 308 31.81 -64.98 -20.16
N ILE C 309 32.34 -65.56 -21.27
CA ILE C 309 33.67 -65.27 -21.79
C ILE C 309 33.72 -63.83 -22.32
N ASN C 310 32.63 -63.38 -22.98
CA ASN C 310 32.46 -62.01 -23.46
C ASN C 310 32.47 -61.05 -22.27
N GLY C 311 31.61 -61.29 -21.29
CA GLY C 311 31.56 -60.46 -20.10
C GLY C 311 32.86 -60.41 -19.33
N GLY C 312 33.42 -61.58 -19.09
CA GLY C 312 34.65 -61.69 -18.32
C GLY C 312 35.92 -61.19 -18.96
N PHE C 313 36.01 -61.19 -20.31
CA PHE C 313 37.24 -60.85 -21.01
C PHE C 313 37.12 -59.94 -22.26
N TYR C 314 35.96 -59.29 -22.48
CA TYR C 314 35.82 -58.34 -23.59
C TYR C 314 36.69 -57.14 -23.24
N GLN C 315 37.61 -56.75 -24.15
CA GLN C 315 38.55 -55.64 -24.02
C GLN C 315 39.53 -55.84 -22.86
N GLY C 316 39.84 -57.10 -22.56
CA GLY C 316 40.73 -57.51 -21.47
C GLY C 316 40.24 -57.07 -20.11
N GLY C 317 38.92 -57.14 -19.90
CA GLY C 317 38.27 -56.72 -18.66
C GLY C 317 38.29 -55.23 -18.40
N GLN C 318 38.82 -54.44 -19.34
CA GLN C 318 38.93 -52.99 -19.22
C GLN C 318 37.63 -52.35 -19.62
N SER C 319 36.62 -52.58 -18.78
CA SER C 319 35.25 -52.13 -18.95
C SER C 319 34.63 -51.86 -17.59
N CYS C 320 33.76 -50.85 -17.53
CA CYS C 320 32.99 -50.45 -16.35
C CYS C 320 31.93 -51.51 -16.03
N ILE C 321 31.50 -52.31 -17.06
CA ILE C 321 30.52 -53.38 -16.93
C ILE C 321 31.16 -54.77 -17.19
N HIS C 322 32.48 -54.89 -16.95
CA HIS C 322 33.23 -56.14 -17.05
C HIS C 322 32.71 -57.09 -15.95
N MET C 323 32.31 -58.32 -16.34
CA MET C 323 31.84 -59.33 -15.39
C MET C 323 33.05 -59.77 -14.56
N GLN C 324 33.18 -59.17 -13.37
CA GLN C 324 34.27 -59.40 -12.41
C GLN C 324 33.96 -60.59 -11.50
N ARG C 325 32.66 -60.80 -11.18
CA ARG C 325 32.26 -61.87 -10.24
C ARG C 325 31.26 -62.85 -10.85
N LEU C 326 31.58 -64.13 -10.78
CA LEU C 326 30.74 -65.18 -11.36
C LEU C 326 30.21 -66.13 -10.29
N TYR C 327 28.87 -66.12 -10.09
CA TYR C 327 28.17 -66.95 -9.10
C TYR C 327 27.39 -68.05 -9.82
N VAL C 328 27.83 -69.31 -9.64
CA VAL C 328 27.23 -70.47 -10.29
C VAL C 328 26.59 -71.42 -9.27
N HIS C 329 25.36 -71.89 -9.55
CA HIS C 329 24.63 -72.81 -8.69
C HIS C 329 25.43 -74.09 -8.55
N GLU C 330 25.43 -74.65 -7.35
CA GLU C 330 26.16 -75.89 -6.99
C GLU C 330 25.94 -77.07 -7.97
N ARG C 331 24.71 -77.26 -8.49
CA ARG C 331 24.36 -78.35 -9.41
C ARG C 331 24.98 -78.20 -10.82
N LEU C 332 25.43 -76.97 -11.18
CA LEU C 332 26.03 -76.65 -12.48
C LEU C 332 27.50 -76.27 -12.34
N TYR C 333 27.94 -75.97 -11.09
CA TYR C 333 29.27 -75.49 -10.74
C TYR C 333 30.43 -76.16 -11.46
N ASP C 334 30.59 -77.49 -11.31
CA ASP C 334 31.70 -78.21 -11.93
C ASP C 334 31.62 -78.20 -13.46
N GLU C 335 30.42 -78.37 -14.02
CA GLU C 335 30.19 -78.35 -15.47
C GLU C 335 30.62 -77.00 -16.07
N VAL C 336 30.18 -75.89 -15.44
CA VAL C 336 30.49 -74.51 -15.85
C VAL C 336 31.99 -74.22 -15.68
N LYS C 337 32.56 -74.55 -14.49
CA LYS C 337 33.98 -74.35 -14.16
C LYS C 337 34.90 -74.97 -15.22
N GLU C 338 34.63 -76.23 -15.62
CA GLU C 338 35.41 -76.95 -16.63
C GLU C 338 35.31 -76.29 -18.00
N GLY C 339 34.08 -76.02 -18.45
CA GLY C 339 33.79 -75.38 -19.73
C GLY C 339 34.32 -73.97 -19.88
N PHE C 340 34.21 -73.17 -18.80
CA PHE C 340 34.65 -71.77 -18.75
C PHE C 340 36.17 -71.67 -18.81
N VAL C 341 36.88 -72.41 -17.91
CA VAL C 341 38.36 -72.43 -17.84
C VAL C 341 38.96 -72.87 -19.19
N ALA C 342 38.39 -73.92 -19.82
CA ALA C 342 38.83 -74.42 -21.13
C ALA C 342 38.68 -73.35 -22.23
N ALA C 343 37.61 -72.54 -22.15
CA ALA C 343 37.35 -71.46 -23.10
C ALA C 343 38.29 -70.26 -22.88
N VAL C 344 38.71 -70.01 -21.60
CA VAL C 344 39.66 -68.95 -21.19
C VAL C 344 41.04 -69.23 -21.79
N LYS C 345 41.50 -70.50 -21.70
CA LYS C 345 42.80 -70.98 -22.18
C LYS C 345 42.91 -70.95 -23.71
N LYS C 346 41.75 -70.97 -24.40
CA LYS C 346 41.62 -70.95 -25.85
C LYS C 346 41.64 -69.52 -26.44
N LEU C 347 41.55 -68.47 -25.56
CA LEU C 347 41.52 -67.06 -25.97
C LEU C 347 42.84 -66.59 -26.55
N LYS C 348 42.77 -65.95 -27.73
CA LYS C 348 43.94 -65.43 -28.43
C LYS C 348 44.32 -64.03 -27.93
N MET C 349 45.52 -63.92 -27.34
CA MET C 349 46.08 -62.68 -26.82
C MET C 349 47.29 -62.27 -27.66
N GLY C 350 47.38 -60.99 -28.02
CA GLY C 350 48.49 -60.47 -28.82
C GLY C 350 48.25 -59.12 -29.46
N ASN C 351 48.77 -58.95 -30.69
CA ASN C 351 48.68 -57.72 -31.49
C ASN C 351 47.22 -57.34 -31.74
N PRO C 352 46.74 -56.19 -31.21
CA PRO C 352 45.32 -55.81 -31.41
C PRO C 352 44.92 -55.53 -32.86
N PHE C 353 45.91 -55.30 -33.75
CA PHE C 353 45.69 -55.06 -35.17
C PHE C 353 45.30 -56.33 -35.95
N GLU C 354 45.53 -57.52 -35.36
CA GLU C 354 45.16 -58.79 -35.97
C GLU C 354 43.67 -59.05 -35.79
N GLU C 355 43.07 -59.71 -36.77
CA GLU C 355 41.65 -60.04 -36.83
C GLU C 355 41.22 -61.07 -35.79
N ASP C 356 42.05 -62.10 -35.56
CA ASP C 356 41.78 -63.19 -34.62
C ASP C 356 42.01 -62.84 -33.14
N THR C 357 42.70 -61.71 -32.84
CA THR C 357 43.01 -61.29 -31.47
C THR C 357 41.76 -61.01 -30.62
N TYR C 358 41.58 -61.77 -29.51
CA TYR C 358 40.47 -61.59 -28.58
C TYR C 358 40.80 -60.50 -27.58
N LEU C 359 42.02 -60.48 -27.05
CA LEU C 359 42.44 -59.46 -26.07
C LEU C 359 43.84 -58.95 -26.35
N GLY C 360 43.98 -57.64 -26.36
CA GLY C 360 45.25 -56.97 -26.60
C GLY C 360 45.94 -56.61 -25.29
N PRO C 361 46.90 -55.67 -25.30
CA PRO C 361 47.56 -55.31 -24.04
C PRO C 361 46.74 -54.34 -23.20
N MET C 362 47.15 -54.12 -21.93
CA MET C 362 46.53 -53.15 -21.02
C MET C 362 46.97 -51.76 -21.46
N ILE C 363 46.25 -50.69 -21.09
CA ILE C 363 46.56 -49.30 -21.46
C ILE C 363 48.05 -48.94 -21.19
N SER C 364 48.63 -49.51 -20.10
CA SER C 364 50.02 -49.32 -19.70
C SER C 364 50.58 -50.54 -18.98
N GLU C 365 51.91 -50.60 -18.86
CA GLU C 365 52.62 -51.67 -18.14
C GLU C 365 52.32 -51.55 -16.64
N SER C 366 52.15 -50.30 -16.15
CA SER C 366 51.82 -49.94 -14.78
C SER C 366 50.46 -50.55 -14.38
N ALA C 367 49.46 -50.43 -15.27
CA ALA C 367 48.11 -50.97 -15.10
C ALA C 367 48.18 -52.50 -15.02
N ALA C 368 48.95 -53.14 -15.92
CA ALA C 368 49.13 -54.59 -15.98
C ALA C 368 49.81 -55.14 -14.72
N LYS C 369 50.80 -54.38 -14.16
CA LYS C 369 51.53 -54.72 -12.94
C LYS C 369 50.59 -54.75 -11.73
N GLY C 370 49.67 -53.77 -11.66
CA GLY C 370 48.67 -53.65 -10.62
C GLY C 370 47.73 -54.84 -10.56
N ILE C 371 47.33 -55.35 -11.73
CA ILE C 371 46.46 -56.53 -11.87
C ILE C 371 47.21 -57.78 -11.40
N GLU C 372 48.49 -57.93 -11.79
CA GLU C 372 49.39 -59.02 -11.41
C GLU C 372 49.57 -59.07 -9.89
N ASP C 373 49.69 -57.88 -9.25
CA ASP C 373 49.84 -57.72 -7.80
C ASP C 373 48.58 -58.18 -7.07
N TRP C 374 47.39 -57.74 -7.55
CA TRP C 374 46.09 -58.09 -6.98
C TRP C 374 45.73 -59.55 -7.14
N VAL C 375 46.21 -60.21 -8.22
CA VAL C 375 46.02 -61.64 -8.49
C VAL C 375 46.83 -62.43 -7.45
N LYS C 376 48.11 -62.02 -7.26
CA LYS C 376 49.08 -62.59 -6.32
C LYS C 376 48.55 -62.50 -4.87
N GLU C 377 48.01 -61.33 -4.49
CA GLU C 377 47.42 -61.04 -3.18
C GLU C 377 46.16 -61.92 -2.95
N ALA C 378 45.29 -62.05 -3.99
CA ALA C 378 44.06 -62.84 -3.94
C ALA C 378 44.37 -64.32 -3.68
N VAL C 379 45.45 -64.85 -4.29
CA VAL C 379 45.90 -66.23 -4.12
C VAL C 379 46.49 -66.41 -2.71
N ALA C 380 47.28 -65.42 -2.25
CA ALA C 380 47.90 -65.43 -0.91
C ALA C 380 46.86 -65.34 0.21
N LYS C 381 45.69 -64.72 -0.07
CA LYS C 381 44.59 -64.57 0.89
C LYS C 381 43.62 -65.76 0.92
N GLY C 382 43.89 -66.80 0.13
CA GLY C 382 43.09 -68.02 0.10
C GLY C 382 42.47 -68.43 -1.22
N GLY C 383 42.59 -67.58 -2.23
CA GLY C 383 42.03 -67.82 -3.56
C GLY C 383 42.75 -68.92 -4.31
N LYS C 384 42.00 -69.74 -5.06
CA LYS C 384 42.51 -70.86 -5.85
C LYS C 384 42.63 -70.43 -7.32
N LEU C 385 43.88 -70.26 -7.82
CA LEU C 385 44.14 -69.85 -9.20
C LEU C 385 43.87 -70.99 -10.17
N LEU C 386 42.81 -70.85 -10.98
CA LEU C 386 42.40 -71.86 -11.95
C LEU C 386 43.15 -71.78 -13.28
N THR C 387 43.54 -70.56 -13.71
CA THR C 387 44.25 -70.27 -14.97
C THR C 387 44.87 -68.85 -14.97
N GLY C 388 45.84 -68.64 -15.87
CA GLY C 388 46.53 -67.36 -16.07
C GLY C 388 47.27 -66.82 -14.86
N GLY C 389 47.21 -65.50 -14.71
CA GLY C 389 47.85 -64.78 -13.60
C GLY C 389 49.23 -64.22 -13.90
N ASN C 390 49.85 -64.64 -15.02
CA ASN C 390 51.21 -64.22 -15.40
C ASN C 390 51.21 -62.99 -16.30
N ARG C 391 52.23 -62.14 -16.11
CA ARG C 391 52.41 -60.90 -16.86
C ARG C 391 53.61 -60.98 -17.80
N LYS C 392 53.50 -60.28 -18.92
CA LYS C 392 54.51 -60.15 -19.97
C LYS C 392 54.42 -58.72 -20.51
N GLY C 393 55.06 -57.79 -19.79
CA GLY C 393 55.05 -56.36 -20.10
C GLY C 393 53.68 -55.75 -19.83
N ALA C 394 53.03 -55.20 -20.87
CA ALA C 394 51.70 -54.62 -20.75
C ALA C 394 50.62 -55.71 -20.85
N PHE C 395 51.00 -56.94 -21.24
CA PHE C 395 50.10 -58.08 -21.39
C PHE C 395 49.98 -58.88 -20.11
N ILE C 396 48.74 -59.24 -19.76
CA ILE C 396 48.40 -60.04 -18.59
C ILE C 396 47.39 -61.12 -19.00
N GLU C 397 47.77 -62.40 -18.81
CA GLU C 397 46.99 -63.60 -19.16
C GLU C 397 45.57 -63.61 -18.60
N PRO C 398 44.56 -64.11 -19.38
CA PRO C 398 43.18 -64.20 -18.84
C PRO C 398 43.18 -65.11 -17.61
N THR C 399 42.76 -64.55 -16.47
CA THR C 399 42.80 -65.18 -15.15
C THR C 399 41.42 -65.51 -14.58
N VAL C 400 41.32 -66.68 -13.93
CA VAL C 400 40.13 -67.15 -13.24
C VAL C 400 40.58 -67.58 -11.82
N ILE C 401 40.09 -66.87 -10.78
CA ILE C 401 40.44 -67.17 -9.39
C ILE C 401 39.19 -67.55 -8.59
N GLU C 402 39.23 -68.73 -7.97
CA GLU C 402 38.16 -69.32 -7.20
C GLU C 402 38.21 -68.97 -5.70
N ASP C 403 37.02 -68.69 -5.11
CA ASP C 403 36.77 -68.40 -3.69
C ASP C 403 37.71 -67.34 -3.06
N VAL C 404 37.83 -66.16 -3.72
CA VAL C 404 38.65 -65.05 -3.23
C VAL C 404 37.89 -64.34 -2.09
N PRO C 405 38.50 -64.15 -0.89
CA PRO C 405 37.77 -63.51 0.21
C PRO C 405 37.49 -62.03 0.00
N ILE C 406 36.53 -61.47 0.77
CA ILE C 406 36.10 -60.07 0.72
C ILE C 406 37.23 -59.07 1.10
N GLU C 407 38.18 -59.51 1.94
CA GLU C 407 39.33 -58.68 2.37
C GLU C 407 40.33 -58.39 1.24
N ALA C 408 40.34 -59.24 0.18
CA ALA C 408 41.24 -59.07 -0.97
C ALA C 408 40.76 -57.94 -1.88
N ASN C 409 41.72 -57.17 -2.43
CA ASN C 409 41.48 -56.05 -3.34
C ASN C 409 40.80 -56.46 -4.62
N ALA C 410 41.12 -57.67 -5.12
CA ALA C 410 40.53 -58.26 -6.33
C ALA C 410 39.01 -58.44 -6.20
N ARG C 411 38.53 -58.70 -4.98
CA ARG C 411 37.12 -58.89 -4.68
C ARG C 411 36.41 -57.57 -4.30
N LYS C 412 37.03 -56.77 -3.42
CA LYS C 412 36.51 -55.50 -2.89
C LYS C 412 36.43 -54.39 -3.94
N GLU C 413 37.57 -54.09 -4.58
CA GLU C 413 37.72 -53.01 -5.54
C GLU C 413 37.56 -53.45 -6.99
N GLU C 414 37.31 -52.48 -7.89
CA GLU C 414 37.20 -52.66 -9.33
C GLU C 414 38.56 -53.12 -9.87
N ILE C 415 38.59 -54.33 -10.46
CA ILE C 415 39.80 -54.98 -10.97
C ILE C 415 40.24 -54.33 -12.29
N PHE C 416 39.29 -54.13 -13.25
CA PHE C 416 39.53 -53.51 -14.57
C PHE C 416 40.70 -54.20 -15.33
N GLY C 417 40.70 -55.53 -15.27
CA GLY C 417 41.66 -56.42 -15.90
C GLY C 417 41.04 -57.73 -16.35
N PRO C 418 41.79 -58.59 -17.08
CA PRO C 418 41.22 -59.87 -17.52
C PRO C 418 41.23 -60.91 -16.39
N VAL C 419 40.48 -60.62 -15.31
CA VAL C 419 40.37 -61.42 -14.10
C VAL C 419 38.88 -61.65 -13.78
N VAL C 420 38.50 -62.92 -13.57
CA VAL C 420 37.15 -63.33 -13.20
C VAL C 420 37.23 -64.09 -11.89
N LEU C 421 36.40 -63.69 -10.93
CA LEU C 421 36.33 -64.30 -9.62
C LEU C 421 35.15 -65.29 -9.57
N LEU C 422 35.47 -66.61 -9.51
CA LEU C 422 34.50 -67.71 -9.48
C LEU C 422 34.02 -68.05 -8.08
N TYR C 423 32.70 -68.19 -7.93
CA TYR C 423 32.05 -68.55 -6.67
C TYR C 423 30.89 -69.51 -6.91
N LYS C 424 30.63 -70.38 -5.93
CA LYS C 424 29.54 -71.35 -5.90
C LYS C 424 28.48 -70.85 -4.91
N TYR C 425 27.19 -71.09 -5.21
CA TYR C 425 26.11 -70.76 -4.28
C TYR C 425 25.12 -71.92 -4.23
N SER C 426 24.33 -72.01 -3.15
CA SER C 426 23.33 -73.07 -3.01
C SER C 426 21.90 -72.52 -2.99
N ASP C 427 21.73 -71.31 -2.43
CA ASP C 427 20.47 -70.59 -2.30
C ASP C 427 20.51 -69.32 -3.15
N PHE C 428 19.48 -69.16 -4.00
CA PHE C 428 19.37 -68.04 -4.93
C PHE C 428 19.27 -66.67 -4.22
N LYS C 429 18.45 -66.58 -3.16
CA LYS C 429 18.24 -65.38 -2.36
C LYS C 429 19.58 -64.85 -1.80
N GLU C 430 20.44 -65.77 -1.34
CA GLU C 430 21.76 -65.48 -0.79
C GLU C 430 22.74 -65.03 -1.88
N ALA C 431 22.60 -65.56 -3.11
CA ALA C 431 23.44 -65.14 -4.24
C ALA C 431 23.16 -63.70 -4.64
N VAL C 432 21.87 -63.29 -4.65
CA VAL C 432 21.43 -61.90 -4.94
C VAL C 432 22.02 -60.95 -3.88
N LYS C 433 22.02 -61.38 -2.60
CA LYS C 433 22.58 -60.65 -1.47
C LYS C 433 24.11 -60.50 -1.65
N GLU C 434 24.78 -61.53 -2.21
CA GLU C 434 26.21 -61.52 -2.49
C GLU C 434 26.55 -60.57 -3.65
N CYS C 435 25.69 -60.56 -4.69
CA CYS C 435 25.79 -59.68 -5.85
C CYS C 435 25.79 -58.23 -5.39
N ASN C 436 24.90 -57.91 -4.45
CA ASN C 436 24.74 -56.59 -3.83
C ASN C 436 25.82 -56.27 -2.79
N ASN C 437 26.64 -57.27 -2.40
CA ASN C 437 27.72 -57.09 -1.43
C ASN C 437 28.98 -56.47 -2.07
N THR C 438 28.87 -55.18 -2.38
CA THR C 438 29.87 -54.33 -3.02
C THR C 438 29.44 -52.88 -2.82
N HIS C 439 30.37 -51.94 -3.01
CA HIS C 439 30.07 -50.51 -2.91
C HIS C 439 29.70 -49.95 -4.29
N TYR C 440 29.86 -50.77 -5.35
CA TYR C 440 29.53 -50.47 -6.73
C TYR C 440 28.10 -50.95 -7.01
N GLY C 441 27.52 -50.54 -8.13
CA GLY C 441 26.16 -50.93 -8.52
C GLY C 441 25.81 -50.40 -9.88
N LEU C 442 26.60 -50.77 -10.89
CA LEU C 442 26.38 -50.31 -12.25
C LEU C 442 25.42 -51.25 -12.94
N GLN C 443 25.84 -52.52 -13.16
CA GLN C 443 25.05 -53.57 -13.81
C GLN C 443 25.31 -54.98 -13.24
N SER C 444 24.31 -55.85 -13.31
CA SER C 444 24.38 -57.24 -12.87
C SER C 444 23.79 -58.09 -13.99
N GLY C 445 24.16 -59.36 -14.01
CA GLY C 445 23.69 -60.34 -14.98
C GLY C 445 23.05 -61.53 -14.30
N ILE C 446 22.11 -62.18 -14.98
CA ILE C 446 21.43 -63.34 -14.46
C ILE C 446 20.99 -64.28 -15.58
N PHE C 447 21.42 -65.56 -15.46
CA PHE C 447 21.03 -66.62 -16.36
C PHE C 447 20.01 -67.49 -15.63
N THR C 448 18.75 -67.44 -16.07
CA THR C 448 17.67 -68.20 -15.45
C THR C 448 16.51 -68.49 -16.40
N LYS C 449 15.95 -69.70 -16.28
CA LYS C 449 14.78 -70.12 -17.03
C LYS C 449 13.54 -69.90 -16.12
N ASP C 450 13.79 -69.52 -14.85
CA ASP C 450 12.76 -69.27 -13.84
C ASP C 450 12.19 -67.85 -13.89
N LEU C 451 10.86 -67.76 -13.99
CA LEU C 451 10.09 -66.52 -14.05
C LEU C 451 10.25 -65.64 -12.79
N ASN C 452 10.07 -66.26 -11.60
CA ASN C 452 10.13 -65.57 -10.32
C ASN C 452 11.55 -65.15 -9.92
N LYS C 453 12.59 -65.93 -10.31
CA LYS C 453 13.99 -65.58 -10.03
C LYS C 453 14.40 -64.37 -10.86
N ALA C 454 13.99 -64.33 -12.14
CA ALA C 454 14.24 -63.23 -13.07
C ALA C 454 13.70 -61.91 -12.52
N PHE C 455 12.47 -61.92 -12.00
CA PHE C 455 11.81 -60.73 -11.45
C PHE C 455 12.23 -60.43 -10.02
N TYR C 456 12.69 -61.45 -9.25
CA TYR C 456 13.22 -61.24 -7.89
C TYR C 456 14.52 -60.44 -8.02
N ALA C 457 15.39 -60.85 -8.99
CA ALA C 457 16.66 -60.20 -9.29
C ALA C 457 16.45 -58.77 -9.75
N PHE C 458 15.47 -58.53 -10.64
CA PHE C 458 15.15 -57.19 -11.13
C PHE C 458 14.74 -56.29 -9.96
N GLU C 459 13.94 -56.81 -9.04
CA GLU C 459 13.47 -56.08 -7.88
C GLU C 459 14.56 -55.78 -6.84
N HIS C 460 15.43 -56.77 -6.54
CA HIS C 460 16.37 -56.68 -5.44
C HIS C 460 17.86 -56.43 -5.80
N MET C 461 18.26 -56.48 -7.09
CA MET C 461 19.63 -56.17 -7.47
C MET C 461 19.84 -54.65 -7.44
N GLU C 462 20.80 -54.18 -6.60
CA GLU C 462 21.09 -52.77 -6.35
C GLU C 462 21.99 -52.19 -7.44
N VAL C 463 21.45 -52.12 -8.66
CA VAL C 463 22.13 -51.67 -9.87
C VAL C 463 21.22 -50.78 -10.71
N GLY C 464 21.78 -50.19 -11.76
CA GLY C 464 21.01 -49.39 -12.72
C GLY C 464 20.44 -50.27 -13.83
N GLY C 465 21.10 -51.40 -14.09
CA GLY C 465 20.70 -52.33 -15.12
C GLY C 465 20.90 -53.78 -14.78
N VAL C 466 19.83 -54.60 -14.98
CA VAL C 466 19.83 -56.04 -14.72
C VAL C 466 19.77 -56.72 -16.10
N ILE C 467 20.81 -57.49 -16.45
CA ILE C 467 20.86 -58.20 -17.73
C ILE C 467 20.34 -59.59 -17.54
N LEU C 468 19.25 -59.91 -18.25
CA LEU C 468 18.58 -61.19 -18.17
C LEU C 468 18.92 -62.07 -19.37
N ASN C 469 19.62 -63.17 -19.10
CA ASN C 469 20.09 -64.22 -19.98
C ASN C 469 21.18 -63.70 -20.94
N ASP C 470 22.07 -62.91 -20.35
CA ASP C 470 23.32 -62.39 -20.87
C ASP C 470 24.15 -61.92 -19.66
N SER C 471 25.47 -61.74 -19.84
CA SER C 471 26.40 -61.26 -18.82
C SER C 471 26.09 -59.76 -18.52
N PRO C 472 26.59 -59.19 -17.38
CA PRO C 472 26.34 -57.75 -17.12
C PRO C 472 27.01 -56.81 -18.14
N ALA C 473 27.89 -57.34 -19.00
CA ALA C 473 28.64 -56.58 -20.02
C ALA C 473 27.82 -56.14 -21.24
N LEU C 474 26.48 -56.25 -21.18
CA LEU C 474 25.63 -55.83 -22.27
C LEU C 474 25.07 -54.43 -22.05
N ARG C 475 25.18 -53.58 -23.07
CA ARG C 475 24.65 -52.23 -23.08
C ARG C 475 24.12 -51.87 -24.47
N VAL C 476 22.86 -51.43 -24.56
CA VAL C 476 22.20 -50.94 -25.79
C VAL C 476 22.26 -49.40 -25.62
N ASP C 477 22.65 -48.68 -26.67
CA ASP C 477 22.82 -47.21 -26.63
C ASP C 477 21.54 -46.38 -26.37
N SER C 478 20.35 -47.00 -26.47
CA SER C 478 19.08 -46.35 -26.20
C SER C 478 18.55 -46.61 -24.76
N GLN C 479 19.13 -47.61 -24.05
CA GLN C 479 18.70 -47.98 -22.71
C GLN C 479 19.14 -46.94 -21.65
N PRO C 480 18.39 -46.78 -20.53
CA PRO C 480 18.89 -45.92 -19.45
C PRO C 480 20.07 -46.63 -18.77
N TYR C 481 21.25 -45.99 -18.77
CA TYR C 481 22.48 -46.58 -18.26
C TYR C 481 23.14 -45.69 -17.22
N GLY C 482 23.47 -46.27 -16.09
CA GLY C 482 24.08 -45.55 -14.98
C GLY C 482 24.09 -46.40 -13.75
N GLY C 483 24.67 -45.88 -12.69
CA GLY C 483 24.80 -46.65 -11.46
C GLY C 483 24.09 -46.16 -10.23
N LEU C 484 24.07 -47.04 -9.23
CA LEU C 484 23.62 -46.79 -7.86
C LEU C 484 24.91 -46.81 -7.03
N LYS C 485 24.82 -46.41 -5.76
CA LYS C 485 25.94 -46.39 -4.82
C LYS C 485 27.13 -45.61 -5.39
N ASP C 486 28.37 -46.18 -5.36
CA ASP C 486 29.59 -45.52 -5.86
C ASP C 486 29.75 -45.54 -7.38
N SER C 487 28.85 -46.24 -8.11
CA SER C 487 28.85 -46.32 -9.57
C SER C 487 28.34 -45.03 -10.25
N GLY C 488 27.83 -44.09 -9.46
CA GLY C 488 27.41 -42.78 -9.95
C GLY C 488 26.03 -42.30 -9.56
N ILE C 489 25.56 -41.32 -10.33
CA ILE C 489 24.27 -40.64 -10.27
C ILE C 489 23.88 -40.25 -11.70
N GLN C 490 22.57 -40.26 -11.98
CA GLN C 490 21.93 -39.93 -13.27
C GLN C 490 22.08 -41.04 -14.29
N ARG C 491 21.48 -40.86 -15.48
CA ARG C 491 21.50 -41.86 -16.54
C ARG C 491 21.91 -41.33 -17.88
N GLU C 492 22.81 -42.06 -18.55
CA GLU C 492 23.15 -41.86 -19.95
C GLU C 492 22.23 -42.81 -20.77
N GLY C 493 22.39 -42.83 -22.08
CA GLY C 493 21.44 -43.47 -22.99
C GLY C 493 20.76 -42.23 -23.55
N VAL C 494 20.93 -41.96 -24.85
CA VAL C 494 20.62 -40.71 -25.53
C VAL C 494 19.41 -39.93 -24.94
N LYS C 495 18.16 -40.47 -24.96
CA LYS C 495 16.99 -39.72 -24.48
C LYS C 495 17.08 -39.35 -22.98
N TYR C 496 17.79 -40.17 -22.19
CA TYR C 496 17.99 -39.96 -20.75
C TYR C 496 19.06 -38.89 -20.48
N ALA C 497 20.17 -38.89 -21.26
CA ALA C 497 21.23 -37.88 -21.15
C ALA C 497 20.71 -36.51 -21.58
N MET C 498 19.83 -36.49 -22.60
CA MET C 498 19.16 -35.29 -23.12
C MET C 498 18.33 -34.61 -22.04
N ASP C 499 17.71 -35.38 -21.12
CA ASP C 499 16.91 -34.88 -19.99
C ASP C 499 17.72 -34.09 -19.00
N ASP C 500 18.96 -34.52 -18.70
CA ASP C 500 19.86 -33.83 -17.79
C ASP C 500 20.38 -32.52 -18.41
N MET C 501 20.34 -32.42 -19.75
CA MET C 501 20.74 -31.25 -20.54
C MET C 501 19.56 -30.32 -20.85
N LEU C 502 18.39 -30.63 -20.28
CA LEU C 502 17.18 -29.83 -20.46
C LEU C 502 16.64 -29.38 -19.11
N GLU C 503 16.19 -28.12 -19.06
CA GLU C 503 15.55 -27.52 -17.89
C GLU C 503 14.06 -27.39 -18.18
N THR C 504 13.23 -27.65 -17.17
CA THR C 504 11.77 -27.56 -17.25
C THR C 504 11.28 -26.11 -17.02
N LYS C 505 10.38 -25.63 -17.89
CA LYS C 505 9.76 -24.33 -17.73
C LYS C 505 8.25 -24.49 -17.93
N VAL C 506 7.46 -23.91 -17.01
CA VAL C 506 6.01 -23.95 -17.11
C VAL C 506 5.43 -22.56 -17.39
N LEU C 507 4.48 -22.49 -18.32
CA LEU C 507 3.74 -21.26 -18.59
C LEU C 507 2.39 -21.49 -17.90
N VAL C 508 2.18 -20.79 -16.77
CA VAL C 508 0.92 -20.90 -16.01
C VAL C 508 0.00 -19.84 -16.55
N MET C 509 -1.10 -20.30 -17.18
CA MET C 509 -2.07 -19.46 -17.88
C MET C 509 -3.38 -19.29 -17.11
N ARG C 510 -3.67 -18.04 -16.77
CA ARG C 510 -4.87 -17.63 -16.05
C ARG C 510 -5.91 -17.11 -17.04
N ASN C 511 -7.02 -17.87 -17.20
CA ASN C 511 -8.19 -17.58 -18.05
C ASN C 511 -7.80 -17.17 -19.48
N VAL C 512 -6.86 -17.91 -20.08
CA VAL C 512 -6.42 -17.69 -21.46
C VAL C 512 -7.47 -18.37 -22.32
N GLY C 513 -8.11 -17.60 -23.19
CA GLY C 513 -9.20 -18.08 -24.03
C GLY C 513 -10.54 -17.45 -23.65
N THR C 514 -10.53 -16.59 -22.62
CA THR C 514 -11.67 -15.85 -22.13
C THR C 514 -11.70 -14.52 -22.89
N LEU C 515 -12.74 -14.30 -23.70
CA LEU C 515 -12.85 -13.07 -24.49
C LEU C 515 -13.21 -11.86 -23.62
N THR D 36 -0.07 -20.16 29.80
CA THR D 36 0.76 -21.35 29.95
C THR D 36 1.13 -21.93 28.58
N PRO D 37 2.44 -22.17 28.27
CA PRO D 37 2.79 -22.70 26.94
C PRO D 37 2.41 -24.17 26.73
N LYS D 38 2.02 -24.54 25.49
CA LYS D 38 1.65 -25.91 25.14
C LYS D 38 2.90 -26.77 24.93
N LYS D 39 2.97 -27.91 25.62
CA LYS D 39 4.08 -28.85 25.55
C LYS D 39 3.87 -29.83 24.39
N TYR D 40 4.78 -29.78 23.39
CA TYR D 40 4.74 -30.62 22.20
C TYR D 40 5.76 -31.77 22.31
N ASN D 41 5.63 -32.77 21.43
CA ASN D 41 6.54 -33.92 21.37
C ASN D 41 7.22 -33.97 20.03
N ILE D 42 8.52 -34.32 20.02
CA ILE D 42 9.29 -34.48 18.78
C ILE D 42 9.14 -35.93 18.30
N PHE D 43 9.54 -36.22 17.04
CA PHE D 43 9.34 -37.58 16.53
C PHE D 43 10.64 -38.25 16.18
N LEU D 44 10.93 -39.37 16.86
CA LEU D 44 12.15 -40.16 16.66
C LEU D 44 11.72 -41.59 16.37
N ALA D 45 12.03 -42.07 15.14
CA ALA D 45 11.70 -43.41 14.62
C ALA D 45 10.21 -43.70 14.77
N SER D 46 9.37 -42.79 14.24
CA SER D 46 7.91 -42.81 14.22
C SER D 46 7.19 -42.62 15.58
N LYS D 47 7.95 -42.57 16.69
CA LYS D 47 7.37 -42.46 18.04
C LYS D 47 7.56 -41.06 18.70
N PRO D 48 6.55 -40.56 19.47
CA PRO D 48 6.73 -39.27 20.16
C PRO D 48 7.67 -39.37 21.34
N VAL D 49 8.59 -38.41 21.45
CA VAL D 49 9.61 -38.35 22.52
C VAL D 49 9.74 -36.95 23.11
N ASP D 50 10.09 -36.89 24.41
CA ASP D 50 10.32 -35.67 25.18
C ASP D 50 11.45 -35.91 26.19
N GLY D 51 11.34 -37.02 26.94
CA GLY D 51 12.30 -37.48 27.93
C GLY D 51 12.90 -36.40 28.81
N ASP D 52 14.23 -36.49 29.02
CA ASP D 52 14.96 -35.50 29.82
C ASP D 52 15.71 -34.46 28.93
N ARG D 53 15.29 -34.33 27.65
CA ARG D 53 15.85 -33.38 26.67
C ARG D 53 15.50 -31.95 27.09
N LYS D 54 16.36 -30.98 26.78
CA LYS D 54 16.12 -29.57 27.10
C LYS D 54 15.03 -28.98 26.20
N TRP D 55 14.37 -27.92 26.65
CA TRP D 55 13.28 -27.31 25.88
C TRP D 55 13.71 -26.16 25.00
N LEU D 56 13.12 -26.11 23.81
CA LEU D 56 13.28 -25.05 22.82
C LEU D 56 11.96 -24.28 22.85
N ASP D 57 12.04 -22.97 23.09
CA ASP D 57 10.86 -22.12 23.15
C ASP D 57 10.40 -21.66 21.77
N VAL D 58 9.08 -21.67 21.53
CA VAL D 58 8.47 -21.20 20.29
C VAL D 58 7.57 -20.03 20.71
N THR D 59 7.86 -18.84 20.16
CA THR D 59 7.13 -17.62 20.50
C THR D 59 5.97 -17.32 19.56
N ASN D 60 4.96 -16.60 20.08
CA ASN D 60 3.82 -16.10 19.32
C ASN D 60 4.45 -14.92 18.58
N LYS D 61 4.57 -15.04 17.25
CA LYS D 61 5.27 -14.06 16.41
C LYS D 61 4.61 -12.66 16.35
N TYR D 62 3.50 -12.44 17.09
CA TYR D 62 2.84 -11.14 17.21
C TYR D 62 3.03 -10.57 18.62
N THR D 63 2.69 -11.35 19.67
CA THR D 63 2.81 -10.90 21.08
C THR D 63 4.25 -10.99 21.60
N ASN D 64 5.11 -11.77 20.91
CA ASN D 64 6.52 -12.04 21.23
C ASN D 64 6.69 -12.79 22.56
N ASP D 65 5.61 -13.46 23.01
CA ASP D 65 5.58 -14.27 24.23
C ASP D 65 5.62 -15.76 23.89
N VAL D 66 6.29 -16.57 24.73
CA VAL D 66 6.43 -18.01 24.55
C VAL D 66 5.06 -18.70 24.63
N ALA D 67 4.66 -19.36 23.53
CA ALA D 67 3.37 -20.03 23.44
C ALA D 67 3.48 -21.55 23.36
N ALA D 68 4.69 -22.07 23.06
CA ALA D 68 4.92 -23.52 22.95
C ALA D 68 6.32 -23.92 23.38
N LYS D 69 6.46 -25.15 23.91
CA LYS D 69 7.73 -25.73 24.33
C LYS D 69 7.97 -27.04 23.56
N VAL D 70 9.08 -27.09 22.83
CA VAL D 70 9.46 -28.22 21.97
C VAL D 70 10.75 -28.89 22.46
N PRO D 71 10.78 -30.24 22.66
CA PRO D 71 12.03 -30.91 23.08
C PRO D 71 13.16 -30.73 22.06
N GLN D 72 14.37 -30.38 22.56
CA GLN D 72 15.56 -30.17 21.74
C GLN D 72 16.23 -31.53 21.49
N ALA D 73 16.30 -31.96 20.22
CA ALA D 73 16.92 -33.22 19.81
C ALA D 73 18.45 -33.14 19.93
N THR D 74 19.07 -34.27 20.31
CA THR D 74 20.52 -34.37 20.49
C THR D 74 21.21 -34.95 19.26
N HIS D 75 22.56 -34.95 19.27
CA HIS D 75 23.38 -35.50 18.18
C HIS D 75 23.09 -37.01 18.03
N LYS D 76 22.97 -37.73 19.19
CA LYS D 76 22.64 -39.15 19.25
C LYS D 76 21.25 -39.38 18.66
N ASP D 77 20.28 -38.49 18.97
CA ASP D 77 18.92 -38.55 18.42
C ASP D 77 18.94 -38.55 16.90
N ILE D 78 19.72 -37.63 16.30
CA ILE D 78 19.87 -37.50 14.86
C ILE D 78 20.50 -38.78 14.27
N ASP D 79 21.60 -39.27 14.88
CA ASP D 79 22.29 -40.50 14.45
C ASP D 79 21.37 -41.73 14.53
N ASP D 80 20.52 -41.81 15.58
CA ASP D 80 19.56 -42.89 15.81
C ASP D 80 18.40 -42.83 14.81
N ALA D 81 17.98 -41.60 14.43
CA ALA D 81 16.92 -41.36 13.47
C ALA D 81 17.34 -41.79 12.06
N ILE D 82 18.64 -41.55 11.71
CA ILE D 82 19.21 -41.93 10.41
C ILE D 82 19.33 -43.45 10.32
N ASP D 83 19.78 -44.11 11.40
CA ASP D 83 19.90 -45.59 11.45
C ASP D 83 18.53 -46.27 11.33
N ALA D 84 17.49 -45.65 11.93
CA ALA D 84 16.12 -46.16 11.90
C ALA D 84 15.52 -46.05 10.51
N ALA D 85 15.87 -44.98 9.76
CA ALA D 85 15.45 -44.73 8.38
C ALA D 85 16.09 -45.75 7.44
N VAL D 86 17.39 -46.08 7.64
CA VAL D 86 18.12 -47.09 6.87
C VAL D 86 17.43 -48.47 7.06
N ALA D 87 17.14 -48.83 8.33
CA ALA D 87 16.49 -50.07 8.74
C ALA D 87 15.05 -50.18 8.23
N ALA D 88 14.36 -49.04 8.08
CA ALA D 88 12.97 -48.99 7.60
C ALA D 88 12.85 -48.94 6.07
N ALA D 89 13.95 -48.62 5.36
CA ALA D 89 13.96 -48.52 3.89
C ALA D 89 13.44 -49.80 3.19
N PRO D 90 13.87 -51.05 3.56
CA PRO D 90 13.31 -52.24 2.87
C PRO D 90 11.79 -52.40 3.03
N ALA D 91 11.25 -52.15 4.24
CA ALA D 91 9.81 -52.24 4.51
C ALA D 91 9.02 -51.16 3.76
N MET D 92 9.57 -49.93 3.69
CA MET D 92 8.98 -48.79 2.96
C MET D 92 8.88 -49.14 1.47
N ALA D 93 9.97 -49.72 0.92
CA ALA D 93 10.08 -50.14 -0.49
C ALA D 93 9.18 -51.33 -0.82
N ALA D 94 8.87 -52.17 0.20
CA ALA D 94 8.05 -53.38 0.08
C ALA D 94 6.55 -53.12 0.13
N MET D 95 6.13 -51.91 0.60
CA MET D 95 4.73 -51.50 0.69
C MET D 95 4.04 -51.53 -0.68
N GLY D 96 2.77 -51.93 -0.70
CA GLY D 96 1.93 -51.92 -1.89
C GLY D 96 1.52 -50.48 -2.17
N ALA D 97 1.31 -50.12 -3.44
CA ALA D 97 0.92 -48.74 -3.79
C ALA D 97 -0.35 -48.28 -3.10
N TYR D 98 -1.32 -49.22 -2.87
CA TYR D 98 -2.59 -48.95 -2.18
C TYR D 98 -2.34 -48.60 -0.71
N GLU D 99 -1.25 -49.17 -0.10
CA GLU D 99 -0.86 -48.92 1.29
C GLU D 99 -0.33 -47.51 1.43
N ARG D 100 0.49 -47.05 0.46
CA ARG D 100 1.07 -45.71 0.46
C ARG D 100 -0.04 -44.68 0.26
N LYS D 101 -1.05 -45.03 -0.56
CA LYS D 101 -2.26 -44.24 -0.87
C LYS D 101 -3.13 -44.14 0.39
N ALA D 102 -3.29 -45.25 1.12
CA ALA D 102 -4.09 -45.29 2.34
C ALA D 102 -3.49 -44.37 3.42
N VAL D 103 -2.14 -44.34 3.53
CA VAL D 103 -1.37 -43.49 4.46
C VAL D 103 -1.65 -42.02 4.12
N LEU D 104 -1.51 -41.64 2.84
CA LEU D 104 -1.71 -40.27 2.36
C LEU D 104 -3.15 -39.78 2.50
N GLU D 105 -4.14 -40.69 2.28
CA GLU D 105 -5.57 -40.38 2.43
C GLU D 105 -5.96 -40.16 3.89
N LYS D 106 -5.25 -40.84 4.83
CA LYS D 106 -5.48 -40.68 6.26
C LYS D 106 -4.96 -39.32 6.75
N VAL D 107 -3.86 -38.82 6.12
CA VAL D 107 -3.28 -37.51 6.41
C VAL D 107 -4.28 -36.44 5.95
N VAL D 108 -4.85 -36.59 4.73
CA VAL D 108 -5.86 -35.70 4.15
C VAL D 108 -7.06 -35.57 5.10
N ALA D 109 -7.58 -36.72 5.59
CA ALA D 109 -8.72 -36.79 6.52
C ALA D 109 -8.45 -36.05 7.83
N GLU D 110 -7.26 -36.30 8.44
CA GLU D 110 -6.86 -35.69 9.69
C GLU D 110 -6.60 -34.18 9.57
N LEU D 111 -6.01 -33.74 8.43
CA LEU D 111 -5.76 -32.31 8.18
C LEU D 111 -7.07 -31.53 8.08
N LYS D 112 -8.08 -32.13 7.43
CA LYS D 112 -9.43 -31.58 7.28
C LYS D 112 -10.12 -31.44 8.64
N ASN D 113 -9.96 -32.47 9.50
CA ASN D 113 -10.54 -32.56 10.85
C ASN D 113 -9.92 -31.57 11.85
N ARG D 114 -8.62 -31.25 11.69
CA ARG D 114 -7.90 -30.34 12.59
C ARG D 114 -7.58 -29.01 11.89
N PHE D 115 -8.33 -28.68 10.81
CA PHE D 115 -8.18 -27.49 9.96
C PHE D 115 -7.89 -26.19 10.72
N GLU D 116 -8.87 -25.69 11.51
CA GLU D 116 -8.74 -24.44 12.26
C GLU D 116 -7.63 -24.46 13.30
N GLU D 117 -7.48 -25.59 14.02
CA GLU D 117 -6.44 -25.80 15.04
C GLU D 117 -5.06 -25.57 14.40
N ILE D 118 -4.84 -26.18 13.21
CA ILE D 118 -3.59 -26.07 12.44
C ILE D 118 -3.42 -24.63 11.95
N ALA D 119 -4.47 -24.05 11.35
CA ALA D 119 -4.46 -22.68 10.83
C ALA D 119 -4.11 -21.65 11.92
N GLN D 120 -4.67 -21.79 13.14
CA GLN D 120 -4.38 -20.91 14.28
C GLN D 120 -2.91 -21.06 14.73
N THR D 121 -2.38 -22.31 14.75
CA THR D 121 -1.00 -22.65 15.12
C THR D 121 0.01 -22.03 14.15
N LEU D 122 -0.31 -22.08 12.86
CA LEU D 122 0.46 -21.54 11.75
C LEU D 122 0.62 -20.03 11.91
N THR D 123 -0.51 -19.31 12.08
CA THR D 123 -0.56 -17.87 12.30
C THR D 123 0.28 -17.47 13.51
N MET D 124 0.14 -18.22 14.61
CA MET D 124 0.84 -17.99 15.88
C MET D 124 2.36 -18.10 15.76
N GLU D 125 2.86 -19.20 15.17
CA GLU D 125 4.30 -19.47 15.07
C GLU D 125 5.01 -18.76 13.91
N SER D 126 4.28 -18.27 12.90
CA SER D 126 4.91 -17.61 11.74
C SER D 126 4.63 -16.10 11.64
N GLY D 127 3.47 -15.67 12.16
CA GLY D 127 3.05 -14.29 12.14
C GLY D 127 2.22 -13.93 10.92
N LYS D 128 1.89 -14.92 10.09
CA LYS D 128 1.09 -14.72 8.89
C LYS D 128 -0.40 -14.56 9.19
N PRO D 129 -1.16 -13.73 8.43
CA PRO D 129 -2.60 -13.58 8.72
C PRO D 129 -3.37 -14.89 8.60
N ILE D 130 -4.45 -15.02 9.38
CA ILE D 130 -5.30 -16.22 9.44
C ILE D 130 -5.86 -16.59 8.05
N LYS D 131 -6.13 -15.59 7.17
CA LYS D 131 -6.62 -15.85 5.80
C LYS D 131 -5.54 -16.58 4.95
N ASP D 132 -4.27 -16.15 5.07
CA ASP D 132 -3.12 -16.75 4.38
C ASP D 132 -2.77 -18.12 5.00
N ALA D 133 -2.95 -18.26 6.33
CA ALA D 133 -2.70 -19.50 7.08
C ALA D 133 -3.73 -20.58 6.74
N ARG D 134 -5.03 -20.21 6.60
CA ARG D 134 -6.10 -21.13 6.21
C ARG D 134 -5.85 -21.61 4.79
N GLY D 135 -5.37 -20.69 3.93
CA GLY D 135 -5.00 -20.98 2.55
C GLY D 135 -3.89 -22.00 2.46
N GLU D 136 -2.89 -21.91 3.38
CA GLU D 136 -1.78 -22.85 3.45
C GLU D 136 -2.24 -24.26 3.85
N VAL D 137 -3.23 -24.37 4.77
CA VAL D 137 -3.76 -25.66 5.20
C VAL D 137 -4.51 -26.32 4.02
N THR D 138 -5.28 -25.51 3.26
CA THR D 138 -6.03 -25.93 2.06
C THR D 138 -5.06 -26.46 0.97
N ARG D 139 -3.94 -25.77 0.71
CA ARG D 139 -2.96 -26.21 -0.29
C ARG D 139 -2.24 -27.48 0.20
N THR D 140 -2.00 -27.60 1.53
CA THR D 140 -1.37 -28.79 2.14
C THR D 140 -2.27 -30.01 1.92
N ILE D 141 -3.60 -29.84 2.08
CA ILE D 141 -4.61 -30.88 1.84
C ILE D 141 -4.52 -31.34 0.37
N ASP D 142 -4.44 -30.38 -0.58
CA ASP D 142 -4.29 -30.65 -2.01
C ASP D 142 -2.97 -31.34 -2.33
N THR D 143 -1.87 -30.94 -1.66
CA THR D 143 -0.53 -31.51 -1.84
C THR D 143 -0.54 -33.02 -1.50
N PHE D 144 -1.12 -33.39 -0.34
CA PHE D 144 -1.25 -34.78 0.12
C PHE D 144 -2.26 -35.58 -0.71
N GLN D 145 -3.30 -34.92 -1.27
CA GLN D 145 -4.31 -35.53 -2.13
C GLN D 145 -3.71 -35.86 -3.49
N VAL D 146 -2.94 -34.93 -4.10
CA VAL D 146 -2.26 -35.20 -5.38
C VAL D 146 -1.31 -36.40 -5.21
N ALA D 147 -0.60 -36.46 -4.08
CA ALA D 147 0.34 -37.50 -3.71
C ALA D 147 -0.33 -38.85 -3.58
N ALA D 148 -1.53 -38.91 -2.94
CA ALA D 148 -2.31 -40.14 -2.79
C ALA D 148 -2.66 -40.70 -4.17
N GLU D 149 -3.01 -39.80 -5.11
CA GLU D 149 -3.35 -40.15 -6.47
C GLU D 149 -2.13 -40.56 -7.29
N GLU D 150 -1.00 -39.87 -7.11
CA GLU D 150 0.25 -40.18 -7.80
C GLU D 150 0.91 -41.48 -7.29
N SER D 151 0.64 -41.88 -6.02
CA SER D 151 1.21 -43.08 -5.40
C SER D 151 0.83 -44.38 -6.11
N VAL D 152 -0.36 -44.39 -6.75
CA VAL D 152 -0.89 -45.54 -7.47
C VAL D 152 -0.71 -45.36 -9.00
N ARG D 153 0.15 -44.41 -9.41
CA ARG D 153 0.42 -44.06 -10.81
C ARG D 153 1.87 -43.99 -11.20
N ILE D 154 2.74 -44.74 -10.50
CA ILE D 154 4.17 -44.72 -10.84
C ILE D 154 4.33 -45.75 -11.96
N TYR D 155 4.24 -45.26 -13.18
CA TYR D 155 4.34 -46.07 -14.37
C TYR D 155 5.78 -46.30 -14.78
N GLY D 156 6.00 -47.41 -15.48
CA GLY D 156 7.27 -47.77 -16.06
C GLY D 156 7.09 -47.93 -17.55
N GLU D 157 8.12 -48.37 -18.23
CA GLU D 157 8.05 -48.53 -19.69
C GLU D 157 8.43 -49.91 -20.14
N HIS D 158 7.87 -50.32 -21.27
CA HIS D 158 8.33 -51.50 -21.97
C HIS D 158 9.00 -50.86 -23.19
N ILE D 159 10.31 -51.06 -23.32
CA ILE D 159 11.06 -50.46 -24.41
C ILE D 159 11.61 -51.50 -25.38
N PRO D 160 11.44 -51.27 -26.71
CA PRO D 160 12.10 -52.19 -27.66
C PRO D 160 13.60 -51.86 -27.65
N LEU D 161 14.47 -52.88 -27.63
CA LEU D 161 15.90 -52.59 -27.60
C LEU D 161 16.62 -53.07 -28.86
N ASP D 162 15.85 -53.67 -29.82
CA ASP D 162 16.35 -54.17 -31.10
C ASP D 162 16.35 -53.06 -32.14
N ILE D 163 17.03 -51.94 -31.79
CA ILE D 163 17.18 -50.70 -32.54
C ILE D 163 18.09 -50.86 -33.75
N SER D 164 18.96 -51.89 -33.71
CA SER D 164 19.91 -52.25 -34.76
C SER D 164 20.12 -53.76 -34.76
N ALA D 165 20.67 -54.32 -35.86
CA ALA D 165 20.91 -55.75 -36.06
C ALA D 165 21.69 -56.45 -34.93
N ARG D 166 22.71 -55.76 -34.40
CA ARG D 166 23.57 -56.17 -33.29
C ARG D 166 22.70 -56.52 -32.05
N ASN D 167 21.62 -55.75 -31.85
CA ASN D 167 20.69 -55.83 -30.71
C ASN D 167 19.41 -56.66 -30.96
N LYS D 168 19.39 -57.51 -31.99
CA LYS D 168 18.29 -58.42 -32.28
C LYS D 168 17.90 -59.25 -31.04
N GLY D 169 16.61 -59.36 -30.78
CA GLY D 169 16.04 -60.13 -29.68
C GLY D 169 16.15 -59.50 -28.31
N LEU D 170 16.38 -58.19 -28.26
CA LEU D 170 16.48 -57.48 -27.01
C LEU D 170 15.29 -56.59 -26.77
N GLN D 171 14.84 -56.58 -25.53
CA GLN D 171 13.73 -55.73 -25.08
C GLN D 171 14.07 -55.34 -23.64
N GLY D 172 13.38 -54.33 -23.14
CA GLY D 172 13.63 -53.88 -21.79
C GLY D 172 12.39 -53.47 -21.04
N ILE D 173 12.45 -53.61 -19.70
CA ILE D 173 11.40 -53.15 -18.79
C ILE D 173 12.09 -52.12 -17.91
N VAL D 174 11.64 -50.86 -18.00
CA VAL D 174 12.19 -49.75 -17.22
C VAL D 174 11.22 -49.48 -16.07
N LYS D 175 11.69 -49.61 -14.84
CA LYS D 175 10.91 -49.40 -13.63
C LYS D 175 11.61 -48.39 -12.75
N LYS D 176 10.86 -47.74 -11.85
CA LYS D 176 11.41 -46.74 -10.93
C LYS D 176 11.29 -47.26 -9.52
N PHE D 177 12.39 -47.15 -8.76
CA PHE D 177 12.50 -47.66 -7.39
C PHE D 177 12.82 -46.54 -6.40
N PRO D 178 12.35 -46.61 -5.13
CA PRO D 178 12.73 -45.56 -4.15
C PRO D 178 14.24 -45.35 -4.07
N ILE D 179 14.69 -44.09 -3.96
CA ILE D 179 16.10 -43.73 -3.85
C ILE D 179 16.73 -44.24 -2.51
N GLY D 180 15.93 -44.20 -1.45
CA GLY D 180 16.31 -44.60 -0.10
C GLY D 180 16.06 -43.50 0.91
N PRO D 181 16.83 -43.44 2.04
CA PRO D 181 16.59 -42.38 3.05
C PRO D 181 16.80 -40.97 2.52
N VAL D 182 15.88 -40.08 2.88
CA VAL D 182 15.83 -38.70 2.41
C VAL D 182 15.99 -37.71 3.57
N SER D 183 16.91 -36.77 3.39
CA SER D 183 17.13 -35.70 4.34
C SER D 183 16.30 -34.50 3.88
N MET D 184 15.41 -34.01 4.75
CA MET D 184 14.55 -32.87 4.43
C MET D 184 14.82 -31.70 5.36
N VAL D 185 15.11 -30.53 4.80
CA VAL D 185 15.37 -29.29 5.53
C VAL D 185 14.42 -28.26 4.92
N SER D 186 13.51 -27.71 5.75
CA SER D 186 12.45 -26.79 5.33
C SER D 186 12.59 -25.37 5.94
N PRO D 187 12.01 -24.30 5.32
CA PRO D 187 12.18 -22.96 5.90
C PRO D 187 11.05 -22.57 6.86
N TRP D 188 11.02 -21.29 7.28
CA TRP D 188 10.03 -20.80 8.22
C TRP D 188 8.73 -20.27 7.58
N ASN D 189 8.80 -19.65 6.36
CA ASN D 189 7.65 -18.95 5.74
C ASN D 189 6.44 -19.82 5.49
N PHE D 190 6.61 -21.04 4.96
CA PHE D 190 5.47 -21.94 4.76
C PHE D 190 5.83 -23.20 5.54
N PRO D 191 5.63 -23.19 6.88
CA PRO D 191 6.08 -24.33 7.69
C PRO D 191 5.26 -25.60 7.54
N LEU D 192 4.16 -25.55 6.77
CA LEU D 192 3.34 -26.73 6.55
C LEU D 192 3.40 -27.18 5.11
N ASN D 193 3.13 -26.25 4.17
CA ASN D 193 3.08 -26.59 2.76
C ASN D 193 4.42 -27.03 2.17
N LEU D 194 5.51 -26.38 2.59
CA LEU D 194 6.83 -26.72 2.06
C LEU D 194 7.39 -28.00 2.67
N VAL D 195 6.87 -28.40 3.83
CA VAL D 195 7.19 -29.68 4.47
C VAL D 195 6.39 -30.75 3.69
N ALA D 196 5.10 -30.44 3.37
CA ALA D 196 4.19 -31.30 2.59
C ALA D 196 4.78 -31.63 1.21
N HIS D 197 5.42 -30.63 0.56
CA HIS D 197 6.03 -30.82 -0.77
C HIS D 197 7.27 -31.74 -0.73
N LYS D 198 7.65 -32.20 0.45
CA LYS D 198 8.77 -33.13 0.62
C LYS D 198 8.25 -34.44 1.19
N VAL D 199 7.44 -34.35 2.27
CA VAL D 199 6.88 -35.49 3.00
C VAL D 199 5.91 -36.29 2.13
N ALA D 200 4.92 -35.62 1.49
CA ALA D 200 3.94 -36.30 0.62
C ALA D 200 4.61 -37.10 -0.52
N PRO D 201 5.55 -36.53 -1.35
CA PRO D 201 6.22 -37.35 -2.37
C PRO D 201 7.02 -38.52 -1.81
N ALA D 202 7.64 -38.37 -0.62
CA ALA D 202 8.43 -39.42 0.02
C ALA D 202 7.56 -40.61 0.38
N ILE D 203 6.37 -40.35 0.95
CA ILE D 203 5.41 -41.40 1.29
C ILE D 203 4.81 -42.00 0.01
N ALA D 204 4.50 -41.15 -1.00
CA ALA D 204 3.93 -41.60 -2.28
C ALA D 204 4.84 -42.56 -3.04
N VAL D 205 6.15 -42.45 -2.83
CA VAL D 205 7.21 -43.25 -3.45
C VAL D 205 7.60 -44.46 -2.56
N GLY D 206 7.70 -44.23 -1.26
CA GLY D 206 8.08 -45.26 -0.29
C GLY D 206 9.52 -45.08 0.16
N CYS D 207 9.87 -43.84 0.52
CA CYS D 207 11.19 -43.42 1.00
C CYS D 207 11.09 -43.07 2.48
N PRO D 208 11.92 -43.67 3.37
CA PRO D 208 11.92 -43.23 4.77
C PRO D 208 12.62 -41.86 4.82
N PHE D 209 12.28 -41.03 5.81
CA PHE D 209 12.88 -39.69 5.89
C PHE D 209 13.14 -39.19 7.32
N VAL D 210 14.04 -38.19 7.39
CA VAL D 210 14.38 -37.47 8.61
C VAL D 210 14.24 -35.99 8.23
N LEU D 211 13.23 -35.34 8.80
CA LEU D 211 12.91 -33.94 8.55
C LEU D 211 13.39 -33.02 9.67
N LYS D 212 14.13 -31.97 9.28
CA LYS D 212 14.61 -30.93 10.16
C LYS D 212 13.84 -29.64 9.79
N PRO D 213 12.71 -29.34 10.49
CA PRO D 213 11.99 -28.08 10.20
C PRO D 213 12.70 -26.88 10.83
N ALA D 214 12.31 -25.65 10.44
CA ALA D 214 12.91 -24.42 10.98
C ALA D 214 12.59 -24.29 12.48
N SER D 215 13.62 -23.96 13.30
CA SER D 215 13.52 -23.83 14.76
C SER D 215 12.43 -22.86 15.22
N ARG D 216 12.26 -21.76 14.48
CA ARG D 216 11.27 -20.72 14.77
C ARG D 216 9.82 -21.18 14.48
N THR D 217 9.64 -22.08 13.47
CA THR D 217 8.32 -22.58 13.07
C THR D 217 8.25 -24.15 13.04
N PRO D 218 8.39 -24.88 14.17
CA PRO D 218 8.39 -26.35 14.08
C PRO D 218 7.04 -27.06 14.30
N LEU D 219 6.07 -26.39 14.92
CA LEU D 219 4.77 -26.90 15.32
C LEU D 219 3.95 -27.52 14.19
N SER D 220 3.95 -26.90 13.00
CA SER D 220 3.25 -27.39 11.82
C SER D 220 3.77 -28.76 11.41
N ALA D 221 5.11 -28.93 11.44
CA ALA D 221 5.78 -30.20 11.12
C ALA D 221 5.53 -31.25 12.21
N LEU D 222 5.39 -30.81 13.47
CA LEU D 222 5.14 -31.69 14.60
C LEU D 222 3.70 -32.21 14.65
N ILE D 223 2.73 -31.41 14.14
CA ILE D 223 1.32 -31.80 14.05
C ILE D 223 1.21 -32.90 12.96
N LEU D 224 2.04 -32.78 11.90
CA LEU D 224 2.14 -33.75 10.81
C LEU D 224 2.66 -35.08 11.38
N GLY D 225 3.64 -34.99 12.27
CA GLY D 225 4.21 -36.13 12.98
C GLY D 225 3.20 -36.84 13.86
N GLU D 226 2.29 -36.06 14.51
CA GLU D 226 1.21 -36.55 15.36
C GLU D 226 0.20 -37.34 14.54
N ILE D 227 -0.06 -36.91 13.29
CA ILE D 227 -0.98 -37.57 12.36
C ILE D 227 -0.35 -38.88 11.87
N LEU D 228 0.92 -38.83 11.39
CA LEU D 228 1.66 -39.98 10.86
C LEU D 228 1.90 -41.08 11.89
N HIS D 229 2.14 -40.68 13.16
CA HIS D 229 2.35 -41.59 14.31
C HIS D 229 1.15 -42.53 14.50
N LYS D 230 -0.07 -42.00 14.27
CA LYS D 230 -1.35 -42.70 14.41
C LYS D 230 -1.75 -43.55 13.18
N ILE D 231 -0.84 -43.71 12.19
CA ILE D 231 -1.08 -44.49 10.97
C ILE D 231 -0.34 -45.84 11.05
N GLU D 232 -1.12 -46.94 11.12
CA GLU D 232 -0.59 -48.30 11.26
C GLU D 232 0.08 -48.84 10.01
N GLU D 233 -0.40 -48.44 8.80
CA GLU D 233 0.13 -48.86 7.50
C GLU D 233 1.55 -48.34 7.24
N LEU D 234 1.94 -47.24 7.90
CA LEU D 234 3.25 -46.62 7.77
C LEU D 234 4.22 -47.35 8.69
N PRO D 235 5.26 -48.02 8.13
CA PRO D 235 6.19 -48.80 8.98
C PRO D 235 6.92 -48.01 10.07
N LEU D 236 7.42 -48.71 11.09
CA LEU D 236 8.15 -48.07 12.19
C LEU D 236 9.55 -47.64 11.73
N GLY D 237 9.88 -46.38 12.00
CA GLY D 237 11.15 -45.78 11.61
C GLY D 237 11.10 -45.07 10.27
N ALA D 238 9.90 -45.01 9.65
CA ALA D 238 9.64 -44.38 8.35
C ALA D 238 9.88 -42.88 8.41
N PHE D 239 9.67 -42.27 9.58
CA PHE D 239 9.82 -40.84 9.76
C PHE D 239 10.38 -40.46 11.11
N SER D 240 11.06 -39.31 11.10
CA SER D 240 11.62 -38.61 12.24
C SER D 240 11.47 -37.14 11.94
N ILE D 241 11.06 -36.37 12.95
CA ILE D 241 10.93 -34.91 12.84
C ILE D 241 11.71 -34.33 13.98
N LEU D 242 12.91 -33.81 13.67
CA LEU D 242 13.82 -33.28 14.68
C LEU D 242 14.12 -31.78 14.49
N PRO D 243 13.32 -30.90 15.14
CA PRO D 243 13.59 -29.46 15.04
C PRO D 243 14.81 -29.07 15.88
N VAL D 244 15.94 -28.89 15.20
CA VAL D 244 17.23 -28.52 15.79
C VAL D 244 17.75 -27.25 15.13
N SER D 245 18.61 -26.49 15.84
CA SER D 245 19.18 -25.27 15.28
C SER D 245 20.20 -25.63 14.20
N ARG D 246 20.44 -24.71 13.25
CA ARG D 246 21.34 -24.90 12.10
C ARG D 246 22.78 -25.35 12.46
N GLU D 247 23.28 -24.98 13.66
CA GLU D 247 24.62 -25.33 14.14
C GLU D 247 24.72 -26.79 14.65
N ASP D 248 23.57 -27.48 14.77
CA ASP D 248 23.46 -28.88 15.22
C ASP D 248 23.00 -29.81 14.08
N ALA D 249 22.56 -29.22 12.95
CA ALA D 249 22.02 -29.94 11.80
C ALA D 249 23.04 -30.18 10.66
N ASP D 250 24.28 -30.53 11.03
CA ASP D 250 25.31 -30.81 10.04
C ASP D 250 25.11 -32.18 9.33
N MET D 251 24.70 -33.22 10.09
CA MET D 251 24.46 -34.58 9.61
C MET D 251 23.37 -34.67 8.53
N PHE D 252 22.44 -33.70 8.52
CA PHE D 252 21.39 -33.59 7.51
C PHE D 252 21.99 -33.30 6.14
N THR D 253 23.19 -32.71 6.10
CA THR D 253 23.89 -32.37 4.87
C THR D 253 24.89 -33.44 4.42
N VAL D 254 25.86 -33.76 5.30
CA VAL D 254 27.03 -34.60 5.04
C VAL D 254 26.83 -36.13 5.12
N ASP D 255 25.93 -36.64 5.98
CA ASP D 255 25.78 -38.08 6.24
C ASP D 255 25.50 -38.94 5.00
N GLU D 256 26.43 -39.89 4.76
CA GLU D 256 26.41 -40.82 3.64
C GLU D 256 25.25 -41.83 3.64
N ARG D 257 24.52 -42.00 4.77
CA ARG D 257 23.37 -42.92 4.84
C ARG D 257 22.16 -42.37 4.07
N PHE D 258 22.06 -41.03 3.92
CA PHE D 258 21.00 -40.38 3.15
C PHE D 258 21.39 -40.46 1.68
N LYS D 259 20.45 -40.85 0.83
CA LYS D 259 20.68 -40.97 -0.62
C LYS D 259 20.24 -39.69 -1.37
N LEU D 260 19.49 -38.83 -0.68
CA LEU D 260 19.01 -37.55 -1.21
C LEU D 260 18.86 -36.52 -0.11
N LEU D 261 19.24 -35.29 -0.44
CA LEU D 261 19.07 -34.12 0.40
C LEU D 261 18.11 -33.18 -0.36
N THR D 262 16.97 -32.87 0.24
CA THR D 262 16.03 -31.92 -0.35
C THR D 262 15.93 -30.74 0.59
N PHE D 263 16.41 -29.58 0.10
CA PHE D 263 16.45 -28.35 0.87
C PHE D 263 15.60 -27.25 0.26
N THR D 264 14.88 -26.56 1.15
CA THR D 264 14.09 -25.37 0.85
C THR D 264 14.53 -24.30 1.85
N GLY D 265 15.11 -23.23 1.34
CA GLY D 265 15.62 -22.12 2.14
C GLY D 265 16.40 -21.11 1.34
N SER D 266 17.28 -20.35 1.99
CA SER D 266 18.05 -19.30 1.34
C SER D 266 19.15 -19.83 0.44
N GLY D 267 19.46 -19.04 -0.60
CA GLY D 267 20.48 -19.33 -1.59
C GLY D 267 21.85 -19.66 -1.03
N PRO D 268 22.52 -18.73 -0.29
CA PRO D 268 23.87 -19.02 0.24
C PRO D 268 23.99 -20.28 1.10
N ILE D 269 22.97 -20.57 1.94
CA ILE D 269 22.92 -21.75 2.81
C ILE D 269 22.82 -23.03 1.96
N GLY D 270 21.90 -23.01 1.00
CA GLY D 270 21.64 -24.12 0.09
C GLY D 270 22.82 -24.52 -0.76
N TRP D 271 23.43 -23.53 -1.45
CA TRP D 271 24.59 -23.76 -2.31
C TRP D 271 25.80 -24.34 -1.55
N ASP D 272 25.98 -23.90 -0.28
CA ASP D 272 27.03 -24.41 0.58
C ASP D 272 26.72 -25.85 1.03
N MET D 273 25.43 -26.17 1.25
CA MET D 273 24.97 -27.51 1.61
C MET D 273 25.19 -28.48 0.45
N LYS D 274 24.99 -28.02 -0.80
CA LYS D 274 25.22 -28.82 -2.02
C LYS D 274 26.73 -29.17 -2.12
N ALA D 275 27.60 -28.20 -1.79
CA ALA D 275 29.07 -28.32 -1.81
C ALA D 275 29.62 -29.29 -0.75
N ARG D 276 28.90 -29.46 0.37
CA ARG D 276 29.29 -30.33 1.49
C ARG D 276 28.51 -31.67 1.54
N ALA D 277 27.52 -31.84 0.64
CA ALA D 277 26.59 -32.99 0.58
C ALA D 277 27.23 -34.38 0.33
N GLY D 278 28.41 -34.43 -0.28
CA GLY D 278 29.04 -35.69 -0.62
C GLY D 278 28.43 -36.34 -1.87
N LYS D 279 28.25 -37.68 -1.83
CA LYS D 279 27.78 -38.49 -2.94
C LYS D 279 26.28 -38.38 -3.28
N LYS D 280 25.42 -38.13 -2.27
CA LYS D 280 23.95 -38.05 -2.41
C LYS D 280 23.44 -37.07 -3.47
N LYS D 281 22.21 -37.32 -3.99
CA LYS D 281 21.54 -36.41 -4.93
C LYS D 281 21.03 -35.19 -4.13
N VAL D 282 20.86 -34.06 -4.80
CA VAL D 282 20.48 -32.80 -4.18
C VAL D 282 19.35 -32.12 -4.94
N VAL D 283 18.37 -31.56 -4.19
CA VAL D 283 17.22 -30.79 -4.66
C VAL D 283 17.37 -29.47 -3.90
N MET D 284 17.41 -28.34 -4.64
CA MET D 284 17.56 -27.00 -4.07
C MET D 284 16.44 -26.05 -4.46
N GLU D 285 15.60 -25.70 -3.48
CA GLU D 285 14.50 -24.74 -3.65
C GLU D 285 14.92 -23.50 -2.88
N LEU D 286 15.47 -22.52 -3.60
CA LEU D 286 16.04 -21.34 -2.96
C LEU D 286 15.27 -20.02 -3.25
N GLY D 287 15.91 -18.88 -2.99
CA GLY D 287 15.33 -17.55 -3.11
C GLY D 287 15.02 -17.03 -4.50
N GLY D 288 14.34 -15.88 -4.53
CA GLY D 288 13.98 -15.17 -5.76
C GLY D 288 14.02 -13.66 -5.69
N ASN D 289 13.95 -13.02 -6.86
CA ASN D 289 13.88 -11.57 -7.07
C ASN D 289 12.95 -11.49 -8.28
N ALA D 290 11.66 -11.83 -8.04
CA ALA D 290 10.64 -12.00 -9.07
C ALA D 290 10.13 -10.69 -9.72
N PRO D 291 10.32 -10.58 -11.06
CA PRO D 291 9.81 -9.42 -11.80
C PRO D 291 8.42 -9.66 -12.42
N CYS D 292 7.72 -8.58 -12.78
CA CYS D 292 6.41 -8.67 -13.43
C CYS D 292 6.24 -7.58 -14.47
N ILE D 293 5.87 -7.96 -15.71
CA ILE D 293 5.64 -7.03 -16.82
C ILE D 293 4.15 -6.74 -16.94
N VAL D 294 3.78 -5.46 -17.05
CA VAL D 294 2.38 -5.06 -17.25
C VAL D 294 2.33 -4.33 -18.60
N ASP D 295 1.93 -5.06 -19.67
CA ASP D 295 1.81 -4.51 -21.02
C ASP D 295 0.34 -4.26 -21.41
N ASP D 296 -0.59 -4.81 -20.62
CA ASP D 296 -2.04 -4.70 -20.80
C ASP D 296 -2.75 -4.98 -19.47
N TYR D 297 -4.01 -4.57 -19.37
CA TYR D 297 -4.83 -4.83 -18.19
C TYR D 297 -5.62 -6.09 -18.54
N VAL D 298 -5.45 -7.16 -17.75
CA VAL D 298 -6.10 -8.44 -18.07
C VAL D 298 -6.87 -9.03 -16.86
N PRO D 299 -8.23 -9.12 -16.91
CA PRO D 299 -9.13 -8.65 -17.98
C PRO D 299 -9.36 -7.13 -17.96
N ASP D 300 -9.18 -6.49 -16.78
CA ASP D 300 -9.34 -5.05 -16.53
C ASP D 300 -8.30 -4.53 -15.52
N LEU D 301 -8.22 -3.18 -15.37
CA LEU D 301 -7.29 -2.48 -14.47
C LEU D 301 -7.44 -2.86 -12.99
N ASP D 302 -8.70 -2.94 -12.50
CA ASP D 302 -8.98 -3.29 -11.10
C ASP D 302 -8.45 -4.68 -10.74
N TYR D 303 -8.73 -5.69 -11.60
CA TYR D 303 -8.26 -7.04 -11.38
C TYR D 303 -6.74 -7.10 -11.44
N THR D 304 -6.12 -6.37 -12.41
CA THR D 304 -4.66 -6.31 -12.59
C THR D 304 -3.99 -5.80 -11.31
N ILE D 305 -4.47 -4.66 -10.76
CA ILE D 305 -3.94 -4.05 -9.55
C ILE D 305 -4.10 -5.00 -8.35
N GLN D 306 -5.27 -5.65 -8.22
CA GLN D 306 -5.55 -6.62 -7.15
C GLN D 306 -4.50 -7.74 -7.14
N ARG D 307 -4.12 -8.25 -8.33
CA ARG D 307 -3.14 -9.33 -8.47
C ARG D 307 -1.72 -8.85 -8.23
N LEU D 308 -1.42 -7.59 -8.62
CA LEU D 308 -0.12 -6.97 -8.41
C LEU D 308 0.12 -6.72 -6.92
N ILE D 309 -0.96 -6.39 -6.17
CA ILE D 309 -0.93 -6.18 -4.72
C ILE D 309 -0.70 -7.51 -4.01
N ASN D 310 -1.35 -8.57 -4.52
CA ASN D 310 -1.18 -9.93 -4.01
C ASN D 310 0.30 -10.32 -4.15
N GLY D 311 0.86 -10.17 -5.35
CA GLY D 311 2.25 -10.49 -5.63
C GLY D 311 3.27 -9.77 -4.77
N GLY D 312 3.11 -8.46 -4.69
CA GLY D 312 4.01 -7.61 -3.93
C GLY D 312 3.87 -7.63 -2.44
N PHE D 313 2.67 -7.98 -1.89
CA PHE D 313 2.45 -7.89 -0.45
C PHE D 313 1.76 -9.11 0.22
N TYR D 314 1.62 -10.25 -0.48
CA TYR D 314 1.07 -11.46 0.14
C TYR D 314 2.11 -11.94 1.15
N GLN D 315 1.68 -12.12 2.43
CA GLN D 315 2.51 -12.57 3.56
C GLN D 315 3.64 -11.57 3.87
N GLY D 316 3.37 -10.29 3.63
CA GLY D 316 4.31 -9.19 3.83
C GLY D 316 5.58 -9.34 3.01
N GLY D 317 5.42 -9.90 1.80
CA GLY D 317 6.51 -10.16 0.87
C GLY D 317 7.48 -11.24 1.33
N GLN D 318 7.17 -11.93 2.44
CA GLN D 318 8.01 -13.00 2.99
C GLN D 318 7.70 -14.30 2.23
N SER D 319 8.00 -14.27 0.93
CA SER D 319 7.79 -15.33 -0.03
C SER D 319 8.98 -15.40 -0.98
N CYS D 320 9.18 -16.59 -1.57
CA CYS D 320 10.23 -16.88 -2.54
C CYS D 320 9.82 -16.40 -3.95
N ILE D 321 8.49 -16.28 -4.17
CA ILE D 321 7.90 -15.82 -5.44
C ILE D 321 7.25 -14.44 -5.26
N HIS D 322 7.70 -13.72 -4.22
CA HIS D 322 7.29 -12.36 -3.91
C HIS D 322 7.62 -11.49 -5.11
N MET D 323 6.63 -10.72 -5.60
CA MET D 323 6.85 -9.82 -6.73
C MET D 323 7.64 -8.60 -6.23
N GLN D 324 8.99 -8.68 -6.35
CA GLN D 324 9.92 -7.65 -5.90
C GLN D 324 10.07 -6.54 -6.94
N ARG D 325 9.94 -6.88 -8.24
CA ARG D 325 10.09 -5.89 -9.32
C ARG D 325 8.84 -5.76 -10.20
N LEU D 326 8.45 -4.51 -10.53
CA LEU D 326 7.29 -4.24 -11.37
C LEU D 326 7.68 -3.33 -12.55
N TYR D 327 7.53 -3.86 -13.77
CA TYR D 327 7.84 -3.17 -15.03
C TYR D 327 6.55 -2.86 -15.77
N VAL D 328 6.20 -1.57 -15.89
CA VAL D 328 4.96 -1.13 -16.54
C VAL D 328 5.27 -0.31 -17.80
N HIS D 329 4.57 -0.63 -18.91
CA HIS D 329 4.71 0.05 -20.20
C HIS D 329 4.34 1.52 -20.02
N GLU D 330 5.14 2.41 -20.61
CA GLU D 330 5.02 3.88 -20.55
C GLU D 330 3.58 4.43 -20.73
N ARG D 331 2.79 3.84 -21.64
CA ARG D 331 1.40 4.24 -21.95
C ARG D 331 0.40 3.92 -20.81
N LEU D 332 0.78 3.02 -19.88
CA LEU D 332 -0.05 2.60 -18.76
C LEU D 332 0.56 3.03 -17.41
N TYR D 333 1.85 3.44 -17.42
CA TYR D 333 2.68 3.78 -16.25
C TYR D 333 2.00 4.64 -15.19
N ASP D 334 1.55 5.85 -15.54
CA ASP D 334 0.92 6.76 -14.58
C ASP D 334 -0.39 6.22 -14.02
N GLU D 335 -1.25 5.63 -14.89
CA GLU D 335 -2.53 5.04 -14.49
C GLU D 335 -2.34 3.89 -13.49
N VAL D 336 -1.34 3.00 -13.72
CA VAL D 336 -0.99 1.87 -12.85
C VAL D 336 -0.36 2.37 -11.54
N LYS D 337 0.63 3.30 -11.62
CA LYS D 337 1.33 3.90 -10.47
C LYS D 337 0.34 4.49 -9.47
N GLU D 338 -0.64 5.29 -9.94
CA GLU D 338 -1.68 5.92 -9.12
C GLU D 338 -2.57 4.86 -8.44
N GLY D 339 -3.10 3.92 -9.22
CA GLY D 339 -3.98 2.85 -8.76
C GLY D 339 -3.33 1.89 -7.78
N PHE D 340 -2.05 1.52 -8.04
CA PHE D 340 -1.28 0.60 -7.21
C PHE D 340 -0.92 1.21 -5.86
N VAL D 341 -0.35 2.44 -5.84
CA VAL D 341 0.03 3.18 -4.62
C VAL D 341 -1.19 3.38 -3.72
N ALA D 342 -2.35 3.78 -4.30
CA ALA D 342 -3.60 3.97 -3.57
C ALA D 342 -4.08 2.67 -2.90
N ALA D 343 -3.89 1.52 -3.58
CA ALA D 343 -4.25 0.20 -3.06
C ALA D 343 -3.29 -0.26 -1.95
N VAL D 344 -1.99 0.14 -2.02
CA VAL D 344 -0.95 -0.17 -1.03
C VAL D 344 -1.28 0.52 0.31
N LYS D 345 -1.68 1.81 0.24
CA LYS D 345 -2.04 2.64 1.39
C LYS D 345 -3.32 2.17 2.11
N LYS D 346 -4.18 1.44 1.38
CA LYS D 346 -5.45 0.89 1.83
C LYS D 346 -5.29 -0.48 2.55
N LEU D 347 -4.08 -1.09 2.46
CA LEU D 347 -3.78 -2.40 3.08
C LEU D 347 -3.78 -2.36 4.59
N LYS D 348 -4.51 -3.30 5.21
CA LYS D 348 -4.63 -3.40 6.67
C LYS D 348 -3.48 -4.22 7.26
N MET D 349 -2.67 -3.57 8.10
CA MET D 349 -1.53 -4.18 8.79
C MET D 349 -1.80 -4.21 10.30
N GLY D 350 -1.52 -5.34 10.94
CA GLY D 350 -1.73 -5.51 12.37
C GLY D 350 -1.72 -6.94 12.87
N ASN D 351 -2.58 -7.24 13.86
CA ASN D 351 -2.72 -8.56 14.50
C ASN D 351 -3.09 -9.63 13.46
N PRO D 352 -2.20 -10.64 13.23
CA PRO D 352 -2.50 -11.67 12.22
C PRO D 352 -3.71 -12.56 12.53
N PHE D 353 -4.16 -12.58 13.80
CA PHE D 353 -5.33 -13.34 14.26
C PHE D 353 -6.66 -12.72 13.80
N GLU D 354 -6.64 -11.42 13.41
CA GLU D 354 -7.81 -10.70 12.92
C GLU D 354 -8.08 -11.06 11.45
N GLU D 355 -9.37 -11.24 11.12
CA GLU D 355 -9.86 -11.61 9.80
C GLU D 355 -9.49 -10.64 8.68
N ASP D 356 -9.69 -9.32 8.93
CA ASP D 356 -9.42 -8.19 8.03
C ASP D 356 -7.93 -7.94 7.71
N THR D 357 -7.00 -8.47 8.54
CA THR D 357 -5.56 -8.24 8.38
C THR D 357 -4.99 -8.79 7.06
N TYR D 358 -4.39 -7.88 6.25
CA TYR D 358 -3.76 -8.23 4.99
C TYR D 358 -2.30 -8.65 5.25
N LEU D 359 -1.58 -7.92 6.11
CA LEU D 359 -0.19 -8.25 6.43
C LEU D 359 0.10 -8.11 7.91
N GLY D 360 0.72 -9.14 8.48
CA GLY D 360 1.09 -9.16 9.89
C GLY D 360 2.52 -8.71 10.09
N PRO D 361 3.15 -9.05 11.22
CA PRO D 361 4.55 -8.63 11.41
C PRO D 361 5.54 -9.56 10.71
N MET D 362 6.81 -9.15 10.71
CA MET D 362 7.94 -9.89 10.18
C MET D 362 8.23 -11.04 11.13
N ILE D 363 9.00 -12.04 10.67
CA ILE D 363 9.41 -13.17 11.53
C ILE D 363 10.15 -12.67 12.81
N SER D 364 10.95 -11.57 12.68
CA SER D 364 11.69 -10.95 13.77
C SER D 364 11.85 -9.45 13.55
N GLU D 365 12.22 -8.72 14.62
CA GLU D 365 12.48 -7.29 14.58
C GLU D 365 13.75 -7.03 13.76
N SER D 366 14.72 -7.96 13.85
CA SER D 366 15.99 -7.97 13.13
C SER D 366 15.76 -7.98 11.62
N ALA D 367 14.83 -8.85 11.15
CA ALA D 367 14.44 -8.99 9.75
C ALA D 367 13.81 -7.69 9.25
N ALA D 368 12.89 -7.09 10.07
CA ALA D 368 12.21 -5.83 9.77
C ALA D 368 13.18 -4.64 9.67
N LYS D 369 14.23 -4.63 10.54
CA LYS D 369 15.29 -3.61 10.56
C LYS D 369 16.10 -3.62 9.27
N GLY D 370 16.42 -4.83 8.79
CA GLY D 370 17.15 -5.07 7.55
C GLY D 370 16.46 -4.51 6.33
N ILE D 371 15.11 -4.67 6.28
CA ILE D 371 14.25 -4.16 5.20
C ILE D 371 14.24 -2.61 5.23
N GLU D 372 14.12 -2.03 6.44
CA GLU D 372 14.13 -0.59 6.69
C GLU D 372 15.46 0.04 6.22
N ASP D 373 16.58 -0.67 6.49
CA ASP D 373 17.93 -0.25 6.09
C ASP D 373 18.08 -0.22 4.56
N TRP D 374 17.61 -1.30 3.89
CA TRP D 374 17.66 -1.45 2.43
C TRP D 374 16.75 -0.47 1.68
N VAL D 375 15.64 -0.06 2.31
CA VAL D 375 14.70 0.94 1.76
C VAL D 375 15.41 2.32 1.81
N LYS D 376 16.03 2.64 2.96
CA LYS D 376 16.79 3.87 3.22
C LYS D 376 17.95 4.02 2.24
N GLU D 377 18.70 2.91 2.00
CA GLU D 377 19.82 2.83 1.06
C GLU D 377 19.35 3.04 -0.39
N ALA D 378 18.23 2.40 -0.77
CA ALA D 378 17.63 2.51 -2.10
C ALA D 378 17.25 3.96 -2.43
N VAL D 379 16.71 4.70 -1.43
CA VAL D 379 16.31 6.11 -1.56
C VAL D 379 17.58 6.99 -1.66
N ALA D 380 18.60 6.69 -0.84
CA ALA D 380 19.89 7.40 -0.82
C ALA D 380 20.66 7.21 -2.13
N LYS D 381 20.45 6.08 -2.83
CA LYS D 381 21.12 5.76 -4.09
C LYS D 381 20.38 6.32 -5.34
N GLY D 382 19.28 7.04 -5.14
CA GLY D 382 18.51 7.66 -6.22
C GLY D 382 17.06 7.28 -6.36
N GLY D 383 16.60 6.28 -5.59
CA GLY D 383 15.23 5.81 -5.62
C GLY D 383 14.22 6.80 -5.07
N LYS D 384 13.04 6.87 -5.70
CA LYS D 384 11.94 7.77 -5.30
C LYS D 384 10.91 6.98 -4.47
N LEU D 385 10.83 7.26 -3.16
CA LEU D 385 9.90 6.60 -2.24
C LEU D 385 8.47 7.09 -2.48
N LEU D 386 7.62 6.20 -3.01
CA LEU D 386 6.22 6.53 -3.31
C LEU D 386 5.28 6.37 -2.11
N THR D 387 5.57 5.40 -1.21
CA THR D 387 4.79 5.09 0.01
C THR D 387 5.57 4.21 1.00
N GLY D 388 5.12 4.20 2.26
CA GLY D 388 5.69 3.41 3.34
C GLY D 388 7.13 3.69 3.69
N GLY D 389 7.87 2.63 4.01
CA GLY D 389 9.28 2.70 4.37
C GLY D 389 9.59 2.80 5.85
N ASN D 390 8.57 3.06 6.69
CA ASN D 390 8.73 3.22 8.14
C ASN D 390 8.51 1.92 8.92
N ARG D 391 9.27 1.74 10.01
CA ARG D 391 9.23 0.55 10.87
C ARG D 391 8.68 0.83 12.26
N LYS D 392 7.87 -0.10 12.78
CA LYS D 392 7.31 -0.08 14.12
C LYS D 392 7.51 -1.47 14.73
N GLY D 393 8.71 -1.69 15.28
CA GLY D 393 9.11 -2.96 15.86
C GLY D 393 9.34 -4.01 14.79
N ALA D 394 8.57 -5.11 14.85
CA ALA D 394 8.64 -6.19 13.86
C ALA D 394 7.80 -5.84 12.61
N PHE D 395 6.96 -4.78 12.71
CA PHE D 395 6.09 -4.32 11.63
C PHE D 395 6.81 -3.30 10.73
N ILE D 396 6.69 -3.49 9.42
CA ILE D 396 7.27 -2.60 8.42
C ILE D 396 6.21 -2.31 7.34
N GLU D 397 5.90 -1.01 7.14
CA GLU D 397 4.88 -0.48 6.21
C GLU D 397 5.03 -0.97 4.77
N PRO D 398 3.93 -1.26 4.05
CA PRO D 398 4.05 -1.66 2.64
C PRO D 398 4.68 -0.50 1.85
N THR D 399 5.82 -0.80 1.21
CA THR D 399 6.67 0.17 0.52
C THR D 399 6.71 -0.02 -1.01
N VAL D 400 6.70 1.11 -1.73
CA VAL D 400 6.83 1.17 -3.19
C VAL D 400 7.93 2.19 -3.51
N ILE D 401 9.04 1.73 -4.11
CA ILE D 401 10.18 2.60 -4.47
C ILE D 401 10.42 2.59 -5.97
N GLU D 402 10.42 3.78 -6.57
CA GLU D 402 10.56 4.03 -8.00
C GLU D 402 12.03 4.26 -8.43
N ASP D 403 12.41 3.68 -9.59
CA ASP D 403 13.70 3.78 -10.28
C ASP D 403 14.95 3.57 -9.36
N VAL D 404 14.97 2.45 -8.63
CA VAL D 404 16.08 2.06 -7.75
C VAL D 404 17.23 1.50 -8.62
N PRO D 405 18.48 2.02 -8.50
CA PRO D 405 19.58 1.50 -9.34
C PRO D 405 20.01 0.07 -9.01
N ILE D 406 20.71 -0.58 -9.95
CA ILE D 406 21.20 -1.97 -9.84
C ILE D 406 22.24 -2.15 -8.68
N GLU D 407 22.97 -1.07 -8.33
CA GLU D 407 23.97 -1.09 -7.26
C GLU D 407 23.35 -1.22 -5.86
N ALA D 408 22.07 -0.86 -5.70
CA ALA D 408 21.34 -0.94 -4.44
C ALA D 408 20.99 -2.40 -4.11
N ASN D 409 21.08 -2.74 -2.80
CA ASN D 409 20.78 -4.08 -2.27
C ASN D 409 19.33 -4.49 -2.50
N ALA D 410 18.40 -3.51 -2.44
CA ALA D 410 16.97 -3.70 -2.66
C ALA D 410 16.68 -4.21 -4.08
N ARG D 411 17.52 -3.84 -5.08
CA ARG D 411 17.39 -4.26 -6.48
C ARG D 411 18.19 -5.54 -6.79
N LYS D 412 19.42 -5.63 -6.30
CA LYS D 412 20.36 -6.73 -6.53
C LYS D 412 19.95 -8.01 -5.81
N GLU D 413 19.79 -7.93 -4.49
CA GLU D 413 19.50 -9.06 -3.62
C GLU D 413 18.00 -9.25 -3.32
N GLU D 414 17.63 -10.45 -2.85
CA GLU D 414 16.26 -10.81 -2.44
C GLU D 414 15.88 -9.97 -1.22
N ILE D 415 14.79 -9.19 -1.34
CA ILE D 415 14.31 -8.27 -0.32
C ILE D 415 13.55 -8.99 0.82
N PHE D 416 12.74 -10.02 0.46
CA PHE D 416 11.92 -10.85 1.36
C PHE D 416 11.09 -10.02 2.37
N GLY D 417 10.52 -8.92 1.86
CA GLY D 417 9.72 -7.99 2.65
C GLY D 417 8.62 -7.29 1.88
N PRO D 418 7.84 -6.40 2.54
CA PRO D 418 6.76 -5.72 1.82
C PRO D 418 7.27 -4.48 1.06
N VAL D 419 8.15 -4.73 0.08
CA VAL D 419 8.79 -3.72 -0.77
C VAL D 419 8.63 -4.11 -2.24
N VAL D 420 8.14 -3.17 -3.07
CA VAL D 420 7.98 -3.35 -4.51
C VAL D 420 8.77 -2.25 -5.23
N LEU D 421 9.59 -2.65 -6.19
CA LEU D 421 10.43 -1.74 -6.98
C LEU D 421 9.76 -1.46 -8.33
N LEU D 422 9.27 -0.22 -8.51
CA LEU D 422 8.57 0.25 -9.71
C LEU D 422 9.51 0.78 -10.78
N TYR D 423 9.28 0.33 -12.03
CA TYR D 423 10.05 0.75 -13.21
C TYR D 423 9.13 0.92 -14.43
N LYS D 424 9.53 1.84 -15.33
CA LYS D 424 8.84 2.13 -16.59
C LYS D 424 9.68 1.55 -17.74
N TYR D 425 9.04 1.05 -18.80
CA TYR D 425 9.76 0.59 -19.99
C TYR D 425 9.03 1.08 -21.25
N SER D 426 9.75 1.15 -22.38
CA SER D 426 9.17 1.59 -23.66
C SER D 426 9.16 0.48 -24.70
N ASP D 427 10.17 -0.42 -24.64
CA ASP D 427 10.33 -1.56 -25.54
C ASP D 427 10.17 -2.86 -24.75
N PHE D 428 9.28 -3.75 -25.24
CA PHE D 428 8.97 -5.04 -24.61
C PHE D 428 10.18 -5.98 -24.51
N LYS D 429 10.97 -6.08 -25.60
CA LYS D 429 12.17 -6.91 -25.70
C LYS D 429 13.19 -6.54 -24.60
N GLU D 430 13.34 -5.23 -24.37
CA GLU D 430 14.24 -4.68 -23.34
C GLU D 430 13.73 -4.93 -21.93
N ALA D 431 12.40 -4.97 -21.73
CA ALA D 431 11.80 -5.27 -20.42
C ALA D 431 12.06 -6.72 -20.01
N VAL D 432 11.98 -7.67 -20.98
CA VAL D 432 12.27 -9.11 -20.78
C VAL D 432 13.76 -9.28 -20.39
N LYS D 433 14.65 -8.51 -21.05
CA LYS D 433 16.08 -8.46 -20.77
C LYS D 433 16.35 -7.93 -19.35
N GLU D 434 15.52 -6.94 -18.90
CA GLU D 434 15.61 -6.38 -17.55
C GLU D 434 15.13 -7.36 -16.50
N CYS D 435 14.05 -8.11 -16.80
CA CYS D 435 13.49 -9.16 -15.95
C CYS D 435 14.58 -10.20 -15.65
N ASN D 436 15.35 -10.57 -16.69
CA ASN D 436 16.46 -11.53 -16.65
C ASN D 436 17.73 -10.93 -16.04
N ASN D 437 17.77 -9.60 -15.80
CA ASN D 437 18.93 -8.93 -15.22
C ASN D 437 18.95 -9.09 -13.68
N THR D 438 19.26 -10.32 -13.25
CA THR D 438 19.32 -10.78 -11.85
C THR D 438 20.10 -12.10 -11.81
N HIS D 439 20.60 -12.49 -10.63
CA HIS D 439 21.29 -13.78 -10.47
C HIS D 439 20.28 -14.86 -10.06
N TYR D 440 19.03 -14.44 -9.78
CA TYR D 440 17.94 -15.32 -9.40
C TYR D 440 17.17 -15.73 -10.70
N GLY D 441 16.29 -16.71 -10.59
CA GLY D 441 15.50 -17.19 -11.71
C GLY D 441 14.45 -18.20 -11.30
N LEU D 442 13.66 -17.85 -10.28
CA LEU D 442 12.60 -18.72 -9.78
C LEU D 442 11.34 -18.55 -10.65
N GLN D 443 10.65 -17.37 -10.58
CA GLN D 443 9.45 -17.10 -11.38
C GLN D 443 9.32 -15.64 -11.84
N SER D 444 8.58 -15.43 -12.93
CA SER D 444 8.30 -14.13 -13.53
C SER D 444 6.81 -14.07 -13.85
N GLY D 445 6.29 -12.86 -13.96
CA GLY D 445 4.89 -12.60 -14.30
C GLY D 445 4.78 -11.70 -15.51
N ILE D 446 3.68 -11.84 -16.26
CA ILE D 446 3.44 -11.02 -17.45
C ILE D 446 1.94 -10.83 -17.68
N PHE D 447 1.53 -9.57 -17.80
CA PHE D 447 0.17 -9.16 -18.12
C PHE D 447 0.19 -8.67 -19.56
N THR D 448 -0.41 -9.48 -20.46
CA THR D 448 -0.47 -9.19 -21.90
C THR D 448 -1.70 -9.82 -22.55
N LYS D 449 -2.27 -9.11 -23.53
CA LYS D 449 -3.38 -9.58 -24.36
C LYS D 449 -2.80 -10.06 -25.70
N ASP D 450 -1.48 -9.79 -25.92
CA ASP D 450 -0.74 -10.11 -27.14
C ASP D 450 -0.22 -11.55 -27.15
N LEU D 451 -0.56 -12.30 -28.21
CA LEU D 451 -0.18 -13.69 -28.42
C LEU D 451 1.34 -13.90 -28.50
N ASN D 452 2.03 -13.09 -29.32
CA ASN D 452 3.45 -13.18 -29.56
C ASN D 452 4.31 -12.73 -28.35
N LYS D 453 3.83 -11.73 -27.58
CA LYS D 453 4.53 -11.26 -26.38
C LYS D 453 4.49 -12.32 -25.28
N ALA D 454 3.32 -12.97 -25.12
CA ALA D 454 3.10 -14.05 -24.16
C ALA D 454 4.07 -15.20 -24.39
N PHE D 455 4.24 -15.62 -25.66
CA PHE D 455 5.12 -16.72 -26.03
C PHE D 455 6.58 -16.30 -26.15
N TYR D 456 6.87 -15.00 -26.40
CA TYR D 456 8.24 -14.48 -26.42
C TYR D 456 8.78 -14.56 -24.98
N ALA D 457 7.96 -14.13 -24.00
CA ALA D 457 8.28 -14.15 -22.57
C ALA D 457 8.50 -15.58 -22.08
N PHE D 458 7.64 -16.52 -22.49
CA PHE D 458 7.77 -17.93 -22.12
C PHE D 458 9.09 -18.49 -22.61
N GLU D 459 9.47 -18.13 -23.84
CA GLU D 459 10.71 -18.56 -24.47
C GLU D 459 11.98 -17.97 -23.86
N HIS D 460 11.95 -16.65 -23.56
CA HIS D 460 13.15 -15.91 -23.16
C HIS D 460 13.28 -15.53 -21.67
N MET D 461 12.25 -15.74 -20.83
CA MET D 461 12.39 -15.47 -19.41
C MET D 461 13.16 -16.61 -18.74
N GLU D 462 14.32 -16.27 -18.12
CA GLU D 462 15.24 -17.21 -17.49
C GLU D 462 14.77 -17.63 -16.09
N VAL D 463 13.63 -18.33 -16.04
CA VAL D 463 12.95 -18.79 -14.82
C VAL D 463 12.44 -20.22 -14.98
N GLY D 464 11.92 -20.79 -13.90
CA GLY D 464 11.31 -22.11 -13.88
C GLY D 464 9.83 -22.03 -14.25
N GLY D 465 9.22 -20.89 -13.95
CA GLY D 465 7.82 -20.65 -14.20
C GLY D 465 7.49 -19.23 -14.63
N VAL D 466 6.72 -19.11 -15.73
CA VAL D 466 6.27 -17.82 -16.29
C VAL D 466 4.78 -17.75 -16.02
N ILE D 467 4.34 -16.75 -15.23
CA ILE D 467 2.92 -16.58 -14.91
C ILE D 467 2.31 -15.63 -15.90
N LEU D 468 1.32 -16.12 -16.65
CA LEU D 468 0.64 -15.35 -17.69
C LEU D 468 -0.71 -14.85 -17.22
N ASN D 469 -0.82 -13.53 -17.12
CA ASN D 469 -1.99 -12.73 -16.70
C ASN D 469 -2.34 -12.97 -15.22
N ASP D 470 -1.27 -13.00 -14.40
CA ASP D 470 -1.19 -13.02 -12.94
C ASP D 470 0.25 -12.63 -12.56
N SER D 471 0.46 -12.23 -11.29
CA SER D 471 1.77 -11.86 -10.75
C SER D 471 2.66 -13.12 -10.64
N PRO D 472 4.00 -12.99 -10.48
CA PRO D 472 4.85 -14.20 -10.31
C PRO D 472 4.57 -15.00 -9.03
N ALA D 473 3.76 -14.45 -8.10
CA ALA D 473 3.41 -15.05 -6.82
C ALA D 473 2.39 -16.20 -6.89
N LEU D 474 2.10 -16.71 -8.10
CA LEU D 474 1.16 -17.80 -8.26
C LEU D 474 1.87 -19.15 -8.36
N ARG D 475 1.40 -20.12 -7.57
CA ARG D 475 1.88 -21.49 -7.57
C ARG D 475 0.73 -22.48 -7.37
N VAL D 476 0.61 -23.46 -8.29
CA VAL D 476 -0.35 -24.57 -8.20
C VAL D 476 0.51 -25.74 -7.70
N ASP D 477 0.03 -26.51 -6.71
CA ASP D 477 0.79 -27.60 -6.09
C ASP D 477 1.12 -28.80 -7.02
N SER D 478 0.48 -28.87 -8.21
CA SER D 478 0.72 -29.92 -9.20
C SER D 478 1.72 -29.50 -10.30
N GLN D 479 1.97 -28.17 -10.44
CA GLN D 479 2.89 -27.61 -11.45
C GLN D 479 4.38 -27.90 -11.14
N PRO D 480 5.25 -28.02 -12.17
CA PRO D 480 6.70 -28.13 -11.89
C PRO D 480 7.20 -26.78 -11.37
N TYR D 481 7.77 -26.78 -10.16
CA TYR D 481 8.19 -25.56 -9.47
C TYR D 481 9.64 -25.63 -9.02
N GLY D 482 10.41 -24.61 -9.39
CA GLY D 482 11.83 -24.54 -9.07
C GLY D 482 12.49 -23.43 -9.82
N GLY D 483 13.79 -23.26 -9.61
CA GLY D 483 14.48 -22.15 -10.24
C GLY D 483 15.63 -22.49 -11.15
N LEU D 484 16.08 -21.47 -11.87
CA LEU D 484 17.26 -21.44 -12.72
C LEU D 484 18.25 -20.55 -11.97
N LYS D 485 19.51 -20.51 -12.44
CA LYS D 485 20.57 -19.71 -11.85
C LYS D 485 20.73 -19.99 -10.33
N ASP D 486 20.77 -18.94 -9.48
CA ASP D 486 20.93 -19.06 -8.03
C ASP D 486 19.65 -19.44 -7.27
N SER D 487 18.51 -19.55 -7.99
CA SER D 487 17.22 -19.95 -7.38
C SER D 487 17.10 -21.46 -7.11
N GLY D 488 18.08 -22.22 -7.57
CA GLY D 488 18.17 -23.64 -7.31
C GLY D 488 18.44 -24.56 -8.48
N ILE D 489 18.16 -25.85 -8.24
CA ILE D 489 18.26 -26.98 -9.17
C ILE D 489 17.13 -27.93 -8.84
N GLN D 490 16.57 -28.63 -9.86
CA GLN D 490 15.49 -29.62 -9.78
C GLN D 490 14.10 -28.96 -9.61
N ARG D 491 13.06 -29.78 -9.55
CA ARG D 491 11.69 -29.30 -9.44
C ARG D 491 10.88 -29.99 -8.36
N GLU D 492 10.00 -29.20 -7.72
CA GLU D 492 9.00 -29.59 -6.74
C GLU D 492 7.64 -29.56 -7.45
N GLY D 493 6.58 -29.94 -6.76
CA GLY D 493 5.29 -30.16 -7.38
C GLY D 493 5.27 -31.67 -7.36
N VAL D 494 4.32 -32.23 -6.64
CA VAL D 494 4.27 -33.63 -6.24
C VAL D 494 4.87 -34.62 -7.25
N LYS D 495 4.35 -34.76 -8.49
CA LYS D 495 4.86 -35.76 -9.44
C LYS D 495 6.32 -35.53 -9.84
N TYR D 496 6.79 -34.26 -9.81
CA TYR D 496 8.16 -33.89 -10.13
C TYR D 496 9.12 -34.18 -8.97
N ALA D 497 8.69 -33.90 -7.71
CA ALA D 497 9.50 -34.20 -6.53
C ALA D 497 9.66 -35.71 -6.36
N MET D 498 8.62 -36.48 -6.73
CA MET D 498 8.61 -37.94 -6.69
C MET D 498 9.71 -38.52 -7.58
N ASP D 499 9.93 -37.89 -8.74
CA ASP D 499 10.93 -38.30 -9.72
C ASP D 499 12.35 -38.25 -9.17
N ASP D 500 12.67 -37.22 -8.37
CA ASP D 500 13.96 -37.07 -7.72
C ASP D 500 14.17 -38.10 -6.60
N MET D 501 13.06 -38.65 -6.08
CA MET D 501 13.04 -39.67 -5.02
C MET D 501 12.94 -41.09 -5.60
N LEU D 502 13.02 -41.20 -6.94
CA LEU D 502 12.97 -42.47 -7.64
C LEU D 502 14.22 -42.65 -8.49
N GLU D 503 14.76 -43.88 -8.49
CA GLU D 503 15.91 -44.28 -9.30
C GLU D 503 15.41 -45.20 -10.41
N THR D 504 15.95 -45.04 -11.61
CA THR D 504 15.61 -45.82 -12.79
C THR D 504 16.36 -47.16 -12.80
N LYS D 505 15.65 -48.26 -13.07
CA LYS D 505 16.27 -49.56 -13.23
C LYS D 505 15.72 -50.20 -14.50
N VAL D 506 16.61 -50.73 -15.34
CA VAL D 506 16.19 -51.42 -16.57
C VAL D 506 16.48 -52.92 -16.48
N LEU D 507 15.53 -53.74 -16.91
CA LEU D 507 15.72 -55.18 -17.03
C LEU D 507 15.92 -55.41 -18.54
N VAL D 508 17.16 -55.68 -18.94
CA VAL D 508 17.49 -55.91 -20.35
C VAL D 508 17.34 -57.39 -20.60
N MET D 509 16.34 -57.75 -21.43
CA MET D 509 15.95 -59.12 -21.72
C MET D 509 16.40 -59.62 -23.08
N ARG D 510 17.22 -60.68 -23.06
CA ARG D 510 17.75 -61.32 -24.25
C ARG D 510 16.92 -62.57 -24.56
N ASN D 511 16.19 -62.53 -25.70
CA ASN D 511 15.35 -63.59 -26.25
C ASN D 511 14.41 -64.24 -25.23
N VAL D 512 13.76 -63.39 -24.41
CA VAL D 512 12.78 -63.83 -23.42
C VAL D 512 11.49 -64.07 -24.20
N GLY D 513 10.99 -65.29 -24.14
CA GLY D 513 9.80 -65.70 -24.88
C GLY D 513 10.11 -66.68 -26.00
N THR D 514 11.41 -67.05 -26.10
CA THR D 514 11.91 -68.03 -27.06
C THR D 514 11.84 -69.39 -26.35
N LEU D 515 10.98 -70.31 -26.83
CA LEU D 515 10.85 -71.63 -26.21
C LEU D 515 12.06 -72.52 -26.53
PA NAP E . -7.90 52.04 4.86
O1A NAP E . -7.73 50.71 5.49
O2A NAP E . -6.68 52.99 5.02
O5B NAP E . -9.03 52.85 5.65
C5B NAP E . -10.41 52.44 5.70
C4B NAP E . -11.05 53.09 6.90
O4B NAP E . -10.44 52.58 8.11
C3B NAP E . -10.96 54.62 6.96
O3B NAP E . -12.21 55.15 7.38
C2B NAP E . -9.86 54.85 8.01
O2B NAP E . -9.89 56.14 8.66
C1B NAP E . -10.09 53.67 8.94
N9A NAP E . -9.00 53.24 9.83
C8A NAP E . -7.68 53.04 9.50
N7A NAP E . -6.95 52.59 10.48
C5A NAP E . -7.85 52.49 11.54
C6A NAP E . -7.69 52.06 12.88
N6A NAP E . -6.52 51.72 13.42
N1A NAP E . -8.79 52.05 13.66
C2A NAP E . -9.97 52.45 13.14
N3A NAP E . -10.23 52.89 11.91
C4A NAP E . -9.11 52.87 11.14
O3 NAP E . -8.45 52.13 3.36
PN NAP E . -8.76 53.23 2.25
O1N NAP E . -7.49 53.66 1.62
O2N NAP E . -9.66 54.27 2.82
O5D NAP E . -9.57 52.40 1.15
C5D NAP E . -8.92 51.65 0.09
C4D NAP E . -8.78 50.19 0.47
O4D NAP E . -10.09 49.62 0.72
C3D NAP E . -8.16 49.30 -0.59
O3D NAP E . -7.29 48.32 0.00
C2D NAP E . -9.39 48.68 -1.25
O2D NAP E . -9.24 47.41 -1.87
C1D NAP E . -10.29 48.43 -0.02
N1N NAP E . -11.73 48.37 -0.46
C2N NAP E . -12.45 47.17 -0.27
C3N NAP E . -13.75 47.07 -0.74
C7N NAP E . -14.53 45.78 -0.71
O7N NAP E . -15.73 45.81 -0.94
N7N NAP E . -13.91 44.68 -0.37
C4N NAP E . -14.31 48.17 -1.39
C5N NAP E . -13.57 49.34 -1.56
C6N NAP E . -12.29 49.42 -1.08
P2B NAP E . -9.23 57.46 8.07
O1X NAP E . -9.32 57.65 6.58
O2X NAP E . -7.83 57.44 8.61
O3X NAP E . -10.01 58.51 8.82
C1 EDO F . -51.22 33.45 35.76
O1 EDO F . -51.53 32.46 34.78
C2 EDO F . -52.52 33.93 36.51
O2 EDO F . -53.23 32.83 37.09
PA NAP G . -12.77 23.74 28.78
O1A NAP G . -12.73 25.16 28.37
O2A NAP G . -11.96 23.44 30.04
O5B NAP G . -12.13 22.79 27.67
C5B NAP G . -12.67 22.45 26.37
C4B NAP G . -11.52 22.01 25.49
O4B NAP G . -10.60 23.11 25.29
C3B NAP G . -10.69 20.83 25.98
O3B NAP G . -10.41 19.95 24.90
C2B NAP G . -9.42 21.50 26.52
O2B NAP G . -8.25 20.67 26.64
C1B NAP G . -9.27 22.64 25.53
N9A NAP G . -8.42 23.80 25.82
C8A NAP G . -8.38 24.54 26.96
N7A NAP G . -7.57 25.57 26.91
C5A NAP G . -7.02 25.49 25.64
C6A NAP G . -6.10 26.31 24.95
N6A NAP G . -5.56 27.41 25.46
N1A NAP G . -5.77 25.95 23.68
C2A NAP G . -6.34 24.86 23.15
N3A NAP G . -7.23 24.02 23.69
C4A NAP G . -7.54 24.40 24.95
O3 NAP G . -14.19 23.04 29.03
PN NAP G . -14.67 21.65 29.67
O1N NAP G . -14.39 21.66 31.13
O2N NAP G . -14.14 20.54 28.86
O5D NAP G . -16.25 21.79 29.45
C5D NAP G . -17.07 22.60 30.32
C4D NAP G . -17.52 23.88 29.65
O4D NAP G . -18.02 23.60 28.32
C3D NAP G . -18.69 24.59 30.34
O3D NAP G . -18.53 26.01 30.33
C2D NAP G . -19.87 24.13 29.48
O2D NAP G . -21.03 24.96 29.56
C1D NAP G . -19.23 24.26 28.07
N1N NAP G . -20.03 23.47 27.05
C2N NAP G . -20.67 24.12 25.98
C3N NAP G . -21.50 23.39 25.14
C7N NAP G . -22.35 23.98 24.04
O7N NAP G . -22.94 23.21 23.25
N7N NAP G . -22.43 25.31 23.92
C4N NAP G . -21.64 22.02 25.37
C5N NAP G . -20.99 21.41 26.44
C6N NAP G . -20.19 22.15 27.25
P2B NAP G . -7.93 19.70 27.88
O1X NAP G . -9.11 19.38 28.76
O2X NAP G . -6.75 20.36 28.64
O3X NAP G . -7.44 18.48 27.10
PA NAP H . 40.07 -41.78 -14.80
O1A NAP H . 39.23 -41.36 -13.65
O2A NAP H . 41.55 -41.99 -14.47
O5B NAP H . 40.03 -40.57 -15.86
C5B NAP H . 38.82 -40.10 -16.48
C4B NAP H . 39.06 -38.74 -17.09
O4B NAP H . 39.11 -37.72 -16.07
C3B NAP H . 40.32 -38.57 -17.93
O3B NAP H . 40.01 -37.83 -19.10
C2B NAP H . 41.25 -37.83 -16.98
O2B NAP H . 42.32 -37.06 -17.58
C1B NAP H . 40.27 -36.93 -16.25
N9A NAP H . 40.70 -36.42 -14.96
C8A NAP H . 41.26 -37.14 -13.93
N7A NAP H . 41.40 -36.46 -12.82
C5A NAP H . 40.93 -35.19 -13.14
C6A NAP H . 40.79 -34.01 -12.38
N6A NAP H . 41.15 -33.91 -11.10
N1A NAP H . 40.26 -32.93 -13.00
C2A NAP H . 39.90 -33.03 -14.29
N3A NAP H . 39.99 -34.09 -15.10
C4A NAP H . 40.50 -35.15 -14.46
O3 NAP H . 39.57 -43.03 -15.66
PN NAP H . 40.16 -43.89 -16.88
O1N NAP H . 41.25 -44.75 -16.36
O2N NAP H . 40.44 -42.96 -18.00
O5D NAP H . 38.93 -44.84 -17.24
C5D NAP H . 38.67 -46.07 -16.54
C4D NAP H . 37.60 -45.84 -15.49
O4D NAP H . 36.38 -45.41 -16.14
C3D NAP H . 37.19 -47.08 -14.70
O3D NAP H . 36.98 -46.75 -13.33
C2D NAP H . 35.91 -47.52 -15.42
O2D NAP H . 34.96 -48.24 -14.65
C1D NAP H . 35.26 -46.14 -15.70
N1N NAP H . 34.24 -46.23 -16.83
C2N NAP H . 32.90 -45.85 -16.58
C3N NAP H . 31.97 -45.93 -17.61
C7N NAP H . 30.49 -45.74 -17.40
O7N NAP H . 29.75 -45.60 -18.37
N7N NAP H . 30.04 -45.65 -16.15
C4N NAP H . 32.40 -46.34 -18.87
C5N NAP H . 33.72 -46.72 -19.08
C6N NAP H . 34.62 -46.66 -18.05
P2B NAP H . 43.68 -37.65 -18.17
O1X NAP H . 43.69 -39.11 -18.53
O2X NAP H . 44.60 -37.26 -17.01
O3X NAP H . 43.86 -36.74 -19.39
C1 EDO I . 5.33 -39.54 -10.65
O1 EDO I . 6.68 -39.74 -11.00
C2 EDO I . 4.55 -40.90 -10.68
O2 EDO I . 3.26 -40.80 -10.06
C1 EDO J . 22.17 -33.20 -9.55
O1 EDO J . 22.25 -34.41 -10.30
C2 EDO J . 21.78 -33.51 -8.07
O2 EDO J . 22.84 -34.18 -7.40
PA NAP K . 17.51 -20.43 5.83
O1A NAP K . 18.59 -20.77 4.87
O2A NAP K . 17.93 -19.39 6.88
O5B NAP K . 17.10 -21.72 6.67
C5B NAP K . 16.21 -22.74 6.18
C4B NAP K . 16.44 -23.98 7.00
O4B NAP K . 17.83 -24.37 6.92
C3B NAP K . 16.12 -23.87 8.50
O3B NAP K . 15.54 -25.08 8.96
C2B NAP K . 17.49 -23.64 9.11
O2B NAP K . 17.57 -23.95 10.52
C1B NAP K . 18.37 -24.51 8.22
N9A NAP K . 19.81 -24.27 8.13
C8A NAP K . 20.43 -23.08 7.88
N7A NAP K . 21.73 -23.17 7.74
C5A NAP K . 21.98 -24.52 7.91
C6A NAP K . 23.18 -25.28 7.89
N6A NAP K . 24.38 -24.77 7.64
N1A NAP K . 23.08 -26.62 8.13
C2A NAP K . 21.87 -27.15 8.37
N3A NAP K . 20.69 -26.53 8.41
C4A NAP K . 20.81 -25.22 8.17
O3 NAP K . 16.10 -19.92 5.26
PN NAP K . 14.83 -19.22 5.91
O1N NAP K . 15.22 -17.82 6.25
O2N NAP K . 14.29 -20.09 6.98
O5D NAP K . 13.83 -19.17 4.67
C5D NAP K . 13.74 -18.02 3.80
C4D NAP K . 14.42 -18.32 2.48
O4D NAP K . 13.79 -19.47 1.86
C3D NAP K . 14.32 -17.21 1.44
O3D NAP K . 15.58 -17.09 0.76
C2D NAP K . 13.20 -17.72 0.53
O2D NAP K . 13.21 -17.21 -0.80
C1D NAP K . 13.52 -19.23 0.49
N1N NAP K . 12.33 -20.08 0.07
C2N NAP K . 12.41 -20.83 -1.13
C3N NAP K . 11.35 -21.64 -1.50
C7N NAP K . 11.28 -22.37 -2.82
O7N NAP K . 10.41 -23.25 -2.99
N7N NAP K . 12.20 -22.10 -3.74
C4N NAP K . 10.23 -21.70 -0.66
C5N NAP K . 10.18 -20.94 0.50
C6N NAP K . 11.24 -20.13 0.84
P2B NAP K . 16.99 -23.07 11.73
O1X NAP K . 15.91 -22.00 11.36
O2X NAP K . 18.31 -22.49 12.25
O3X NAP K . 16.48 -24.14 12.66
#